data_1AAT
# 
_entry.id   1AAT 
# 
_audit_conform.dict_name       mmcif_pdbx.dic 
_audit_conform.dict_version    5.379 
_audit_conform.dict_location   http://mmcif.pdb.org/dictionaries/ascii/mmcif_pdbx.dic 
# 
loop_
_database_2.database_id 
_database_2.database_code 
_database_2.pdbx_database_accession 
_database_2.pdbx_DOI 
PDB   1AAT         pdb_00001aat 10.2210/pdb1aat/pdb 
WWPDB D_1000170601 ?            ?                   
# 
_pdbx_database_status.status_code                     REL 
_pdbx_database_status.entry_id                        1AAT 
_pdbx_database_status.recvd_initial_deposition_date   1982-04-23 
_pdbx_database_status.deposit_site                    ? 
_pdbx_database_status.process_site                    BNL 
_pdbx_database_status.SG_entry                        . 
_pdbx_database_status.pdb_format_compatible           Y 
_pdbx_database_status.status_code_mr                  ? 
_pdbx_database_status.status_code_sf                  ? 
_pdbx_database_status.status_code_cs                  ? 
_pdbx_database_status.status_code_nmr_data            ? 
_pdbx_database_status.methods_development_category    ? 
# 
loop_
_audit_author.name 
_audit_author.pdbx_ordinal 
'Harutyunyan, E.G.'  1 
'Malashkevich, V.N.' 2 
# 
loop_
_citation.id 
_citation.title 
_citation.journal_abbrev 
_citation.journal_volume 
_citation.page_first 
_citation.page_last 
_citation.year 
_citation.journal_id_ASTM 
_citation.country 
_citation.journal_id_ISSN 
_citation.journal_id_CSD 
_citation.book_publisher 
_citation.pdbx_database_id_PubMed 
_citation.pdbx_database_id_DOI 
primary 'Conformational changes in cytosol aspartate aminotransferase induced by oxoglutarate' 'DOKL.AKAD.NAUK SSSR' 267 1257 1261 
1982 DANKAS UR 0002-3264 0093 ? 7151682 ? 
1       
'Aspartate Aminotranferase from Chicken Heart Cytosol. Three-Dimensional Structure and Coenzyme Reorientations in the Active Site' 
Prog.Clin.Biol.Res.   102 13   ?    1982 PCBRD2 US 0361-7742 0894 ? ?       ? 
2       
;Three-Dimensional Structure at 3.2 Angstroms Resolution of the Complex of Cytosolic Aspartate Aminotransferase from Chicken Heart with 2-Oxoglutarate
;
'FEBS Lett.'          138 113  ?    1982 FEBLAL NE 0014-5793 0165 ? ?       ? 
3       
'Primary Structure of Cytoplasmic Aspartate Aminotransferase from Chicken Heart and its Homology with Pig Heart Isoenzymes' 
'FEBS Lett.'          106 385  ?    1979 FEBLAL NE 0014-5793 0165 ? ?       ? 
# 
loop_
_citation_author.citation_id 
_citation_author.name 
_citation_author.ordinal 
_citation_author.identifier_ORCID 
primary 'Malashkevich, V.N.'  1  ? 
primary 'Kochkina, V.M.'      2  ? 
primary 'Torchinskii, I.u.M.' 3  ? 
primary 'Arutiunian, E.G.'    4  ? 
1       'Torchinsky, Yu.M.'   5  ? 
1       'Harutyunyan, E.G.'   6  ? 
1       'Malashkevich, V.N.'  7  ? 
1       'Kochkina, V.M.'      8  ? 
1       'Makarov, V.L.'       9  ? 
1       'Braunstein, A.E.'    10 ? 
2       'Harutyunyan, E.G.'   11 ? 
2       'Malashkevich, V.N.'  12 ? 
2       'Tersyan, S.S.'       13 ? 
2       'Kochkina, V.M.'      14 ? 
2       'Torchinsky, Yu.M.'   15 ? 
2       'Braunstein, A.E.'    16 ? 
3       'Shlyapnikov, S.V.'   17 ? 
3       'Myasnikov, A.N.'     18 ? 
3       'Severin, E.S.'       19 ? 
3       'Myagkova, M.A.'      20 ? 
3       'Torchinsky, Yu.M.'   21 ? 
3       'Braunstein, A.E.'    22 ? 
# 
_cell.entry_id           1AAT 
_cell.length_a           62.700 
_cell.length_b           118.100 
_cell.length_c           124.500 
_cell.angle_alpha        90.00 
_cell.angle_beta         90.00 
_cell.angle_gamma        90.00 
_cell.Z_PDB              8 
_cell.pdbx_unique_axis   ? 
# 
_symmetry.entry_id                         1AAT 
_symmetry.space_group_name_H-M             'P 21 21 21' 
_symmetry.pdbx_full_space_group_name_H-M   ? 
_symmetry.cell_setting                     ? 
_symmetry.Int_Tables_number                19 
# 
_entity.id                         1 
_entity.type                       polymer 
_entity.src_method                 man 
_entity.pdbx_description           'CYTOSOLIC ASPARTATE AMINOTRANSFERASE' 
_entity.formula_weight             45869.996 
_entity.pdbx_number_of_molecules   2 
_entity.pdbx_ec                    2.6.1.1 
_entity.pdbx_mutation              ? 
_entity.pdbx_fragment              ? 
_entity.details                    ? 
# 
_entity_poly.entity_id                      1 
_entity_poly.type                           'polypeptide(L)' 
_entity_poly.nstd_linkage                   no 
_entity_poly.nstd_monomer                   no 
_entity_poly.pdbx_seq_one_letter_code       
;AASIFAAVPRAPPVAVFKLTADFREDGDSRKVNLGVGAYRTDEGQPWVLPVVRKVEQLIAGNGSLNHEYLPILGLPEFRA
NASRIALGDDSPAIAQKRVGSVQGLGGTGALRIGAEFLRRWYNGNNNTATPVYVSSPTWENHNSVFMDAGFKDIRTYRYW
DAAKRGLDLQGLLSDMEKAPEFSIFILHACAHNPTGTDPTPDEWKQIAAVMKRRCLFPFFDSAYQGFASGNLEKDAWAVR
YFVSEGFELFCAQSFSKNFGLYNERVGNLSVVGKDEDNVQRVLSQMEKIVRTTWSNPPSQGARIVATTLTSPQLFAEWKD
NVKTMADRVLLMRSELRSRLESLGTPGTWNHITDQIGMFSFTGLNPKQVEYMIKEKHIYLMASGRINMCGLTTKNLDYVA
KSIHEAVTKIQ
;
_entity_poly.pdbx_seq_one_letter_code_can   
;AASIFAAVPRAPPVAVFKLTADFREDGDSRKVNLGVGAYRTDEGQPWVLPVVRKVEQLIAGNGSLNHEYLPILGLPEFRA
NASRIALGDDSPAIAQKRVGSVQGLGGTGALRIGAEFLRRWYNGNNNTATPVYVSSPTWENHNSVFMDAGFKDIRTYRYW
DAAKRGLDLQGLLSDMEKAPEFSIFILHACAHNPTGTDPTPDEWKQIAAVMKRRCLFPFFDSAYQGFASGNLEKDAWAVR
YFVSEGFELFCAQSFSKNFGLYNERVGNLSVVGKDEDNVQRVLSQMEKIVRTTWSNPPSQGARIVATTLTSPQLFAEWKD
NVKTMADRVLLMRSELRSRLESLGTPGTWNHITDQIGMFSFTGLNPKQVEYMIKEKHIYLMASGRINMCGLTTKNLDYVA
KSIHEAVTKIQ
;
_entity_poly.pdbx_strand_id                 A,B 
_entity_poly.pdbx_target_identifier         ? 
# 
loop_
_entity_poly_seq.entity_id 
_entity_poly_seq.num 
_entity_poly_seq.mon_id 
_entity_poly_seq.hetero 
1 1   ALA n 
1 2   ALA n 
1 3   SER n 
1 4   ILE n 
1 5   PHE n 
1 6   ALA n 
1 7   ALA n 
1 8   VAL n 
1 9   PRO n 
1 10  ARG n 
1 11  ALA n 
1 12  PRO n 
1 13  PRO n 
1 14  VAL n 
1 15  ALA n 
1 16  VAL n 
1 17  PHE n 
1 18  LYS n 
1 19  LEU n 
1 20  THR n 
1 21  ALA n 
1 22  ASP n 
1 23  PHE n 
1 24  ARG n 
1 25  GLU n 
1 26  ASP n 
1 27  GLY n 
1 28  ASP n 
1 29  SER n 
1 30  ARG n 
1 31  LYS n 
1 32  VAL n 
1 33  ASN n 
1 34  LEU n 
1 35  GLY n 
1 36  VAL n 
1 37  GLY n 
1 38  ALA n 
1 39  TYR n 
1 40  ARG n 
1 41  THR n 
1 42  ASP n 
1 43  GLU n 
1 44  GLY n 
1 45  GLN n 
1 46  PRO n 
1 47  TRP n 
1 48  VAL n 
1 49  LEU n 
1 50  PRO n 
1 51  VAL n 
1 52  VAL n 
1 53  ARG n 
1 54  LYS n 
1 55  VAL n 
1 56  GLU n 
1 57  GLN n 
1 58  LEU n 
1 59  ILE n 
1 60  ALA n 
1 61  GLY n 
1 62  ASN n 
1 63  GLY n 
1 64  SER n 
1 65  LEU n 
1 66  ASN n 
1 67  HIS n 
1 68  GLU n 
1 69  TYR n 
1 70  LEU n 
1 71  PRO n 
1 72  ILE n 
1 73  LEU n 
1 74  GLY n 
1 75  LEU n 
1 76  PRO n 
1 77  GLU n 
1 78  PHE n 
1 79  ARG n 
1 80  ALA n 
1 81  ASN n 
1 82  ALA n 
1 83  SER n 
1 84  ARG n 
1 85  ILE n 
1 86  ALA n 
1 87  LEU n 
1 88  GLY n 
1 89  ASP n 
1 90  ASP n 
1 91  SER n 
1 92  PRO n 
1 93  ALA n 
1 94  ILE n 
1 95  ALA n 
1 96  GLN n 
1 97  LYS n 
1 98  ARG n 
1 99  VAL n 
1 100 GLY n 
1 101 SER n 
1 102 VAL n 
1 103 GLN n 
1 104 GLY n 
1 105 LEU n 
1 106 GLY n 
1 107 GLY n 
1 108 THR n 
1 109 GLY n 
1 110 ALA n 
1 111 LEU n 
1 112 ARG n 
1 113 ILE n 
1 114 GLY n 
1 115 ALA n 
1 116 GLU n 
1 117 PHE n 
1 118 LEU n 
1 119 ARG n 
1 120 ARG n 
1 121 TRP n 
1 122 TYR n 
1 123 ASN n 
1 124 GLY n 
1 125 ASN n 
1 126 ASN n 
1 127 ASN n 
1 128 THR n 
1 129 ALA n 
1 130 THR n 
1 131 PRO n 
1 132 VAL n 
1 133 TYR n 
1 134 VAL n 
1 135 SER n 
1 136 SER n 
1 137 PRO n 
1 138 THR n 
1 139 TRP n 
1 140 GLU n 
1 141 ASN n 
1 142 HIS n 
1 143 ASN n 
1 144 SER n 
1 145 VAL n 
1 146 PHE n 
1 147 MET n 
1 148 ASP n 
1 149 ALA n 
1 150 GLY n 
1 151 PHE n 
1 152 LYS n 
1 153 ASP n 
1 154 ILE n 
1 155 ARG n 
1 156 THR n 
1 157 TYR n 
1 158 ARG n 
1 159 TYR n 
1 160 TRP n 
1 161 ASP n 
1 162 ALA n 
1 163 ALA n 
1 164 LYS n 
1 165 ARG n 
1 166 GLY n 
1 167 LEU n 
1 168 ASP n 
1 169 LEU n 
1 170 GLN n 
1 171 GLY n 
1 172 LEU n 
1 173 LEU n 
1 174 SER n 
1 175 ASP n 
1 176 MET n 
1 177 GLU n 
1 178 LYS n 
1 179 ALA n 
1 180 PRO n 
1 181 GLU n 
1 182 PHE n 
1 183 SER n 
1 184 ILE n 
1 185 PHE n 
1 186 ILE n 
1 187 LEU n 
1 188 HIS n 
1 189 ALA n 
1 190 CYS n 
1 191 ALA n 
1 192 HIS n 
1 193 ASN n 
1 194 PRO n 
1 195 THR n 
1 196 GLY n 
1 197 THR n 
1 198 ASP n 
1 199 PRO n 
1 200 THR n 
1 201 PRO n 
1 202 ASP n 
1 203 GLU n 
1 204 TRP n 
1 205 LYS n 
1 206 GLN n 
1 207 ILE n 
1 208 ALA n 
1 209 ALA n 
1 210 VAL n 
1 211 MET n 
1 212 LYS n 
1 213 ARG n 
1 214 ARG n 
1 215 CYS n 
1 216 LEU n 
1 217 PHE n 
1 218 PRO n 
1 219 PHE n 
1 220 PHE n 
1 221 ASP n 
1 222 SER n 
1 223 ALA n 
1 224 TYR n 
1 225 GLN n 
1 226 GLY n 
1 227 PHE n 
1 228 ALA n 
1 229 SER n 
1 230 GLY n 
1 231 ASN n 
1 232 LEU n 
1 233 GLU n 
1 234 LYS n 
1 235 ASP n 
1 236 ALA n 
1 237 TRP n 
1 238 ALA n 
1 239 VAL n 
1 240 ARG n 
1 241 TYR n 
1 242 PHE n 
1 243 VAL n 
1 244 SER n 
1 245 GLU n 
1 246 GLY n 
1 247 PHE n 
1 248 GLU n 
1 249 LEU n 
1 250 PHE n 
1 251 CYS n 
1 252 ALA n 
1 253 GLN n 
1 254 SER n 
1 255 PHE n 
1 256 SER n 
1 257 LYS n 
1 258 ASN n 
1 259 PHE n 
1 260 GLY n 
1 261 LEU n 
1 262 TYR n 
1 263 ASN n 
1 264 GLU n 
1 265 ARG n 
1 266 VAL n 
1 267 GLY n 
1 268 ASN n 
1 269 LEU n 
1 270 SER n 
1 271 VAL n 
1 272 VAL n 
1 273 GLY n 
1 274 LYS n 
1 275 ASP n 
1 276 GLU n 
1 277 ASP n 
1 278 ASN n 
1 279 VAL n 
1 280 GLN n 
1 281 ARG n 
1 282 VAL n 
1 283 LEU n 
1 284 SER n 
1 285 GLN n 
1 286 MET n 
1 287 GLU n 
1 288 LYS n 
1 289 ILE n 
1 290 VAL n 
1 291 ARG n 
1 292 THR n 
1 293 THR n 
1 294 TRP n 
1 295 SER n 
1 296 ASN n 
1 297 PRO n 
1 298 PRO n 
1 299 SER n 
1 300 GLN n 
1 301 GLY n 
1 302 ALA n 
1 303 ARG n 
1 304 ILE n 
1 305 VAL n 
1 306 ALA n 
1 307 THR n 
1 308 THR n 
1 309 LEU n 
1 310 THR n 
1 311 SER n 
1 312 PRO n 
1 313 GLN n 
1 314 LEU n 
1 315 PHE n 
1 316 ALA n 
1 317 GLU n 
1 318 TRP n 
1 319 LYS n 
1 320 ASP n 
1 321 ASN n 
1 322 VAL n 
1 323 LYS n 
1 324 THR n 
1 325 MET n 
1 326 ALA n 
1 327 ASP n 
1 328 ARG n 
1 329 VAL n 
1 330 LEU n 
1 331 LEU n 
1 332 MET n 
1 333 ARG n 
1 334 SER n 
1 335 GLU n 
1 336 LEU n 
1 337 ARG n 
1 338 SER n 
1 339 ARG n 
1 340 LEU n 
1 341 GLU n 
1 342 SER n 
1 343 LEU n 
1 344 GLY n 
1 345 THR n 
1 346 PRO n 
1 347 GLY n 
1 348 THR n 
1 349 TRP n 
1 350 ASN n 
1 351 HIS n 
1 352 ILE n 
1 353 THR n 
1 354 ASP n 
1 355 GLN n 
1 356 ILE n 
1 357 GLY n 
1 358 MET n 
1 359 PHE n 
1 360 SER n 
1 361 PHE n 
1 362 THR n 
1 363 GLY n 
1 364 LEU n 
1 365 ASN n 
1 366 PRO n 
1 367 LYS n 
1 368 GLN n 
1 369 VAL n 
1 370 GLU n 
1 371 TYR n 
1 372 MET n 
1 373 ILE n 
1 374 LYS n 
1 375 GLU n 
1 376 LYS n 
1 377 HIS n 
1 378 ILE n 
1 379 TYR n 
1 380 LEU n 
1 381 MET n 
1 382 ALA n 
1 383 SER n 
1 384 GLY n 
1 385 ARG n 
1 386 ILE n 
1 387 ASN n 
1 388 MET n 
1 389 CYS n 
1 390 GLY n 
1 391 LEU n 
1 392 THR n 
1 393 THR n 
1 394 LYS n 
1 395 ASN n 
1 396 LEU n 
1 397 ASP n 
1 398 TYR n 
1 399 VAL n 
1 400 ALA n 
1 401 LYS n 
1 402 SER n 
1 403 ILE n 
1 404 HIS n 
1 405 GLU n 
1 406 ALA n 
1 407 VAL n 
1 408 THR n 
1 409 LYS n 
1 410 ILE n 
1 411 GLN n 
# 
_entity_src_gen.entity_id                          1 
_entity_src_gen.pdbx_src_id                        1 
_entity_src_gen.pdbx_alt_source_flag               sample 
_entity_src_gen.pdbx_seq_type                      ? 
_entity_src_gen.pdbx_beg_seq_num                   ? 
_entity_src_gen.pdbx_end_seq_num                   ? 
_entity_src_gen.gene_src_common_name               chicken 
_entity_src_gen.gene_src_genus                     Gallus 
_entity_src_gen.pdbx_gene_src_gene                 ? 
_entity_src_gen.gene_src_species                   ? 
_entity_src_gen.gene_src_strain                    ? 
_entity_src_gen.gene_src_tissue                    ? 
_entity_src_gen.gene_src_tissue_fraction           ? 
_entity_src_gen.gene_src_details                   ? 
_entity_src_gen.pdbx_gene_src_fragment             ? 
_entity_src_gen.pdbx_gene_src_scientific_name      'Gallus gallus' 
_entity_src_gen.pdbx_gene_src_ncbi_taxonomy_id     9031 
_entity_src_gen.pdbx_gene_src_variant              ? 
_entity_src_gen.pdbx_gene_src_cell_line            ? 
_entity_src_gen.pdbx_gene_src_atcc                 ? 
_entity_src_gen.pdbx_gene_src_organ                ? 
_entity_src_gen.pdbx_gene_src_organelle            ? 
_entity_src_gen.pdbx_gene_src_cell                 ? 
_entity_src_gen.pdbx_gene_src_cellular_location    ? 
_entity_src_gen.host_org_common_name               ? 
_entity_src_gen.pdbx_host_org_scientific_name      ? 
_entity_src_gen.pdbx_host_org_ncbi_taxonomy_id     ? 
_entity_src_gen.host_org_genus                     ? 
_entity_src_gen.pdbx_host_org_gene                 ? 
_entity_src_gen.pdbx_host_org_organ                ? 
_entity_src_gen.host_org_species                   ? 
_entity_src_gen.pdbx_host_org_tissue               ? 
_entity_src_gen.pdbx_host_org_tissue_fraction      ? 
_entity_src_gen.pdbx_host_org_strain               ? 
_entity_src_gen.pdbx_host_org_variant              ? 
_entity_src_gen.pdbx_host_org_cell_line            ? 
_entity_src_gen.pdbx_host_org_atcc                 ? 
_entity_src_gen.pdbx_host_org_culture_collection   ? 
_entity_src_gen.pdbx_host_org_cell                 ? 
_entity_src_gen.pdbx_host_org_organelle            ? 
_entity_src_gen.pdbx_host_org_cellular_location    ? 
_entity_src_gen.pdbx_host_org_vector_type          ? 
_entity_src_gen.pdbx_host_org_vector               ? 
_entity_src_gen.host_org_details                   ? 
_entity_src_gen.expression_system_id               ? 
_entity_src_gen.plasmid_name                       ? 
_entity_src_gen.plasmid_details                    ? 
_entity_src_gen.pdbx_description                   ? 
# 
_struct_ref.id                         1 
_struct_ref.db_name                    UNP 
_struct_ref.db_code                    AATC_CHICK 
_struct_ref.entity_id                  1 
_struct_ref.pdbx_db_accession          P00504 
_struct_ref.pdbx_align_begin           1 
_struct_ref.pdbx_seq_one_letter_code   
;AASIFAAVPRAPPVAVFKLTADFREDGDSRKVNLGVGAYRTDEGQPWVLPVVRKVEQLIAGDGSLNHEYLPILGLPEFRA
NASRIALGDDSPAIAQKRVGSVQGLGGTGALRIGAEFLRRWYNGNNNTATPVYVSSPTWENHNSVFMDAGFKDIRTYRYW
DAAKRGLDLQGLLDDMEKAPEFSIFILHACAHNPTGTDPTPDEWKQIAAVMKRRCLFPFFDSAYQGFASGSLDKDAWAVR
YFVSEGFELFCAQSFSKNFGLYNERVGNLSVVGKDEDNVQRVLSQMEKIVRTTWSNPPSQGARIVATTLTSPQLFAEWKD
NVKTMADRVLLMRSELRSRLESLGTPGTWNHITDQIGMFSFTGLNPKQVEYMIKEKHIYLMASGRINMCGLTTKNLDYVA
KSIHEAVTKIQ
;
_struct_ref.pdbx_db_isoform            ? 
# 
loop_
_struct_ref_seq.align_id 
_struct_ref_seq.ref_id 
_struct_ref_seq.pdbx_PDB_id_code 
_struct_ref_seq.pdbx_strand_id 
_struct_ref_seq.seq_align_beg 
_struct_ref_seq.pdbx_seq_align_beg_ins_code 
_struct_ref_seq.seq_align_end 
_struct_ref_seq.pdbx_seq_align_end_ins_code 
_struct_ref_seq.pdbx_db_accession 
_struct_ref_seq.db_align_beg 
_struct_ref_seq.pdbx_db_align_beg_ins_code 
_struct_ref_seq.db_align_end 
_struct_ref_seq.pdbx_db_align_end_ins_code 
_struct_ref_seq.pdbx_auth_seq_align_beg 
_struct_ref_seq.pdbx_auth_seq_align_end 
1 1 1AAT A 1 ? 411 ? P00504 1 ? 411 ? 2 412 
2 1 1AAT B 1 ? 411 ? P00504 1 ? 411 ? 2 412 
# 
loop_
_struct_ref_seq_dif.align_id 
_struct_ref_seq_dif.pdbx_pdb_id_code 
_struct_ref_seq_dif.mon_id 
_struct_ref_seq_dif.pdbx_pdb_strand_id 
_struct_ref_seq_dif.seq_num 
_struct_ref_seq_dif.pdbx_pdb_ins_code 
_struct_ref_seq_dif.pdbx_seq_db_name 
_struct_ref_seq_dif.pdbx_seq_db_accession_code 
_struct_ref_seq_dif.db_mon_id 
_struct_ref_seq_dif.pdbx_seq_db_seq_num 
_struct_ref_seq_dif.details 
_struct_ref_seq_dif.pdbx_auth_seq_num 
_struct_ref_seq_dif.pdbx_ordinal 
1 1AAT ASN A 62  ? UNP P00504 ASP 62  conflict 63  1 
1 1AAT SER A 174 ? UNP P00504 ASP 174 conflict 175 2 
1 1AAT ASN A 231 ? UNP P00504 SER 231 conflict 232 3 
1 1AAT GLU A 233 ? UNP P00504 ASP 233 conflict 234 4 
2 1AAT ASN B 62  ? UNP P00504 ASP 62  conflict 63  5 
2 1AAT SER B 174 ? UNP P00504 ASP 174 conflict 175 6 
2 1AAT ASN B 231 ? UNP P00504 SER 231 conflict 232 7 
2 1AAT GLU B 233 ? UNP P00504 ASP 233 conflict 234 8 
# 
loop_
_chem_comp.id 
_chem_comp.type 
_chem_comp.mon_nstd_flag 
_chem_comp.name 
_chem_comp.pdbx_synonyms 
_chem_comp.formula 
_chem_comp.formula_weight 
ALA 'L-peptide linking' y ALANINE         ? 'C3 H7 N O2'     89.093  
ARG 'L-peptide linking' y ARGININE        ? 'C6 H15 N4 O2 1' 175.209 
ASN 'L-peptide linking' y ASPARAGINE      ? 'C4 H8 N2 O3'    132.118 
ASP 'L-peptide linking' y 'ASPARTIC ACID' ? 'C4 H7 N O4'     133.103 
CYS 'L-peptide linking' y CYSTEINE        ? 'C3 H7 N O2 S'   121.158 
GLN 'L-peptide linking' y GLUTAMINE       ? 'C5 H10 N2 O3'   146.144 
GLU 'L-peptide linking' y 'GLUTAMIC ACID' ? 'C5 H9 N O4'     147.129 
GLY 'peptide linking'   y GLYCINE         ? 'C2 H5 N O2'     75.067  
HIS 'L-peptide linking' y HISTIDINE       ? 'C6 H10 N3 O2 1' 156.162 
ILE 'L-peptide linking' y ISOLEUCINE      ? 'C6 H13 N O2'    131.173 
LEU 'L-peptide linking' y LEUCINE         ? 'C6 H13 N O2'    131.173 
LYS 'L-peptide linking' y LYSINE          ? 'C6 H15 N2 O2 1' 147.195 
MET 'L-peptide linking' y METHIONINE      ? 'C5 H11 N O2 S'  149.211 
PHE 'L-peptide linking' y PHENYLALANINE   ? 'C9 H11 N O2'    165.189 
PRO 'L-peptide linking' y PROLINE         ? 'C5 H9 N O2'     115.130 
SER 'L-peptide linking' y SERINE          ? 'C3 H7 N O3'     105.093 
THR 'L-peptide linking' y THREONINE       ? 'C4 H9 N O3'     119.119 
TRP 'L-peptide linking' y TRYPTOPHAN      ? 'C11 H12 N2 O2'  204.225 
TYR 'L-peptide linking' y TYROSINE        ? 'C9 H11 N O3'    181.189 
VAL 'L-peptide linking' y VALINE          ? 'C5 H11 N O2'    117.146 
# 
_exptl.entry_id          1AAT 
_exptl.method            'X-RAY DIFFRACTION' 
_exptl.crystals_number   ? 
# 
_exptl_crystal.id                    1 
_exptl_crystal.density_meas          ? 
_exptl_crystal.density_Matthews      2.51 
_exptl_crystal.density_percent_sol   51.02 
_exptl_crystal.description           ? 
# 
_diffrn.id                     1 
_diffrn.ambient_temp           ? 
_diffrn.ambient_temp_details   ? 
_diffrn.crystal_id             1 
# 
_diffrn_radiation.diffrn_id                        1 
_diffrn_radiation.wavelength_id                    1 
_diffrn_radiation.pdbx_monochromatic_or_laue_m_l   ? 
_diffrn_radiation.monochromator                    ? 
_diffrn_radiation.pdbx_diffrn_protocol             ? 
_diffrn_radiation.pdbx_scattering_type             x-ray 
# 
_diffrn_radiation_wavelength.id           1 
_diffrn_radiation_wavelength.wavelength   . 
_diffrn_radiation_wavelength.wt           1.0 
# 
_refine.entry_id                                 1AAT 
_refine.ls_number_reflns_obs                     ? 
_refine.ls_number_reflns_all                     ? 
_refine.pdbx_ls_sigma_I                          ? 
_refine.pdbx_ls_sigma_F                          ? 
_refine.pdbx_data_cutoff_high_absF               ? 
_refine.pdbx_data_cutoff_low_absF                ? 
_refine.pdbx_data_cutoff_high_rms_absF           ? 
_refine.ls_d_res_low                             ? 
_refine.ls_d_res_high                            2.8 
_refine.ls_percent_reflns_obs                    ? 
_refine.ls_R_factor_obs                          ? 
_refine.ls_R_factor_all                          ? 
_refine.ls_R_factor_R_work                       ? 
_refine.ls_R_factor_R_free                       ? 
_refine.ls_R_factor_R_free_error                 ? 
_refine.ls_R_factor_R_free_error_details         ? 
_refine.ls_percent_reflns_R_free                 ? 
_refine.ls_number_reflns_R_free                  ? 
_refine.ls_number_parameters                     ? 
_refine.ls_number_restraints                     ? 
_refine.occupancy_min                            ? 
_refine.occupancy_max                            ? 
_refine.B_iso_mean                               ? 
_refine.aniso_B[1][1]                            ? 
_refine.aniso_B[2][2]                            ? 
_refine.aniso_B[3][3]                            ? 
_refine.aniso_B[1][2]                            ? 
_refine.aniso_B[1][3]                            ? 
_refine.aniso_B[2][3]                            ? 
_refine.solvent_model_details                    ? 
_refine.solvent_model_param_ksol                 ? 
_refine.solvent_model_param_bsol                 ? 
_refine.pdbx_ls_cross_valid_method               ? 
_refine.details                                  ? 
_refine.pdbx_starting_model                      ? 
_refine.pdbx_method_to_determine_struct          ? 
_refine.pdbx_isotropic_thermal_model             ? 
_refine.pdbx_stereochemistry_target_values       ? 
_refine.pdbx_stereochem_target_val_spec_case     ? 
_refine.pdbx_R_Free_selection_details            ? 
_refine.pdbx_overall_ESU_R                       ? 
_refine.pdbx_overall_ESU_R_Free                  ? 
_refine.overall_SU_ML                            ? 
_refine.overall_SU_B                             ? 
_refine.pdbx_refine_id                           'X-RAY DIFFRACTION' 
_refine.pdbx_diffrn_id                           1 
_refine.pdbx_TLS_residual_ADP_flag               ? 
_refine.correlation_coeff_Fo_to_Fc               ? 
_refine.correlation_coeff_Fo_to_Fc_free          ? 
_refine.pdbx_solvent_vdw_probe_radii             ? 
_refine.pdbx_solvent_ion_probe_radii             ? 
_refine.pdbx_solvent_shrinkage_radii             ? 
_refine.pdbx_overall_phase_error                 ? 
_refine.overall_SU_R_Cruickshank_DPI             ? 
_refine.pdbx_overall_SU_R_free_Cruickshank_DPI   ? 
_refine.pdbx_overall_SU_R_Blow_DPI               ? 
_refine.pdbx_overall_SU_R_free_Blow_DPI          ? 
# 
_refine_hist.pdbx_refine_id                   'X-RAY DIFFRACTION' 
_refine_hist.cycle_id                         LAST 
_refine_hist.pdbx_number_atoms_protein        822 
_refine_hist.pdbx_number_atoms_nucleic_acid   0 
_refine_hist.pdbx_number_atoms_ligand         0 
_refine_hist.number_atoms_solvent             0 
_refine_hist.number_atoms_total               822 
_refine_hist.d_res_high                       2.8 
_refine_hist.d_res_low                        . 
# 
_struct_ncs_oper.id             1 
_struct_ncs_oper.code           given 
_struct_ncs_oper.details        ? 
_struct_ncs_oper.matrix[1][1]   -0.11261114 
_struct_ncs_oper.matrix[1][2]   0.15841844 
_struct_ncs_oper.matrix[1][3]   1.01119483 
_struct_ncs_oper.vector[1]      0.000024 
_struct_ncs_oper.matrix[2][1]   0.10476569 
_struct_ncs_oper.matrix[2][2]   -0.98129711 
_struct_ncs_oper.matrix[2][3]   0.11938254 
_struct_ncs_oper.vector[2]      -0.000003 
_struct_ncs_oper.matrix[3][1]   0.95997512 
_struct_ncs_oper.matrix[3][2]   0.17137664 
_struct_ncs_oper.matrix[3][3]   0.09390826 
_struct_ncs_oper.vector[3]      -0.000001 
# 
_struct.entry_id                  1AAT 
_struct.title                     'OXOGLUTARATE-INDUCED CONFORMATIONAL CHANGES IN CYTOSOLIC ASPARTATE AMINOTRANSFERASE' 
_struct.pdbx_model_details        ? 
_struct.pdbx_CASP_flag            ? 
_struct.pdbx_model_type_details   ? 
# 
_struct_keywords.entry_id        1AAT 
_struct_keywords.pdbx_keywords   AMINOTRANSFERASE 
_struct_keywords.text            AMINOTRANSFERASE 
# 
loop_
_struct_asym.id 
_struct_asym.pdbx_blank_PDB_chainid_flag 
_struct_asym.pdbx_modified 
_struct_asym.entity_id 
_struct_asym.details 
A N N 1 ? 
B N N 1 ? 
# 
_struct_biol.id   1 
# 
loop_
_struct_conf.conf_type_id 
_struct_conf.id 
_struct_conf.pdbx_PDB_helix_id 
_struct_conf.beg_label_comp_id 
_struct_conf.beg_label_asym_id 
_struct_conf.beg_label_seq_id 
_struct_conf.pdbx_beg_PDB_ins_code 
_struct_conf.end_label_comp_id 
_struct_conf.end_label_asym_id 
_struct_conf.end_label_seq_id 
_struct_conf.pdbx_end_PDB_ins_code 
_struct_conf.beg_auth_comp_id 
_struct_conf.beg_auth_asym_id 
_struct_conf.beg_auth_seq_id 
_struct_conf.end_auth_comp_id 
_struct_conf.end_auth_asym_id 
_struct_conf.end_auth_seq_id 
_struct_conf.pdbx_PDB_helix_class 
_struct_conf.details 
_struct_conf.pdbx_PDB_helix_length 
HELX_P HELX_P1  H1  ALA A 15  ? ARG A 24  ? ALA A 16  ARG A 25  1 ?                            10 
HELX_P HELX_P2  H2  VAL A 52  ? GLY A 61  ? VAL A 53  GLY A 62  1 ?                            10 
HELX_P HELX_P3  H3  PRO A 76  ? ARG A 84  ? PRO A 77  ARG A 85  1 ?                            9  
HELX_P HELX_P4  H4  PRO A 92  ? LYS A 97  ? PRO A 93  LYS A 98  1 ?                            6  
HELX_P HELX_P5  H5  GLY A 107 ? ARG A 120 ? GLY A 108 ARG A 121 1 ?                            14 
HELX_P HELX_P6  H6  ASN A 141 ? ALA A 149 ? ASN A 142 ALA A 150 1 ?                            9  
HELX_P HELX_P7  H7  ASP A 168 ? LYS A 178 ? ASP A 169 LYS A 179 1 ?                            11 
HELX_P HELX_P8  H8  THR A 200 ? ARG A 214 ? THR A 201 ARG A 215 1 ?                            15 
HELX_P HELX_P9  H9  ASN A 231 ? SER A 244 ? ASN A 232 SER A 245 1 'HAS A BEND NEAR N-TERMINUS' 14 
HELX_P HELX_P10 H10 GLU A 276 ? THR A 293 ? GLU A 277 THR A 294 1 'LITTLE CURVED'              18 
HELX_P HELX_P11 H11 GLY A 301 ? SER A 311 ? GLY A 302 SER A 312 1 ?                            11 
HELX_P HELX_P12 H12 GLN A 313 ? SER A 342 ? GLN A 314 SER A 343 1 'HAS A BEND IN THE MIDDLE'   30 
HELX_P HELX_P13 H13 ILE A 352 ? GLN A 355 ? ILE A 353 GLN A 356 1 ?                            4  
HELX_P HELX_P14 H14 PRO A 366 ? LYS A 376 ? PRO A 367 LYS A 377 1 ?                            11 
HELX_P HELX_P15 H15 ASP A 397 ? GLN A 411 ? ASP A 398 GLN A 412 1 ?                            15 
HELX_P HELX_P16 H16 ALA B 15  ? ARG B 24  ? ALA B 16  ARG B 25  1 ?                            10 
HELX_P HELX_P17 H17 VAL B 52  ? GLY B 61  ? VAL B 53  GLY B 62  1 ?                            10 
HELX_P HELX_P18 H18 PRO B 76  ? ARG B 84  ? PRO B 77  ARG B 85  1 ?                            9  
HELX_P HELX_P19 H19 PRO B 92  ? LYS B 97  ? PRO B 93  LYS B 98  1 ?                            6  
HELX_P HELX_P20 H20 GLY B 107 ? ARG B 120 ? GLY B 108 ARG B 121 1 ?                            14 
HELX_P HELX_P21 H21 ASN B 141 ? ALA B 149 ? ASN B 142 ALA B 150 1 ?                            9  
HELX_P HELX_P22 H22 ASP B 168 ? LYS B 178 ? ASP B 169 LYS B 179 1 ?                            11 
HELX_P HELX_P23 H23 THR B 200 ? ARG B 214 ? THR B 201 ARG B 215 1 ?                            15 
HELX_P HELX_P24 H24 ASN B 231 ? SER B 244 ? ASN B 232 SER B 245 1 'HAS B BEND NEAR N-TERMINUS' 14 
HELX_P HELX_P25 H25 GLU B 276 ? THR B 293 ? GLU B 277 THR B 294 1 'LITTLE CURVED'              18 
HELX_P HELX_P26 H26 GLY B 301 ? SER B 311 ? GLY B 302 SER B 312 1 ?                            11 
HELX_P HELX_P27 H27 GLN B 313 ? SER B 342 ? GLN B 314 SER B 343 1 'HAS B BEND IN THE MIDDLE'   30 
HELX_P HELX_P28 H28 ILE B 352 ? GLN B 355 ? ILE B 353 GLN B 356 1 ?                            4  
HELX_P HELX_P29 H29 PRO B 366 ? LYS B 376 ? PRO B 367 LYS B 377 1 ?                            11 
HELX_P HELX_P30 H30 ASP B 397 ? GLN B 411 ? ASP B 398 GLN B 412 1 ?                            15 
# 
_struct_conf_type.id          HELX_P 
_struct_conf_type.criteria    ? 
_struct_conf_type.reference   ? 
# 
loop_
_struct_sheet.id 
_struct_sheet.type 
_struct_sheet.number_strands 
_struct_sheet.details 
S1 ? 7 ? 
S2 ? 7 ? 
# 
loop_
_struct_sheet_order.sheet_id 
_struct_sheet_order.range_id_1 
_struct_sheet_order.range_id_2 
_struct_sheet_order.offset 
_struct_sheet_order.sense 
S1 1 2 ? anti-parallel 
S1 2 3 ? anti-parallel 
S1 3 4 ? parallel      
S1 4 5 ? parallel      
S1 5 6 ? parallel      
S1 6 7 ? parallel      
S2 1 2 ? anti-parallel 
S2 2 3 ? anti-parallel 
S2 3 4 ? parallel      
S2 4 5 ? parallel      
S2 5 6 ? parallel      
S2 6 7 ? parallel      
# 
loop_
_struct_sheet_range.sheet_id 
_struct_sheet_range.id 
_struct_sheet_range.beg_label_comp_id 
_struct_sheet_range.beg_label_asym_id 
_struct_sheet_range.beg_label_seq_id 
_struct_sheet_range.pdbx_beg_PDB_ins_code 
_struct_sheet_range.end_label_comp_id 
_struct_sheet_range.end_label_asym_id 
_struct_sheet_range.end_label_seq_id 
_struct_sheet_range.pdbx_end_PDB_ins_code 
_struct_sheet_range.beg_auth_comp_id 
_struct_sheet_range.beg_auth_asym_id 
_struct_sheet_range.beg_auth_seq_id 
_struct_sheet_range.end_auth_comp_id 
_struct_sheet_range.end_auth_asym_id 
_struct_sheet_range.end_auth_seq_id 
S1 1 ARG A 98  ? LEU A 105 ? ARG A 99  LEU A 106 
S1 2 ARG A 265 ? LYS A 274 ? ARG A 266 LYS A 275 
S1 3 GLU A 248 ? PHE A 255 ? GLU A 249 PHE A 256 
S1 4 CYS A 215 ? ALA A 223 ? CYS A 216 ALA A 224 
S1 5 GLU A 181 ? CYS A 190 ? GLU A 182 CYS A 191 
S1 6 THR A 128 ? VAL A 134 ? THR A 129 VAL A 135 
S1 7 PHE A 151 ? TRP A 160 ? PHE A 152 TRP A 161 
S2 1 ARG B 98  ? LEU B 105 ? ARG B 99  LEU B 106 
S2 2 ARG B 265 ? LYS B 274 ? ARG B 266 LYS B 275 
S2 3 GLU B 248 ? PHE B 255 ? GLU B 249 PHE B 256 
S2 4 CYS B 215 ? ALA B 223 ? CYS B 216 ALA B 224 
S2 5 GLU B 181 ? CYS B 190 ? GLU B 182 CYS B 191 
S2 6 THR B 128 ? VAL B 134 ? THR B 129 VAL B 135 
S2 7 PHE B 151 ? TRP B 160 ? PHE B 152 TRP B 161 
# 
loop_
_struct_site.id 
_struct_site.pdbx_evidence_code 
_struct_site.pdbx_auth_asym_id 
_struct_site.pdbx_auth_comp_id 
_struct_site.pdbx_auth_seq_id 
_struct_site.pdbx_auth_ins_code 
_struct_site.pdbx_num_residues 
_struct_site.details 
PLP Author ? ? ? ? 12 'PYRIDOXAL PHOSPHATE BINDING SITE' 
OG  Author ? ? ? ? 5  '2-OXOGLUTARATE BINDING SITE'      
# 
loop_
_struct_site_gen.id 
_struct_site_gen.site_id 
_struct_site_gen.pdbx_num_res 
_struct_site_gen.label_comp_id 
_struct_site_gen.label_asym_id 
_struct_site_gen.label_seq_id 
_struct_site_gen.pdbx_auth_ins_code 
_struct_site_gen.auth_comp_id 
_struct_site_gen.auth_asym_id 
_struct_site_gen.auth_seq_id 
_struct_site_gen.label_atom_id 
_struct_site_gen.label_alt_id 
_struct_site_gen.symmetry 
_struct_site_gen.details 
1  PLP 12 GLY A 106 ? GLY A 107 . ? 1_555 ? 
2  PLP 12 GLY A 107 ? GLY A 108 . ? 1_555 ? 
3  PLP 12 THR A 108 ? THR A 109 . ? 1_555 ? 
4  PLP 12 TRP A 139 ? TRP A 140 . ? 1_555 ? 
5  PLP 12 ASP A 221 ? ASP A 222 . ? 1_555 ? 
6  PLP 12 TYR A 224 ? TYR A 225 . ? 1_555 ? 
7  PLP 12 SER A 254 ? SER A 255 . ? 1_555 ? 
8  PLP 12 SER A 256 ? SER A 257 . ? 1_555 ? 
9  PLP 12 LYS A 257 ? LYS A 258 . ? 1_555 ? 
10 PLP 12 ARG A 265 ? ARG A 266 . ? 1_555 ? 
11 PLP 12 TYR B 69  ? TYR B 70  . ? 1_555 ? 
12 PLP 12 SER B 295 ? SER B 296 . ? 1_555 ? 
13 OG  5  TRP A 139 ? TRP A 140 . ? 1_555 ? 
14 OG  5  ASN A 193 ? ASN A 194 . ? 1_555 ? 
15 OG  5  ARG A 385 ? ARG A 386 . ? 1_555 ? 
16 OG  5  TYR B 69  ? TYR B 70  . ? 1_555 ? 
17 OG  5  ARG B 291 ? ARG B 292 . ? 1_555 ? 
# 
_atom_sites.entry_id                    1AAT 
_atom_sites.fract_transf_matrix[1][1]   0.00059527 
_atom_sites.fract_transf_matrix[1][2]   0.00600521 
_atom_sites.fract_transf_matrix[1][3]   -0.01476326 
_atom_sites.fract_transf_vector[1]      1.108154 
_atom_sites.fract_transf_matrix[2][1]   0.00745820 
_atom_sites.fract_transf_matrix[2][2]   0.00359883 
_atom_sites.fract_transf_matrix[2][3]   0.00176460 
_atom_sites.fract_transf_vector[2]      0.492232 
_atom_sites.fract_transf_matrix[3][1]   0.00379041 
_atom_sites.fract_transf_matrix[3][2]   -0.00661150 
_atom_sites.fract_transf_matrix[3][3]   -0.00253651 
_atom_sites.fract_transf_vector[3]      0.443407 
# 
_atom_type.symbol   C 
# 
loop_
_atom_site.group_PDB 
_atom_site.id 
_atom_site.type_symbol 
_atom_site.label_atom_id 
_atom_site.label_alt_id 
_atom_site.label_comp_id 
_atom_site.label_asym_id 
_atom_site.label_entity_id 
_atom_site.label_seq_id 
_atom_site.pdbx_PDB_ins_code 
_atom_site.Cartn_x 
_atom_site.Cartn_y 
_atom_site.Cartn_z 
_atom_site.occupancy 
_atom_site.B_iso_or_equiv 
_atom_site.pdbx_formal_charge 
_atom_site.auth_seq_id 
_atom_site.auth_comp_id 
_atom_site.auth_asym_id 
_atom_site.auth_atom_id 
_atom_site.pdbx_PDB_model_num 
ATOM 1   C CA . ALA A 1 1   ? 5.077   29.466  16.951  1.00 0.00 ? 2   ALA A CA 1 
ATOM 2   C CA . ALA A 1 2   ? 3.310   27.005  15.539  1.00 0.00 ? 3   ALA A CA 1 
ATOM 3   C CA . SER A 1 3   ? 2.330   24.845  13.390  1.00 0.00 ? 4   SER A CA 1 
ATOM 4   C CA . ILE A 1 4   ? 2.183   21.376  15.267  1.00 0.00 ? 5   ILE A CA 1 
ATOM 5   C CA . PHE A 1 5   ? 3.828   22.174  11.958  1.00 0.00 ? 6   PHE A CA 1 
ATOM 6   C CA . ALA A 1 6   ? 6.891   24.736  11.279  1.00 0.00 ? 7   ALA A CA 1 
ATOM 7   C CA . ALA A 1 7   ? 10.421  23.237  11.897  1.00 0.00 ? 8   ALA A CA 1 
ATOM 8   C CA . VAL A 1 8   ? 9.603   21.066  8.804   1.00 0.00 ? 9   VAL A CA 1 
ATOM 9   C CA . PRO A 1 9   ? 11.999  20.825  5.534   1.00 0.00 ? 10  PRO A CA 1 
ATOM 10  C CA . ARG A 1 10  ? 11.598  21.347  2.188   1.00 0.00 ? 11  ARG A CA 1 
ATOM 11  C CA . ALA A 1 11  ? 12.352  17.781  1.282   1.00 0.00 ? 12  ALA A CA 1 
ATOM 12  C CA . PRO A 1 12  ? 13.034  17.295  -2.455  1.00 0.00 ? 13  PRO A CA 1 
ATOM 13  C CA . PRO A 1 13  ? 11.261  16.219  -5.283  1.00 0.00 ? 14  PRO A CA 1 
ATOM 14  C CA . VAL A 1 14  ? 11.951  13.034  -6.460  1.00 0.00 ? 15  VAL A CA 1 
ATOM 15  C CA . ALA A 1 15  ? 13.348  12.069  -9.812  1.00 0.00 ? 16  ALA A CA 1 
ATOM 16  C CA . VAL A 1 16  ? 11.008  10.493  -11.662 1.00 0.00 ? 17  VAL A CA 1 
ATOM 17  C CA . PHE A 1 17  ? 8.051   12.118  -11.464 1.00 0.00 ? 18  PHE A CA 1 
ATOM 18  C CA . LYS A 1 18  ? 10.347  15.009  -12.058 1.00 0.00 ? 19  LYS A CA 1 
ATOM 19  C CA . LEU A 1 19  ? 10.433  14.388  -15.384 1.00 0.00 ? 20  LEU A CA 1 
ATOM 20  C CA . THR A 1 20  ? 7.225   14.207  -15.888 1.00 0.00 ? 21  THR A CA 1 
ATOM 21  C CA . ALA A 1 21  ? 7.410   17.061  -14.220 1.00 0.00 ? 22  ALA A CA 1 
ATOM 22  C CA . ASP A 1 22  ? 9.310   19.167  -16.218 1.00 0.00 ? 23  ASP A CA 1 
ATOM 23  C CA . PHE A 1 23  ? 8.747   17.756  -18.850 1.00 0.00 ? 24  PHE A CA 1 
ATOM 24  C CA . ARG A 1 24  ? 5.099   18.556  -19.122 1.00 0.00 ? 25  ARG A CA 1 
ATOM 25  C CA . GLU A 1 25  ? 6.257   22.259  -19.514 1.00 0.00 ? 26  GLU A CA 1 
ATOM 26  C CA . ASP A 1 26  ? 9.246   22.312  -22.145 1.00 0.00 ? 27  ASP A CA 1 
ATOM 27  C CA . GLY A 1 27  ? 6.992   24.452  -22.778 1.00 0.00 ? 28  GLY A CA 1 
ATOM 28  C CA . ASP A 1 28  ? 8.500   22.865  -26.130 1.00 0.00 ? 29  ASP A CA 1 
ATOM 29  C CA . SER A 1 29  ? 8.757   21.275  -29.320 1.00 0.00 ? 30  SER A CA 1 
ATOM 30  C CA . ARG A 1 30  ? 12.070  19.895  -29.467 1.00 0.00 ? 31  ARG A CA 1 
ATOM 31  C CA . LYS A 1 31  ? 11.013  17.440  -26.548 1.00 0.00 ? 32  LYS A CA 1 
ATOM 32  C CA . VAL A 1 32  ? 11.727  13.703  -25.250 1.00 0.00 ? 33  VAL A CA 1 
ATOM 33  C CA . ASN A 1 33  ? 11.857  10.702  -22.617 1.00 0.00 ? 34  ASN A CA 1 
ATOM 34  C CA . LEU A 1 34  ? 14.532  9.984   -20.433 1.00 0.00 ? 35  LEU A CA 1 
ATOM 35  C CA . GLY A 1 35  ? 13.826  8.314   -17.410 1.00 0.00 ? 36  GLY A CA 1 
ATOM 36  C CA . VAL A 1 36  ? 10.690  6.791   -16.562 1.00 0.00 ? 37  VAL A CA 1 
ATOM 37  C CA . GLY A 1 37  ? 8.601   4.191   -17.134 1.00 0.00 ? 38  GLY A CA 1 
ATOM 38  C CA . ALA A 1 38  ? 7.912   3.545   -20.311 1.00 0.00 ? 39  ALA A CA 1 
ATOM 39  C CA . TYR A 1 39  ? 5.741   3.325   -22.791 1.00 0.00 ? 40  TYR A CA 1 
ATOM 40  C CA . ARG A 1 40  ? 6.403   4.188   -25.783 1.00 0.00 ? 41  ARG A CA 1 
ATOM 41  C CA . THR A 1 41  ? 5.041   3.976   -28.706 1.00 0.00 ? 42  THR A CA 1 
ATOM 42  C CA . ASP A 1 42  ? 5.555   5.009   -31.728 1.00 0.00 ? 43  ASP A CA 1 
ATOM 43  C CA . GLU A 1 43  ? 4.042   7.822   -30.842 1.00 0.00 ? 44  GLU A CA 1 
ATOM 44  C CA . GLY A 1 44  ? 4.783   7.766   -27.466 1.00 0.00 ? 45  GLY A CA 1 
ATOM 45  C CA . GLN A 1 45  ? 1.442   7.612   -27.456 1.00 0.00 ? 46  GLN A CA 1 
ATOM 46  C CA . PRO A 1 46  ? 1.329   5.182   -24.833 1.00 0.00 ? 47  PRO A CA 1 
ATOM 47  C CA . TRP A 1 47  ? 0.917   1.060   -23.826 1.00 0.00 ? 48  TRP A CA 1 
ATOM 48  C CA . VAL A 1 48  ? -2.676  -0.191  -22.619 1.00 0.00 ? 49  VAL A CA 1 
ATOM 49  C CA . LEU A 1 49  ? -1.693  -4.062  -22.875 1.00 0.00 ? 50  LEU A CA 1 
ATOM 50  C CA . PRO A 1 50  ? -4.475  -5.589  -24.348 1.00 0.00 ? 51  PRO A CA 1 
ATOM 51  C CA . VAL A 1 51  ? -4.353  -7.428  -21.085 1.00 0.00 ? 52  VAL A CA 1 
ATOM 52  C CA . VAL A 1 52  ? -6.548  -5.086  -20.732 1.00 0.00 ? 53  VAL A CA 1 
ATOM 53  C CA . ARG A 1 53  ? -9.498  -4.162  -21.636 1.00 0.00 ? 54  ARG A CA 1 
ATOM 54  C CA . LYS A 1 54  ? -9.617  -7.780  -22.034 1.00 0.00 ? 55  LYS A CA 1 
ATOM 55  C CA . VAL A 1 55  ? -8.883  -7.720  -18.271 1.00 0.00 ? 56  VAL A CA 1 
ATOM 56  C CA . GLU A 1 56  ? -10.976 -4.882  -17.949 1.00 0.00 ? 57  GLU A CA 1 
ATOM 57  C CA . GLN A 1 57  ? -14.323 -5.168  -19.921 1.00 0.00 ? 58  GLN A CA 1 
ATOM 58  C CA . LEU A 1 58  ? -13.922 -8.261  -18.182 1.00 0.00 ? 59  LEU A CA 1 
ATOM 59  C CA . ILE A 1 59  ? -14.353 -7.060  -14.645 1.00 0.00 ? 60  ILE A CA 1 
ATOM 60  C CA . ALA A 1 60  ? -17.575 -5.200  -16.125 1.00 0.00 ? 61  ALA A CA 1 
ATOM 61  C CA . GLY A 1 61  ? -19.418 -7.901  -16.361 1.00 0.00 ? 62  GLY A CA 1 
ATOM 62  C CA . ASN A 1 62  ? -18.812 -10.421 -13.552 1.00 0.00 ? 63  ASN A CA 1 
ATOM 63  C CA . GLY A 1 63  ? -17.017 -12.130 -11.512 1.00 0.00 ? 64  GLY A CA 1 
ATOM 64  C CA . SER A 1 64  ? -19.565 -12.233 -9.260  1.00 0.00 ? 65  SER A CA 1 
ATOM 65  C CA . LEU A 1 65  ? -17.950 -9.060  -7.826  1.00 0.00 ? 66  LEU A CA 1 
ATOM 66  C CA . ASN A 1 66  ? -17.335 -8.732  -3.998  1.00 0.00 ? 67  ASN A CA 1 
ATOM 67  C CA . HIS A 1 67  ? -16.013 -5.803  -3.340  1.00 0.00 ? 68  HIS A CA 1 
ATOM 68  C CA . GLU A 1 68  ? -14.197 -6.289  -0.440  1.00 0.00 ? 69  GLU A CA 1 
ATOM 69  C CA . TYR A 1 69  ? -11.891 -7.490  2.144   1.00 0.00 ? 70  TYR A CA 1 
ATOM 70  C CA . LEU A 1 70  ? -9.028  -9.805  1.066   1.00 0.00 ? 71  LEU A CA 1 
ATOM 71  C CA . PRO A 1 71  ? -7.222  -12.250 2.140   1.00 0.00 ? 72  PRO A CA 1 
ATOM 72  C CA . ILE A 1 72  ? -4.337  -10.264 3.716   1.00 0.00 ? 73  ILE A CA 1 
ATOM 73  C CA . LEU A 1 73  ? -1.357  -11.497 1.294   1.00 0.00 ? 74  LEU A CA 1 
ATOM 74  C CA . GLY A 1 74  ? -4.040  -12.067 -0.681  1.00 0.00 ? 75  GLY A CA 1 
ATOM 75  C CA . LEU A 1 75  ? -5.265  -12.342 -3.983  1.00 0.00 ? 76  LEU A CA 1 
ATOM 76  C CA . PRO A 1 76  ? -5.236  -16.513 -3.354  1.00 0.00 ? 77  PRO A CA 1 
ATOM 77  C CA . GLU A 1 77  ? -5.044  -16.247 -6.911  1.00 0.00 ? 78  GLU A CA 1 
ATOM 78  C CA . PHE A 1 78  ? -1.572  -14.605 -6.868  1.00 0.00 ? 79  PHE A CA 1 
ATOM 79  C CA . ARG A 1 79  ? 0.468   -16.458 -5.155  1.00 0.00 ? 80  ARG A CA 1 
ATOM 80  C CA . ALA A 1 80  ? -0.442  -19.578 -6.947  1.00 0.00 ? 81  ALA A CA 1 
ATOM 81  C CA . ASN A 1 81  ? 0.542   -17.947 -9.405  1.00 0.00 ? 82  ASN A CA 1 
ATOM 82  C CA . ALA A 1 82  ? 2.392   -14.892 -9.231  1.00 0.00 ? 83  ALA A CA 1 
ATOM 83  C CA . SER A 1 83  ? 5.365   -17.546 -8.076  1.00 0.00 ? 84  SER A CA 1 
ATOM 84  C CA . ARG A 1 84  ? 4.623   -20.242 -10.351 1.00 0.00 ? 85  ARG A CA 1 
ATOM 85  C CA . ILE A 1 85  ? 5.358   -17.925 -12.429 1.00 0.00 ? 86  ILE A CA 1 
ATOM 86  C CA . ALA A 1 86  ? 9.435   -18.038 -11.571 1.00 0.00 ? 87  ALA A CA 1 
ATOM 87  C CA . LEU A 1 87  ? 9.825   -22.080 -11.280 1.00 0.00 ? 88  LEU A CA 1 
ATOM 88  C CA . GLY A 1 88  ? 6.696   -24.304 -11.533 1.00 0.00 ? 89  GLY A CA 1 
ATOM 89  C CA . ASP A 1 89  ? 9.275   -26.508 -13.451 1.00 0.00 ? 90  ASP A CA 1 
ATOM 90  C CA . ASP A 1 90  ? 9.892   -28.204 -10.379 1.00 0.00 ? 91  ASP A CA 1 
ATOM 91  C CA . SER A 1 91  ? 10.072  -25.190 -7.661  1.00 0.00 ? 92  SER A CA 1 
ATOM 92  C CA . PRO A 1 92  ? 12.769  -27.762 -6.411  1.00 0.00 ? 93  PRO A CA 1 
ATOM 93  C CA . ALA A 1 93  ? 10.093  -26.089 -4.325  1.00 0.00 ? 94  ALA A CA 1 
ATOM 94  C CA . ILE A 1 94  ? 6.585   -25.814 -4.504  1.00 0.00 ? 95  ILE A CA 1 
ATOM 95  C CA . ALA A 1 95  ? 6.847   -29.944 -4.086  1.00 0.00 ? 96  ALA A CA 1 
ATOM 96  C CA . GLN A 1 96  ? 8.152   -28.915 -0.973  1.00 0.00 ? 97  GLN A CA 1 
ATOM 97  C CA . LYS A 1 97  ? 6.612   -26.075 1.005   1.00 0.00 ? 98  LYS A CA 1 
ATOM 98  C CA . ARG A 1 98  ? 9.648   -23.610 0.231   1.00 0.00 ? 99  ARG A CA 1 
ATOM 99  C CA . VAL A 1 99  ? 6.243   -21.483 -0.462  1.00 0.00 ? 100 VAL A CA 1 
ATOM 100 C CA . GLY A 1 100 ? 5.276   -17.834 -0.186  1.00 0.00 ? 101 GLY A CA 1 
ATOM 101 C CA . SER A 1 101 ? 2.269   -14.576 -0.333  1.00 0.00 ? 102 SER A CA 1 
ATOM 102 C CA . VAL A 1 102 ? 3.614   -11.514 0.283   1.00 0.00 ? 103 VAL A CA 1 
ATOM 103 C CA . GLN A 1 103 ? 1.309   -9.381  -2.448  1.00 0.00 ? 104 GLN A CA 1 
ATOM 104 C CA . GLY A 1 104 ? 2.627   -6.416  -1.927  1.00 0.00 ? 105 GLY A CA 1 
ATOM 105 C CA . LEU A 1 105 ? 3.023   -3.005  -2.808  1.00 0.00 ? 106 LEU A CA 1 
ATOM 106 C CA . GLY A 1 106 ? 4.104   -3.292  -5.854  1.00 0.00 ? 107 GLY A CA 1 
ATOM 107 C CA . GLY A 1 107 ? 7.041   -4.535  -5.024  1.00 0.00 ? 108 GLY A CA 1 
ATOM 108 C CA . THR A 1 108 ? 7.863   -2.018  -2.791  1.00 0.00 ? 109 THR A CA 1 
ATOM 109 C CA . GLY A 1 109 ? 6.595   -3.921  -0.175  1.00 0.00 ? 110 GLY A CA 1 
ATOM 110 C CA . ALA A 1 110 ? 8.307   -7.179  -1.168  1.00 0.00 ? 111 ALA A CA 1 
ATOM 111 C CA . LEU A 1 111 ? 11.537  -4.842  0.051   1.00 0.00 ? 112 LEU A CA 1 
ATOM 112 C CA . ARG A 1 112 ? 9.403   -3.106  2.723   1.00 0.00 ? 113 ARG A CA 1 
ATOM 113 C CA . ILE A 1 113 ? 7.577   -5.904  3.692   1.00 0.00 ? 114 ILE A CA 1 
ATOM 114 C CA . GLY A 1 114 ? 9.686   -9.391  3.728   1.00 0.00 ? 115 GLY A CA 1 
ATOM 115 C CA . ALA A 1 115 ? 12.191  -6.468  4.151   1.00 0.00 ? 116 ALA A CA 1 
ATOM 116 C CA . GLU A 1 116 ? 10.493  -6.484  7.786   1.00 0.00 ? 117 GLU A CA 1 
ATOM 117 C CA . PHE A 1 117 ? 10.804  -9.292  9.158   1.00 0.00 ? 118 PHE A CA 1 
ATOM 118 C CA . LEU A 1 118 ? 14.575  -9.711  6.986   1.00 0.00 ? 119 LEU A CA 1 
ATOM 119 C CA . ARG A 1 119 ? 15.816  -7.793  10.016  1.00 0.00 ? 120 ARG A CA 1 
ATOM 120 C CA . ARG A 1 120 ? 12.288  -8.877  12.344  1.00 0.00 ? 121 ARG A CA 1 
ATOM 121 C CA . TRP A 1 121 ? 13.406  -12.228 12.424  1.00 0.00 ? 122 TRP A CA 1 
ATOM 122 C CA . TYR A 1 122 ? 17.369  -13.323 11.394  1.00 0.00 ? 123 TYR A CA 1 
ATOM 123 C CA . ASN A 1 123 ? 22.420  -11.957 11.569  1.00 0.00 ? 124 ASN A CA 1 
ATOM 124 C CA . GLY A 1 124 ? 19.063  -12.752 16.782  1.00 0.00 ? 125 GLY A CA 1 
ATOM 125 C CA . ASN A 1 125 ? 15.238  -11.171 18.284  1.00 0.00 ? 126 ASN A CA 1 
ATOM 126 C CA . ASN A 1 126 ? 16.244  -7.385  16.540  1.00 0.00 ? 127 ASN A CA 1 
ATOM 127 C CA . ASN A 1 127 ? 19.999  -8.087  14.157  1.00 0.00 ? 128 ASN A CA 1 
ATOM 128 C CA . THR A 1 128 ? 20.699  -4.235  12.940  1.00 0.00 ? 129 THR A CA 1 
ATOM 129 C CA . ALA A 1 129 ? 23.973  -5.224  11.292  1.00 0.00 ? 130 ALA A CA 1 
ATOM 130 C CA . THR A 1 130 ? 23.754  -8.024  9.782   1.00 0.00 ? 131 THR A CA 1 
ATOM 131 C CA . PRO A 1 131 ? 24.792  -6.322  6.327   1.00 0.00 ? 132 PRO A CA 1 
ATOM 132 C CA . VAL A 1 132 ? 24.135  -4.539  3.276   1.00 0.00 ? 133 VAL A CA 1 
ATOM 133 C CA . TYR A 1 133 ? 25.522  -5.779  0.513   1.00 0.00 ? 134 TYR A CA 1 
ATOM 134 C CA . VAL A 1 134 ? 24.421  -3.484  -2.631  1.00 0.00 ? 135 VAL A CA 1 
ATOM 135 C CA . SER A 1 135 ? 25.235  -2.400  -5.790  1.00 0.00 ? 136 SER A CA 1 
ATOM 136 C CA . SER A 1 136 ? 27.552  -0.352  -6.940  1.00 0.00 ? 137 SER A CA 1 
ATOM 137 C CA . PRO A 1 137 ? 24.222  1.083   -8.661  1.00 0.00 ? 138 PRO A CA 1 
ATOM 138 C CA . THR A 1 138 ? 21.833  -0.308  -6.347  1.00 0.00 ? 139 THR A CA 1 
ATOM 139 C CA . TRP A 1 139 ? 18.764  1.816   -7.333  1.00 0.00 ? 140 TRP A CA 1 
ATOM 140 C CA . GLU A 1 140 ? 17.255  4.211   -5.314  1.00 0.00 ? 141 GLU A CA 1 
ATOM 141 C CA . ASN A 1 141 ? 15.130  2.417   -3.168  1.00 0.00 ? 142 ASN A CA 1 
ATOM 142 C CA . HIS A 1 142 ? 17.742  -0.367  -1.676  1.00 0.00 ? 143 HIS A CA 1 
ATOM 143 C CA . ASN A 1 143 ? 19.200  1.815   1.121   1.00 0.00 ? 144 ASN A CA 1 
ATOM 144 C CA . SER A 1 144 ? 15.903  3.478   1.478   1.00 0.00 ? 145 SER A CA 1 
ATOM 145 C CA . VAL A 1 145 ? 14.252  0.100   2.384   1.00 0.00 ? 146 VAL A CA 1 
ATOM 146 C CA . PHE A 1 146 ? 17.007  -0.796  4.527   1.00 0.00 ? 147 PHE A CA 1 
ATOM 147 C CA . MET A 1 147 ? 17.918  2.324   6.319   1.00 0.00 ? 148 MET A CA 1 
ATOM 148 C CA . ASP A 1 148 ? 13.827  1.815   6.908   1.00 0.00 ? 149 ASP A CA 1 
ATOM 149 C CA . ALA A 1 149 ? 13.801  -0.989  8.575   1.00 0.00 ? 150 ALA A CA 1 
ATOM 150 C CA . GLY A 1 150 ? 16.701  -1.088  10.466  1.00 0.00 ? 151 GLY A CA 1 
ATOM 151 C CA . PHE A 1 151 ? 19.314  -0.942  8.150   1.00 0.00 ? 152 PHE A CA 1 
ATOM 152 C CA . LYS A 1 152 ? 22.983  0.414   9.136   1.00 0.00 ? 153 LYS A CA 1 
ATOM 153 C CA . ASP A 1 153 ? 25.770  -1.882  7.049   1.00 0.00 ? 154 ASP A CA 1 
ATOM 154 C CA . ILE A 1 154 ? 25.514  -0.058  3.641   1.00 0.00 ? 155 ILE A CA 1 
ATOM 155 C CA . ARG A 1 155 ? 28.092  -2.262  1.724   1.00 0.00 ? 156 ARG A CA 1 
ATOM 156 C CA . THR A 1 156 ? 27.995  -1.727  -1.623  1.00 0.00 ? 157 THR A CA 1 
ATOM 157 C CA . TYR A 1 157 ? 29.058  -4.586  -4.249  1.00 0.00 ? 158 TYR A CA 1 
ATOM 158 C CA . ARG A 1 158 ? 31.521  -3.808  -7.069  1.00 0.00 ? 159 ARG A CA 1 
ATOM 159 C CA . TYR A 1 159 ? 30.332  -3.632  -10.338 1.00 0.00 ? 160 TYR A CA 1 
ATOM 160 C CA . TRP A 1 160 ? 30.420  -0.828  -12.730 1.00 0.00 ? 161 TRP A CA 1 
ATOM 161 C CA . ASP A 1 161 ? 34.007  -1.022  -14.776 1.00 0.00 ? 162 ASP A CA 1 
ATOM 162 C CA . ALA A 1 162 ? 33.338  2.005   -16.672 1.00 0.00 ? 163 ALA A CA 1 
ATOM 163 C CA . ALA A 1 163 ? 36.436  1.168   -17.919 1.00 0.00 ? 164 ALA A CA 1 
ATOM 164 C CA . LYS A 1 164 ? 34.930  -2.166  -19.826 1.00 0.00 ? 165 LYS A CA 1 
ATOM 165 C CA . ARG A 1 165 ? 31.303  -2.006  -18.943 1.00 0.00 ? 166 ARG A CA 1 
ATOM 166 C CA . GLY A 1 166 ? 31.594  -4.433  -16.543 1.00 0.00 ? 167 GLY A CA 1 
ATOM 167 C CA . LEU A 1 167 ? 32.691  -6.267  -13.871 1.00 0.00 ? 168 LEU A CA 1 
ATOM 168 C CA . ASP A 1 168 ? 34.222  -5.552  -10.907 1.00 0.00 ? 169 ASP A CA 1 
ATOM 169 C CA . LEU A 1 169 ? 33.860  -9.567  -11.032 1.00 0.00 ? 170 LEU A CA 1 
ATOM 170 C CA . GLN A 1 170 ? 37.136  -9.759  -9.458  1.00 0.00 ? 171 GLN A CA 1 
ATOM 171 C CA . GLY A 1 171 ? 35.356  -7.316  -7.207  1.00 0.00 ? 172 GLY A CA 1 
ATOM 172 C CA . LEU A 1 172 ? 32.244  -8.706  -6.400  1.00 0.00 ? 173 LEU A CA 1 
ATOM 173 C CA . LEU A 1 173 ? 34.232  -11.419 -6.113  1.00 0.00 ? 174 LEU A CA 1 
ATOM 174 C CA . SER A 1 174 ? 36.578  -10.766 -3.319  1.00 0.00 ? 175 SER A CA 1 
ATOM 175 C CA . ASP A 1 175 ? 33.713  -8.452  -2.239  1.00 0.00 ? 176 ASP A CA 1 
ATOM 176 C CA . MET A 1 176 ? 32.340  -11.363 -0.578  1.00 0.00 ? 177 MET A CA 1 
ATOM 177 C CA . GLU A 1 177 ? 35.442  -12.999 0.303   1.00 0.00 ? 178 GLU A CA 1 
ATOM 178 C CA . LYS A 1 178 ? 35.967  -9.759  1.478   1.00 0.00 ? 179 LYS A CA 1 
ATOM 179 C CA . ALA A 1 179 ? 33.326  -10.552 2.850   1.00 0.00 ? 180 ALA A CA 1 
ATOM 180 C CA . PRO A 1 180 ? 31.054  -10.189 5.857   1.00 0.00 ? 181 PRO A CA 1 
ATOM 181 C CA . GLU A 1 181 ? 29.945  -13.503 7.349   1.00 0.00 ? 182 GLU A CA 1 
ATOM 182 C CA . PHE A 1 182 ? 26.245  -13.359 7.360   1.00 0.00 ? 183 PHE A CA 1 
ATOM 183 C CA . SER A 1 183 ? 24.706  -11.476 5.067   1.00 0.00 ? 184 SER A CA 1 
ATOM 184 C CA . ILE A 1 184 ? 23.104  -9.636  2.838   1.00 0.00 ? 185 ILE A CA 1 
ATOM 185 C CA . PHE A 1 185 ? 22.336  -9.252  -0.968  1.00 0.00 ? 186 PHE A CA 1 
ATOM 186 C CA . ILE A 1 186 ? 20.702  -6.968  -3.240  1.00 0.00 ? 187 ILE A CA 1 
ATOM 187 C CA . LEU A 1 187 ? 21.008  -9.606  -5.371  1.00 0.00 ? 188 LEU A CA 1 
ATOM 188 C CA . HIS A 1 188 ? 19.877  -8.382  -9.122  1.00 0.00 ? 189 HIS A CA 1 
ATOM 189 C CA . ALA A 1 189 ? 17.733  -10.369 -11.216 1.00 0.00 ? 190 ALA A CA 1 
ATOM 190 C CA . CYS A 1 190 ? 16.718  -9.804  -14.832 1.00 0.00 ? 191 CYS A CA 1 
ATOM 191 C CA . ALA A 1 191 ? 17.927  -6.376  -15.360 1.00 0.00 ? 192 ALA A CA 1 
ATOM 192 C CA . HIS A 1 192 ? 19.958  -3.386  -14.263 1.00 0.00 ? 193 HIS A CA 1 
ATOM 193 C CA . ASN A 1 193 ? 18.667  -0.727  -12.474 1.00 0.00 ? 194 ASN A CA 1 
ATOM 194 C CA . PRO A 1 194 ? 21.854  1.106   -12.746 1.00 0.00 ? 195 PRO A CA 1 
ATOM 195 C CA . THR A 1 195 ? 23.428  -0.394  -15.500 1.00 0.00 ? 196 THR A CA 1 
ATOM 196 C CA . GLY A 1 196 ? 22.263  -3.262  -17.375 1.00 0.00 ? 197 GLY A CA 1 
ATOM 197 C CA . THR A 1 197 ? 25.486  -4.190  -16.042 1.00 0.00 ? 198 THR A CA 1 
ATOM 198 C CA . ASP A 1 198 ? 23.638  -7.707  -15.744 1.00 0.00 ? 199 ASP A CA 1 
ATOM 199 C CA . PRO A 1 199 ? 26.048  -10.718 -16.182 1.00 0.00 ? 200 PRO A CA 1 
ATOM 200 C CA . THR A 1 200 ? 26.742  -14.320 -16.227 1.00 0.00 ? 201 THR A CA 1 
ATOM 201 C CA . PRO A 1 201 ? 25.810  -17.405 -16.131 1.00 0.00 ? 202 PRO A CA 1 
ATOM 202 C CA . ASP A 1 202 ? 28.808  -18.995 -15.164 1.00 0.00 ? 203 ASP A CA 1 
ATOM 203 C CA . GLU A 1 203 ? 29.325  -15.986 -12.742 1.00 0.00 ? 204 GLU A CA 1 
ATOM 204 C CA . TRP A 1 204 ? 26.186  -16.418 -10.991 1.00 0.00 ? 205 TRP A CA 1 
ATOM 205 C CA . LYS A 1 205 ? 28.166  -19.992 -10.829 1.00 0.00 ? 206 LYS A CA 1 
ATOM 206 C CA . GLN A 1 206 ? 30.459  -17.750 -9.041  1.00 0.00 ? 207 GLN A CA 1 
ATOM 207 C CA . ILE A 1 207 ? 28.698  -15.059 -6.444  1.00 0.00 ? 208 ILE A CA 1 
ATOM 208 C CA . ALA A 1 208 ? 27.221  -18.554 -6.074  1.00 0.00 ? 209 ALA A CA 1 
ATOM 209 C CA . ALA A 1 209 ? 29.328  -20.400 -4.286  1.00 0.00 ? 210 ALA A CA 1 
ATOM 210 C CA . VAL A 1 210 ? 31.031  -17.982 -2.812  1.00 0.00 ? 211 VAL A CA 1 
ATOM 211 C CA . MET A 1 211 ? 28.046  -16.331 -1.522  1.00 0.00 ? 212 MET A CA 1 
ATOM 212 C CA . LYS A 1 212 ? 27.426  -19.430 -0.493  1.00 0.00 ? 213 LYS A CA 1 
ATOM 213 C CA . ARG A 1 213 ? 30.410  -20.754 1.113   1.00 0.00 ? 214 ARG A CA 1 
ATOM 214 C CA . ARG A 1 214 ? 29.242  -17.893 3.164   1.00 0.00 ? 215 ARG A CA 1 
ATOM 215 C CA . CYS A 1 215 ? 26.192  -17.217 4.663   1.00 0.00 ? 216 CYS A CA 1 
ATOM 216 C CA . LEU A 1 216 ? 24.686  -14.845 2.265   1.00 0.00 ? 217 LEU A CA 1 
ATOM 217 C CA . PHE A 1 217 ? 21.563  -13.502 0.376   1.00 0.00 ? 218 PHE A CA 1 
ATOM 218 C CA . PRO A 1 218 ? 19.097  -13.806 -1.831  1.00 0.00 ? 219 PRO A CA 1 
ATOM 219 C CA . PHE A 1 219 ? 18.274  -10.416 -2.845  1.00 0.00 ? 220 PHE A CA 1 
ATOM 220 C CA . PHE A 1 220 ? 15.852  -10.420 -5.272  1.00 0.00 ? 221 PHE A CA 1 
ATOM 221 C CA . ASP A 1 221 ? 14.678  -8.444  -7.765  1.00 0.00 ? 222 ASP A CA 1 
ATOM 222 C CA . SER A 1 222 ? 12.010  -9.234  -9.719  1.00 0.00 ? 223 SER A CA 1 
ATOM 223 C CA . ALA A 1 223 ? 11.466  -6.086  -11.878 1.00 0.00 ? 224 ALA A CA 1 
ATOM 224 C CA . TYR A 1 224 ? 12.736  -6.206  -15.249 1.00 0.00 ? 225 TYR A CA 1 
ATOM 225 C CA . GLN A 1 225 ? 10.144  -8.879  -15.903 1.00 0.00 ? 226 GLN A CA 1 
ATOM 226 C CA . GLY A 1 226 ? 10.766  -9.950  -19.630 1.00 0.00 ? 227 GLY A CA 1 
ATOM 227 C CA . PHE A 1 227 ? 12.732  -6.744  -20.652 1.00 0.00 ? 228 PHE A CA 1 
ATOM 228 C CA . ALA A 1 228 ? 15.721  -8.813  -20.809 1.00 0.00 ? 229 ALA A CA 1 
ATOM 229 C CA . SER A 1 229 ? 13.798  -11.077 -23.185 1.00 0.00 ? 230 SER A CA 1 
ATOM 230 C CA . GLY A 1 230 ? 10.685  -13.017 -23.229 1.00 0.00 ? 231 GLY A CA 1 
ATOM 231 C CA . ASN A 1 231 ? 11.647  -14.866 -20.704 1.00 0.00 ? 232 ASN A CA 1 
ATOM 232 C CA . LEU A 1 232 ? 9.203   -15.015 -18.536 1.00 0.00 ? 233 LEU A CA 1 
ATOM 233 C CA . GLU A 1 233 ? 11.500  -17.323 -18.449 1.00 0.00 ? 234 GLU A CA 1 
ATOM 234 C CA . LYS A 1 234 ? 14.833  -17.099 -18.731 1.00 0.00 ? 235 LYS A CA 1 
ATOM 235 C CA . ASP A 1 235 ? 14.576  -14.195 -16.684 1.00 0.00 ? 236 ASP A CA 1 
ATOM 236 C CA . ALA A 1 236 ? 16.827  -16.805 -16.377 1.00 0.00 ? 237 ALA A CA 1 
ATOM 237 C CA . TRP A 1 237 ? 18.938  -18.607 -13.929 1.00 0.00 ? 238 TRP A CA 1 
ATOM 238 C CA . ALA A 1 238 ? 18.769  -17.346 -11.032 1.00 0.00 ? 239 ALA A CA 1 
ATOM 239 C CA . VAL A 1 239 ? 16.114  -17.448 -9.356  1.00 0.00 ? 240 VAL A CA 1 
ATOM 240 C CA . ARG A 1 240 ? 16.955  -21.141 -8.845  1.00 0.00 ? 241 ARG A CA 1 
ATOM 241 C CA . TYR A 1 241 ? 20.181  -22.272 -9.222  1.00 0.00 ? 242 TYR A CA 1 
ATOM 242 C CA . PHE A 1 242 ? 19.915  -21.037 -5.968  1.00 0.00 ? 243 PHE A CA 1 
ATOM 243 C CA . VAL A 1 243 ? 17.018  -23.095 -5.247  1.00 0.00 ? 244 VAL A CA 1 
ATOM 244 C CA . SER A 1 244 ? 19.585  -25.496 -6.053  1.00 0.00 ? 245 SER A CA 1 
ATOM 245 C CA . GLU A 1 245 ? 22.850  -24.570 -4.510  1.00 0.00 ? 246 GLU A CA 1 
ATOM 246 C CA . GLY A 1 246 ? 20.603  -25.005 -1.398  1.00 0.00 ? 247 GLY A CA 1 
ATOM 247 C CA . PHE A 1 247 ? 20.080  -21.823 -0.367  1.00 0.00 ? 248 PHE A CA 1 
ATOM 248 C CA . GLU A 1 248 ? 16.406  -20.873 1.638   1.00 0.00 ? 249 GLU A CA 1 
ATOM 249 C CA . LEU A 1 249 ? 16.850  -17.320 -0.514  1.00 0.00 ? 250 LEU A CA 1 
ATOM 250 C CA . PHE A 1 250 ? 14.828  -14.084 -0.318  1.00 0.00 ? 251 PHE A CA 1 
ATOM 251 C CA . CYS A 1 251 ? 12.226  -12.968 -2.629  1.00 0.00 ? 252 CYS A CA 1 
ATOM 252 C CA . ALA A 1 252 ? 10.544  -10.018 -4.962  1.00 0.00 ? 253 ALA A CA 1 
ATOM 253 C CA . GLN A 1 253 ? 7.943   -7.970  -7.420  1.00 0.00 ? 254 GLN A CA 1 
ATOM 254 C CA . SER A 1 254 ? 5.727   -6.592  -10.109 1.00 0.00 ? 255 SER A CA 1 
ATOM 255 C CA . PHE A 1 255 ? 3.733   -5.529  -12.946 1.00 0.00 ? 256 PHE A CA 1 
ATOM 256 C CA . SER A 1 256 ? 5.088   -2.235  -13.578 1.00 0.00 ? 257 SER A CA 1 
ATOM 257 C CA . LYS A 1 257 ? 5.915   -3.237  -16.424 1.00 0.00 ? 258 LYS A CA 1 
ATOM 258 C CA . ASN A 1 258 ? 5.326   -6.521  -17.536 1.00 0.00 ? 259 ASN A CA 1 
ATOM 259 C CA . PHE A 1 259 ? 1.970   -5.015  -17.504 1.00 0.00 ? 260 PHE A CA 1 
ATOM 260 C CA . GLY A 1 260 ? 1.070   -1.784  -16.819 1.00 0.00 ? 261 GLY A CA 1 
ATOM 261 C CA . LEU A 1 261 ? 0.943   -1.074  -13.472 1.00 0.00 ? 262 LEU A CA 1 
ATOM 262 C CA . TYR A 1 262 ? 1.078   1.513   -11.719 1.00 0.00 ? 263 TYR A CA 1 
ATOM 263 C CA . ASN A 1 263 ? -2.083  2.688   -11.405 1.00 0.00 ? 264 ASN A CA 1 
ATOM 264 C CA . GLU A 1 264 ? -2.986  -0.559  -9.032  1.00 0.00 ? 265 GLU A CA 1 
ATOM 265 C CA . ARG A 1 265 ? 0.200   -1.858  -7.206  1.00 0.00 ? 266 ARG A CA 1 
ATOM 266 C CA . VAL A 1 266 ? 2.073   -5.474  -8.283  1.00 0.00 ? 267 VAL A CA 1 
ATOM 267 C CA . GLY A 1 267 ? 3.867   -8.115  -6.096  1.00 0.00 ? 268 GLY A CA 1 
ATOM 268 C CA . ASN A 1 268 ? 6.704   -10.280 -4.899  1.00 0.00 ? 269 ASN A CA 1 
ATOM 269 C CA . LEU A 1 269 ? 6.808   -11.393 -1.469  1.00 0.00 ? 270 LEU A CA 1 
ATOM 270 C CA . SER A 1 270 ? 8.329   -14.783 -2.271  1.00 0.00 ? 271 SER A CA 1 
ATOM 271 C CA . VAL A 1 271 ? 9.530   -17.593 0.463   1.00 0.00 ? 272 VAL A CA 1 
ATOM 272 C CA . VAL A 1 272 ? 12.313  -19.730 -0.574  1.00 0.00 ? 273 VAL A CA 1 
ATOM 273 C CA . GLY A 1 273 ? 13.075  -21.560 2.392   1.00 0.00 ? 274 GLY A CA 1 
ATOM 274 C CA . LYS A 1 274 ? 13.941  -25.582 3.333   1.00 0.00 ? 275 LYS A CA 1 
ATOM 275 C CA . ASP A 1 275 ? 10.747  -26.635 5.230   1.00 0.00 ? 276 ASP A CA 1 
ATOM 276 C CA . GLU A 1 276 ? 6.739   -25.964 5.295   1.00 0.00 ? 277 GLU A CA 1 
ATOM 277 C CA . ASP A 1 277 ? 7.987   -24.624 8.408   1.00 0.00 ? 278 ASP A CA 1 
ATOM 278 C CA . ASN A 1 278 ? 8.928   -21.307 7.063   1.00 0.00 ? 279 ASN A CA 1 
ATOM 279 C CA . VAL A 1 279 ? 6.350   -20.990 4.857   1.00 0.00 ? 280 VAL A CA 1 
ATOM 280 C CA . GLN A 1 280 ? 4.422   -22.140 7.800   1.00 0.00 ? 281 GLN A CA 1 
ATOM 281 C CA . ARG A 1 281 ? 5.892   -19.763 9.485   1.00 0.00 ? 282 ARG A CA 1 
ATOM 282 C CA . VAL A 1 282 ? 7.080   -16.627 7.951   1.00 0.00 ? 283 VAL A CA 1 
ATOM 283 C CA . LEU A 1 283 ? 3.565   -15.899 6.503   1.00 0.00 ? 284 LEU A CA 1 
ATOM 284 C CA . SER A 1 284 ? 3.181   -16.297 10.250  1.00 0.00 ? 285 SER A CA 1 
ATOM 285 C CA . GLN A 1 285 ? 4.935   -12.840 10.445  1.00 0.00 ? 286 GLN A CA 1 
ATOM 286 C CA . MET A 1 286 ? 3.373   -11.213 7.009   1.00 0.00 ? 287 MET A CA 1 
ATOM 287 C CA . GLU A 1 287 ? 0.147   -10.890 8.718   1.00 0.00 ? 288 GLU A CA 1 
ATOM 288 C CA . LYS A 1 288 ? 2.381   -9.615  11.513  1.00 0.00 ? 289 LYS A CA 1 
ATOM 289 C CA . ILE A 1 289 ? 2.783   -6.904  9.530   1.00 0.00 ? 290 ILE A CA 1 
ATOM 290 C CA . VAL A 1 290 ? 0.978   -6.100  6.702   1.00 0.00 ? 291 VAL A CA 1 
ATOM 291 C CA . ARG A 1 291 ? -1.748  -5.544  9.543   1.00 0.00 ? 292 ARG A CA 1 
ATOM 292 C CA . THR A 1 292 ? 0.548   -2.955  10.471  1.00 0.00 ? 293 THR A CA 1 
ATOM 293 C CA . THR A 1 293 ? 1.329   -1.429  7.269   1.00 0.00 ? 294 THR A CA 1 
ATOM 294 C CA . TRP A 1 294 ? -1.257  -1.466  5.126   1.00 0.00 ? 295 TRP A CA 1 
ATOM 295 C CA . SER A 1 295 ? -3.730  -4.284  5.594   1.00 0.00 ? 296 SER A CA 1 
ATOM 296 C CA . ASN A 1 296 ? -3.811  -4.902  2.416   1.00 0.00 ? 297 ASN A CA 1 
ATOM 297 C CA . PRO A 1 297 ? -4.530  -6.072  -0.521  1.00 0.00 ? 298 PRO A CA 1 
ATOM 298 C CA . PRO A 1 298 ? -6.326  -3.981  -3.557  1.00 0.00 ? 299 PRO A CA 1 
ATOM 299 C CA . SER A 1 299 ? -8.170  -5.917  -5.787  1.00 0.00 ? 300 SER A CA 1 
ATOM 300 C CA . GLN A 1 300 ? -8.042  -4.763  -9.428  1.00 0.00 ? 301 GLN A CA 1 
ATOM 301 C CA . GLY A 1 301 ? -4.523  -5.774  -10.215 1.00 0.00 ? 302 GLY A CA 1 
ATOM 302 C CA . ALA A 1 302 ? -4.565  -8.355  -8.568  1.00 0.00 ? 303 ALA A CA 1 
ATOM 303 C CA . ARG A 1 303 ? -6.768  -9.995  -10.797 1.00 0.00 ? 304 ARG A CA 1 
ATOM 304 C CA . ILE A 1 304 ? -5.730  -8.293  -14.251 1.00 0.00 ? 305 ILE A CA 1 
ATOM 305 C CA . VAL A 1 305 ? -3.038  -10.324 -12.948 1.00 0.00 ? 306 VAL A CA 1 
ATOM 306 C CA . ALA A 1 306 ? -4.431  -13.528 -12.295 1.00 0.00 ? 307 ALA A CA 1 
ATOM 307 C CA . THR A 1 307 ? -6.461  -13.848 -15.016 1.00 0.00 ? 308 THR A CA 1 
ATOM 308 C CA . THR A 1 308 ? -4.047  -13.255 -17.227 1.00 0.00 ? 309 THR A CA 1 
ATOM 309 C CA . LEU A 1 309 ? -2.474  -15.741 -15.941 1.00 0.00 ? 310 LEU A CA 1 
ATOM 310 C CA . THR A 1 310 ? -5.245  -17.677 -15.483 1.00 0.00 ? 311 THR A CA 1 
ATOM 311 C CA . SER A 1 311 ? -6.446  -17.820 -18.826 1.00 0.00 ? 312 SER A CA 1 
ATOM 312 C CA . PRO A 1 312 ? -3.602  -19.495 -21.059 1.00 0.00 ? 313 PRO A CA 1 
ATOM 313 C CA . GLN A 1 313 ? -4.996  -16.692 -22.418 1.00 0.00 ? 314 GLN A CA 1 
ATOM 314 C CA . LEU A 1 314 ? -3.027  -14.126 -20.262 1.00 0.00 ? 315 LEU A CA 1 
ATOM 315 C CA . PHE A 1 315 ? -0.376  -15.808 -21.120 1.00 0.00 ? 316 PHE A CA 1 
ATOM 316 C CA . ALA A 1 316 ? -0.610  -15.715 -24.277 1.00 0.00 ? 317 ALA A CA 1 
ATOM 317 C CA . GLU A 1 317 ? -1.392  -12.290 -24.127 1.00 0.00 ? 318 GLU A CA 1 
ATOM 318 C CA . TRP A 1 318 ? 0.473   -11.578 -21.457 1.00 0.00 ? 319 TRP A CA 1 
ATOM 319 C CA . LYS A 1 319 ? 3.783   -12.115 -23.073 1.00 0.00 ? 320 LYS A CA 1 
ATOM 320 C CA . ASP A 1 320 ? 2.552   -10.883 -26.604 1.00 0.00 ? 321 ASP A CA 1 
ATOM 321 C CA . ASN A 1 321 ? 0.663   -7.976  -25.402 1.00 0.00 ? 322 ASN A CA 1 
ATOM 322 C CA . VAL A 1 322 ? 4.443   -8.174  -24.269 1.00 0.00 ? 323 VAL A CA 1 
ATOM 323 C CA . LYS A 1 323 ? 7.645   -9.562  -25.790 1.00 0.00 ? 324 LYS A CA 1 
ATOM 324 C CA . THR A 1 324 ? 6.761   -6.373  -27.790 1.00 0.00 ? 325 THR A CA 1 
ATOM 325 C CA . MET A 1 325 ? 8.592   -4.676  -25.110 1.00 0.00 ? 326 MET A CA 1 
ATOM 326 C CA . ALA A 1 326 ? 11.521  -5.085  -26.545 1.00 0.00 ? 327 ALA A CA 1 
ATOM 327 C CA . ASP A 1 327 ? 11.133  -7.074  -29.241 1.00 0.00 ? 328 ASP A CA 1 
ATOM 328 C CA . ARG A 1 328 ? 10.461  -3.384  -29.898 1.00 0.00 ? 329 ARG A CA 1 
ATOM 329 C CA . VAL A 1 329 ? 12.950  -1.552  -28.353 1.00 0.00 ? 330 VAL A CA 1 
ATOM 330 C CA . LEU A 1 330 ? 16.405  -2.606  -29.077 1.00 0.00 ? 331 LEU A CA 1 
ATOM 331 C CA . LEU A 1 331 ? 15.353  -0.976  -32.157 1.00 0.00 ? 332 LEU A CA 1 
ATOM 332 C CA . MET A 1 332 ? 16.395  1.689   -30.545 1.00 0.00 ? 333 MET A CA 1 
ATOM 333 C CA . ARG A 1 333 ? 19.642  0.851   -29.915 1.00 0.00 ? 334 ARG A CA 1 
ATOM 334 C CA . SER A 1 334 ? 20.551  0.095   -33.138 1.00 0.00 ? 335 SER A CA 1 
ATOM 335 C CA . GLU A 1 335 ? 18.717  2.949   -34.119 1.00 0.00 ? 336 GLU A CA 1 
ATOM 336 C CA . LEU A 1 336 ? 20.926  4.899   -32.613 1.00 0.00 ? 337 LEU A CA 1 
ATOM 337 C CA . ARG A 1 337 ? 24.338  3.589   -32.455 1.00 0.00 ? 338 ARG A CA 1 
ATOM 338 C CA . SER A 1 338 ? 24.562  4.342   -36.118 1.00 0.00 ? 339 SER A CA 1 
ATOM 339 C CA . ARG A 1 339 ? 22.713  7.035   -36.122 1.00 0.00 ? 340 ARG A CA 1 
ATOM 340 C CA . LEU A 1 340 ? 25.119  8.193   -33.863 1.00 0.00 ? 341 LEU A CA 1 
ATOM 341 C CA . GLU A 1 341 ? 28.116  5.547   -33.936 1.00 0.00 ? 342 GLU A CA 1 
ATOM 342 C CA . SER A 1 342 ? 26.921  7.782   -36.586 1.00 0.00 ? 343 SER A CA 1 
ATOM 343 C CA . LEU A 1 343 ? 29.618  9.478   -35.870 1.00 0.00 ? 344 LEU A CA 1 
ATOM 344 C CA . GLY A 1 344 ? 33.040  9.498   -35.260 1.00 0.00 ? 345 GLY A CA 1 
ATOM 345 C CA . THR A 1 345 ? 30.361  9.893   -32.167 1.00 0.00 ? 346 THR A CA 1 
ATOM 346 C CA . PRO A 1 346 ? 32.867  9.178   -29.836 1.00 0.00 ? 347 PRO A CA 1 
ATOM 347 C CA . GLY A 1 347 ? 34.368  6.292   -28.424 1.00 0.00 ? 348 GLY A CA 1 
ATOM 348 C CA . THR A 1 348 ? 33.063  3.265   -27.876 1.00 0.00 ? 349 THR A CA 1 
ATOM 349 C CA . TRP A 1 349 ? 29.752  3.129   -28.296 1.00 0.00 ? 350 TRP A CA 1 
ATOM 350 C CA . ASN A 1 350 ? 29.123  -0.324  -27.205 1.00 0.00 ? 351 ASN A CA 1 
ATOM 351 C CA . HIS A 1 351 ? 28.211  -0.971  -24.159 1.00 0.00 ? 352 HIS A CA 1 
ATOM 352 C CA . ILE A 1 352 ? 24.589  -1.130  -25.376 1.00 0.00 ? 353 ILE A CA 1 
ATOM 353 C CA . THR A 1 353 ? 23.945  -3.294  -27.819 1.00 0.00 ? 354 THR A CA 1 
ATOM 354 C CA . ASP A 1 354 ? 25.092  -4.863  -25.232 1.00 0.00 ? 355 ASP A CA 1 
ATOM 355 C CA . GLN A 1 355 ? 23.807  -3.589  -22.027 1.00 0.00 ? 356 GLN A CA 1 
ATOM 356 C CA . ILE A 1 356 ? 20.615  -4.925  -22.364 1.00 0.00 ? 357 ILE A CA 1 
ATOM 357 C CA . GLY A 1 357 ? 17.254  -3.180  -20.760 1.00 0.00 ? 358 GLY A CA 1 
ATOM 358 C CA . MET A 1 358 ? 14.490  -0.875  -19.901 1.00 0.00 ? 359 MET A CA 1 
ATOM 359 C CA . PHE A 1 359 ? 17.446  0.837   -20.486 1.00 0.00 ? 360 PHE A CA 1 
ATOM 360 C CA . SER A 1 360 ? 21.271  2.253   -20.718 1.00 0.00 ? 361 SER A CA 1 
ATOM 361 C CA . PHE A 1 361 ? 24.257  2.917   -18.219 1.00 0.00 ? 362 PHE A CA 1 
ATOM 362 C CA . THR A 1 362 ? 24.546  6.205   -20.862 1.00 0.00 ? 363 THR A CA 1 
ATOM 363 C CA . GLY A 1 363 ? 27.561  7.065   -21.501 1.00 0.00 ? 364 GLY A CA 1 
ATOM 364 C CA . LEU A 1 364 ? 27.441  10.410  -19.642 1.00 0.00 ? 365 LEU A CA 1 
ATOM 365 C CA . ASN A 1 365 ? 28.398  13.246  -18.784 1.00 0.00 ? 366 ASN A CA 1 
ATOM 366 C CA . PRO A 1 366 ? 27.010  15.497  -15.643 1.00 0.00 ? 367 PRO A CA 1 
ATOM 367 C CA . LYS A 1 367 ? 27.257  18.529  -17.405 1.00 0.00 ? 368 LYS A CA 1 
ATOM 368 C CA . GLN A 1 368 ? 26.223  16.521  -20.602 1.00 0.00 ? 369 GLN A CA 1 
ATOM 369 C CA . VAL A 1 369 ? 23.032  15.859  -18.904 1.00 0.00 ? 370 VAL A CA 1 
ATOM 370 C CA . GLU A 1 370 ? 22.594  19.634  -19.112 1.00 0.00 ? 371 GLU A CA 1 
ATOM 371 C CA . TYR A 1 371 ? 22.995  20.741  -22.984 1.00 0.00 ? 372 TYR A CA 1 
ATOM 372 C CA . MET A 1 372 ? 20.715  18.054  -22.705 1.00 0.00 ? 373 MET A CA 1 
ATOM 373 C CA . ILE A 1 373 ? 17.670  20.131  -21.027 1.00 0.00 ? 374 ILE A CA 1 
ATOM 374 C CA . LYS A 1 374 ? 17.456  23.594  -21.382 1.00 0.00 ? 375 LYS A CA 1 
ATOM 375 C CA . GLU A 1 375 ? 18.743  23.296  -24.072 1.00 0.00 ? 376 GLU A CA 1 
ATOM 376 C CA . LYS A 1 376 ? 17.826  20.371  -24.951 1.00 0.00 ? 377 LYS A CA 1 
ATOM 377 C CA . HIS A 1 377 ? 14.349  18.888  -23.945 1.00 0.00 ? 378 HIS A CA 1 
ATOM 378 C CA . ILE A 1 378 ? 16.641  16.818  -22.284 1.00 0.00 ? 379 ILE A CA 1 
ATOM 379 C CA . TYR A 1 379 ? 14.970  14.912  -19.446 1.00 0.00 ? 380 TYR A CA 1 
ATOM 380 C CA . LEU A 1 380 ? 18.512  13.225  -18.944 1.00 0.00 ? 381 LEU A CA 1 
ATOM 381 C CA . MET A 1 381 ? 19.194  11.575  -15.935 1.00 0.00 ? 382 MET A CA 1 
ATOM 382 C CA . ALA A 1 382 ? 21.692  12.368  -13.833 1.00 0.00 ? 383 ALA A CA 1 
ATOM 383 C CA . SER A 1 383 ? 23.421  9.818   -14.952 1.00 0.00 ? 384 SER A CA 1 
ATOM 384 C CA . GLY A 1 384 ? 22.956  7.927   -18.129 1.00 0.00 ? 385 GLY A CA 1 
ATOM 385 C CA . ARG A 1 385 ? 19.602  7.028   -17.858 1.00 0.00 ? 386 ARG A CA 1 
ATOM 386 C CA . ILE A 1 386 ? 19.160  6.201   -21.225 1.00 0.00 ? 387 ILE A CA 1 
ATOM 387 C CA . ASN A 1 387 ? 15.466  5.724   -21.790 1.00 0.00 ? 388 ASN A CA 1 
ATOM 388 C CA . MET A 1 388 ? 16.360  2.866   -24.270 1.00 0.00 ? 389 MET A CA 1 
ATOM 389 C CA . CYS A 1 389 ? 13.027  3.573   -24.134 1.00 0.00 ? 390 CYS A CA 1 
ATOM 390 C CA . GLY A 1 390 ? 11.973  6.843   -25.463 1.00 0.00 ? 391 GLY A CA 1 
ATOM 391 C CA . LEU A 1 391 ? 12.906  6.727   -28.539 1.00 0.00 ? 392 LEU A CA 1 
ATOM 392 C CA . THR A 1 392 ? 10.753  7.216   -31.145 1.00 0.00 ? 393 THR A CA 1 
ATOM 393 C CA . THR A 1 393 ? 11.645  7.189   -34.201 1.00 0.00 ? 394 THR A CA 1 
ATOM 394 C CA . LYS A 1 394 ? 11.344  10.475  -34.451 1.00 0.00 ? 395 LYS A CA 1 
ATOM 395 C CA . ASN A 1 395 ? 12.555  10.938  -31.034 1.00 0.00 ? 396 ASN A CA 1 
ATOM 396 C CA . LEU A 1 396 ? 15.685  10.084  -32.576 1.00 0.00 ? 397 LEU A CA 1 
ATOM 397 C CA . ASP A 1 397 ? 17.832  13.101  -33.861 1.00 0.00 ? 398 ASP A CA 1 
ATOM 398 C CA . TYR A 1 398 ? 17.013  15.390  -31.225 1.00 0.00 ? 399 TYR A CA 1 
ATOM 399 C CA . VAL A 1 399 ? 18.855  12.891  -30.308 1.00 0.00 ? 400 VAL A CA 1 
ATOM 400 C CA . ALA A 1 400 ? 21.745  11.764  -30.389 1.00 0.00 ? 401 ALA A CA 1 
ATOM 401 C CA . LYS A 1 401 ? 22.501  15.304  -31.608 1.00 0.00 ? 402 LYS A CA 1 
ATOM 402 C CA . SER A 1 402 ? 21.638  16.787  -28.940 1.00 0.00 ? 403 SER A CA 1 
ATOM 403 C CA . ILE A 1 403 ? 24.467  14.267  -27.680 1.00 0.00 ? 404 ILE A CA 1 
ATOM 404 C CA . HIS A 1 404 ? 26.853  14.682  -30.509 1.00 0.00 ? 405 HIS A CA 1 
ATOM 405 C CA . GLU A 1 405 ? 28.216  17.565  -29.212 1.00 0.00 ? 406 GLU A CA 1 
ATOM 406 C CA . ALA A 1 406 ? 26.935  17.367  -25.913 1.00 0.00 ? 407 ALA A CA 1 
ATOM 407 C CA . VAL A 1 407 ? 30.457  15.389  -26.417 1.00 0.00 ? 408 VAL A CA 1 
ATOM 408 C CA . THR A 1 408 ? 32.073  17.607  -29.254 1.00 0.00 ? 409 THR A CA 1 
ATOM 409 C CA . LYS A 1 409 ? 31.451  20.417  -27.006 1.00 0.00 ? 410 LYS A CA 1 
ATOM 410 C CA . ILE A 1 410 ? 30.117  19.562  -23.425 1.00 0.00 ? 411 ILE A CA 1 
ATOM 411 C CA . GLN A 1 411 ? 32.987  17.884  -22.332 1.00 0.00 ? 412 GLN A CA 1 
ATOM 412 C CA . ALA B 1 1   ? 21.236  -26.360 11.516  1.00 0.00 ? 2   ALA B CA 1 
ATOM 413 C CA . ALA B 1 2   ? 19.618  -24.298 9.265   1.00 0.00 ? 3   ALA B CA 1 
ATOM 414 C CA . SER B 1 3   ? 17.213  -22.537 7.751   1.00 0.00 ? 4   SER B CA 1 
ATOM 415 C CA . ILE B 1 4   ? 18.579  -18.925 7.192   1.00 0.00 ? 5   ILE B CA 1 
ATOM 416 C CA . PHE B 1 5   ? 15.174  -19.930 8.597   1.00 0.00 ? 6   PHE B CA 1 
ATOM 417 C CA . ALA B 1 6   ? 14.547  -22.205 11.914  1.00 0.00 ? 7   ALA B CA 1 
ATOM 418 C CA . ALA B 1 7   ? 14.537  -20.290 15.104  1.00 0.00 ? 8   ALA B CA 1 
ATOM 419 C CA . VAL B 1 8   ? 11.158  -18.615 13.656  1.00 0.00 ? 9   VAL B CA 1 
ATOM 420 C CA . PRO B 1 9   ? 7.544   -18.518 15.608  1.00 0.00 ? 10  PRO B CA 1 
ATOM 421 C CA . ARG B 1 10  ? 4.288   -19.471 14.998  1.00 0.00 ? 11  ARG B CA 1 
ATOM 422 C CA . ALA B 1 11  ? 2.723   -16.001 15.025  1.00 0.00 ? 12  ALA B CA 1 
ATOM 423 C CA . PRO B 1 12  ? -1.210  -15.899 15.246  1.00 0.00 ? 13  PRO B CA 1 
ATOM 424 C CA . PRO B 1 13  ? -4.040  -15.366 13.093  1.00 0.00 ? 14  PRO B CA 1 
ATOM 425 C CA . VAL B 1 14  ? -5.814  -12.309 13.099  1.00 0.00 ? 15  VAL B CA 1 
ATOM 426 C CA . ALA B 1 15  ? -9.513  -11.617 13.961  1.00 0.00 ? 16  ALA B CA 1 
ATOM 427 C CA . VAL B 1 16  ? -11.370 -10.536 11.271  1.00 0.00 ? 17  VAL B CA 1 
ATOM 428 C CA . PHE B 1 17  ? -10.579 -12.417 8.728   1.00 0.00 ? 18  PHE B CA 1 
ATOM 429 C CA . LYS B 1 18  ? -10.981 -15.084 11.372  1.00 0.00 ? 19  LYS B CA 1 
ATOM 430 C CA . LEU B 1 19  ? -14.452 -14.863 11.037  1.00 0.00 ? 20  LEU B CA 1 
ATOM 431 C CA . THR B 1 20  ? -14.629 -15.081 7.879   1.00 0.00 ? 21  THR B CA 1 
ATOM 432 C CA . ALA B 1 21  ? -12.511 -17.663 8.702   1.00 0.00 ? 22  ALA B CA 1 
ATOM 433 C CA . ASP B 1 22  ? -14.413 -19.770 10.700  1.00 0.00 ? 23  ASP B CA 1 
ATOM 434 C CA . PHE B 1 23  ? -17.234 -18.758 9.670   1.00 0.00 ? 24  PHE B CA 1 
ATOM 435 C CA . ARG B 1 24  ? -16.971 -19.958 6.280   1.00 0.00 ? 25  ARG B CA 1 
ATOM 436 C CA . GLU B 1 25  ? -16.910 -23.517 7.988   1.00 0.00 ? 26  GLU B CA 1 
ATOM 437 C CA . ASP B 1 26  ? -19.899 -23.570 10.620  1.00 0.00 ? 27  ASP B CA 1 
ATOM 438 C CA . GLY B 1 27  ? -19.947 -25.982 8.762   1.00 0.00 ? 28  GLY B CA 1 
ATOM 439 C CA . ASP B 1 28  ? -23.758 -24.666 9.624   1.00 0.00 ? 29  ASP B CA 1 
ATOM 440 C CA . SER B 1 29  ? -27.264 -23.460 9.300   1.00 0.00 ? 30  SER B CA 1 
ATOM 441 C CA . ARG B 1 30  ? -28.004 -21.776 12.229  1.00 0.00 ? 31  ARG B CA 1 
ATOM 442 C CA . LYS B 1 31  ? -25.322 -19.129 11.068  1.00 0.00 ? 32  LYS B CA 1 
ATOM 443 C CA . VAL B 1 32  ? -24.682 -15.234 11.234  1.00 0.00 ? 33  VAL B CA 1 
ATOM 444 C CA . ASN B 1 33  ? -22.511 -11.959 11.093  1.00 0.00 ? 34  ASN B CA 1 
ATOM 445 C CA . LEU B 1 34  ? -20.716 -10.715 13.742  1.00 0.00 ? 35  LEU B CA 1 
ATOM 446 C CA . GLY B 1 35  ? -17.845 -8.789  13.063  1.00 0.00 ? 36  GLY B CA 1 
ATOM 447 C CA . VAL B 1 36  ? -16.875 -7.522  9.871   1.00 0.00 ? 37  VAL B CA 1 
ATOM 448 C CA . GLY B 1 37  ? -17.629 -5.258  7.366   1.00 0.00 ? 38  GLY B CA 1 
ATOM 449 C CA . ALA B 1 38  ? -20.867 -5.075  6.295   1.00 0.00 ? 39  ALA B CA 1 
ATOM 450 C CA . TYR B 1 39  ? -23.165 -5.382  3.941   1.00 0.00 ? 40  TYR B CA 1 
ATOM 451 C CA . ARG B 1 40  ? -26.128 -6.517  4.442   1.00 0.00 ? 41  ARG B CA 1 
ATOM 452 C CA . THR B 1 41  ? -28.965 -6.800  2.825   1.00 0.00 ? 42  THR B CA 1 
ATOM 453 C CA . ASP B 1 42  ? -31.915 -8.121  3.211   1.00 0.00 ? 43  ASP B CA 1 
ATOM 454 C CA . GLU B 1 43  ? -30.404 -10.934 2.324   1.00 0.00 ? 44  GLU B CA 1 
ATOM 455 C CA . GLY B 1 44  ? -27.082 -10.399 3.343   1.00 0.00 ? 45  GLY B CA 1 
ATOM 456 C CA . GLN B 1 45  ? -26.720 -10.597 0.111   1.00 0.00 ? 46  GLN B CA 1 
ATOM 457 C CA . PRO B 1 46  ? -24.440 -7.910  -0.168  1.00 0.00 ? 47  PRO B CA 1 
ATOM 458 C CA . TRP B 1 47  ? -24.028 -3.789  -1.176  1.00 0.00 ? 48  TRP B CA 1 
ATOM 459 C CA . VAL B 1 48  ? -22.602 -2.794  -4.726  1.00 0.00 ? 49  VAL B CA 1 
ATOM 460 C CA . LEU B 1 49  ? -23.585 1.077   -4.470  1.00 0.00 ? 50  LEU B CA 1 
ATOM 461 C CA . PRO B 1 50  ? -25.001 2.109   -7.540  1.00 0.00 ? 51  PRO B CA 1 
ATOM 462 C CA . VAL B 1 51  ? -22.008 4.316   -7.433  1.00 0.00 ? 52  VAL B CA 1 
ATOM 463 C CA . VAL B 1 52  ? -21.032 1.829   -9.104  1.00 0.00 ? 53  VAL B CA 1 
ATOM 464 C CA . ARG B 1 53  ? -21.468 0.506   -11.863 1.00 0.00 ? 54  ARG B CA 1 
ATOM 465 C CA . LYS B 1 54  ? -22.431 3.996   -12.635 1.00 0.00 ? 55  LYS B CA 1 
ATOM 466 C CA . VAL B 1 55  ? -18.698 4.464   -11.566 1.00 0.00 ? 56  VAL B CA 1 
ATOM 467 C CA . GLU B 1 56  ? -17.687 1.498   -13.059 1.00 0.00 ? 57  GLU B CA 1 
ATOM 468 C CA . GLN B 1 57  ? -19.350 1.192   -16.506 1.00 0.00 ? 58  GLN B CA 1 
ATOM 469 C CA . LEU B 1 58  ? -18.127 4.477   -16.487 1.00 0.00 ? 59  LEU B CA 1 
ATOM 470 C CA . ILE B 1 59  ? -14.311 3.676   -16.362 1.00 0.00 ? 60  ILE B CA 1 
ATOM 471 C CA . ALA B 1 60  ? -15.150 1.337   -19.277 1.00 0.00 ? 61  ALA B CA 1 
ATOM 472 C CA . GLY B 1 61  ? -15.610 3.766   -21.531 1.00 0.00 ? 62  GLY B CA 1 
ATOM 473 C CA . ASN B 1 62  ? -13.236 6.637   -21.118 1.00 0.00 ? 63  ASN B CA 1 
ATOM 474 C CA . GLY B 1 63  ? -11.647 8.747   -19.496 1.00 0.00 ? 64  GLY B CA 1 
ATOM 475 C CA . SER B 1 64  ? -9.098  8.849   -21.749 1.00 0.00 ? 65  SER B CA 1 
ATOM 476 C CA . LEU B 1 65  ? -7.327  6.075   -19.520 1.00 0.00 ? 66  LEU B CA 1 
ATOM 477 C CA . ASN B 1 66  ? -3.474  6.276   -18.513 1.00 0.00 ? 67  ASN B CA 1 
ATOM 478 C CA . HIS B 1 67  ? -2.494  3.619   -16.681 1.00 0.00 ? 68  HIS B CA 1 
ATOM 479 C CA . GLU B 1 68  ? 0.158   4.632   -14.747 1.00 0.00 ? 69  GLU B CA 1 
ATOM 480 C CA . TYR B 1 69  ? 2.322   6.360   -12.498 1.00 0.00 ? 70  TYR B CA 1 
ATOM 481 C CA . LEU B 1 70  ? 0.541   8.803   -10.247 1.00 0.00 ? 71  LEU B CA 1 
ATOM 482 C CA . PRO B 1 71  ? 1.037   11.521  -8.831  1.00 0.00 ? 72  PRO B CA 1 
ATOM 483 C CA . ILE B 1 72  ? 2.620   10.061  -5.573  1.00 0.00 ? 73  ILE B CA 1 
ATOM 484 C CA . LEU B 1 73  ? -0.360  11.295  -3.151  1.00 0.00 ? 74  LEU B CA 1 
ATOM 485 C CA . GLY B 1 74  ? -2.145  11.336  -6.009  1.00 0.00 ? 75  GLY B CA 1 
ATOM 486 C CA . LEU B 1 75  ? -5.389  11.084  -7.542  1.00 0.00 ? 76  LEU B CA 1 
ATOM 487 C CA . PRO B 1 76  ? -5.418  15.255  -8.171  1.00 0.00 ? 77  PRO B CA 1 
ATOM 488 C CA . GLU B 1 77  ? -8.994  14.589  -8.276  1.00 0.00 ? 78  GLU B CA 1 
ATOM 489 C CA . PHE B 1 78  ? -9.082  13.347  -4.657  1.00 0.00 ? 79  PHE B CA 1 
ATOM 490 C CA . ARG B 1 79  ? -7.872  15.584  -2.855  1.00 0.00 ? 80  ARG B CA 1 
ATOM 491 C CA . ALA B 1 80  ? -10.076 18.336  -4.431  1.00 0.00 ? 81  ALA B CA 1 
ATOM 492 C CA . ASN B 1 81  ? -12.413 16.545  -3.439  1.00 0.00 ? 82  ASN B CA 1 
ATOM 493 C CA . ALA B 1 82  ? -11.962 13.761  -1.122  1.00 0.00 ? 83  ALA B CA 1 
ATOM 494 C CA . SER B 1 83  ? -11.550 16.816  1.385   1.00 0.00 ? 84  SER B CA 1 
ATOM 495 C CA . ARG B 1 84  ? -14.195 19.112  -0.003  1.00 0.00 ? 85  ARG B CA 1 
ATOM 496 C CA . ILE B 1 85  ? -16.012 16.668  0.905   1.00 0.00 ? 86  ILE B CA 1 
ATOM 497 C CA . ALA B 1 86  ? -15.620 17.309  4.880   1.00 0.00 ? 87  ALA B CA 1 
ATOM 498 C CA . LEU B 1 87  ? -16.010 21.350  4.588   1.00 0.00 ? 88  LEU B CA 1 
ATOM 499 C CA . GLY B 1 88  ? -16.266 23.174  1.180   1.00 0.00 ? 89  GLY B CA 1 
ATOM 500 C CA . ASP B 1 89  ? -18.845 25.379  3.098   1.00 0.00 ? 90  ASP B CA 1 
ATOM 501 C CA . ASP B 1 90  ? -16.077 27.473  3.688   1.00 0.00 ? 91  ASP B CA 1 
ATOM 502 C CA . SER B 1 91  ? -12.872 24.860  4.633   1.00 0.00 ? 92  SER B CA 1 
ATOM 503 C CA . PRO B 1 92  ? -12.319 27.816  6.898   1.00 0.00 ? 93  PRO B CA 1 
ATOM 504 C CA . ALA B 1 93  ? -9.644  26.142  4.812   1.00 0.00 ? 94  ALA B CA 1 
ATOM 505 C CA . ILE B 1 94  ? -9.385  25.484  1.475   1.00 0.00 ? 95  ILE B CA 1 
ATOM 506 C CA . ALA B 1 95  ? -9.647  29.613  1.057   1.00 0.00 ? 96  ALA B CA 1 
ATOM 507 C CA . GLN B 1 96  ? -6.483  29.112  2.779   1.00 0.00 ? 97  GLN B CA 1 
ATOM 508 C CA . LYS B 1 97  ? -3.860  26.401  1.973   1.00 0.00 ? 98  LYS B CA 1 
ATOM 509 C CA . ARG B 1 98  ? -4.594  24.207  5.238   1.00 0.00 ? 99  ARG B CA 1 
ATOM 510 C CA . VAL B 1 99  ? -4.574  21.680  2.267   1.00 0.00 ? 100 VAL B CA 1 
ATOM 511 C CA . GLY B 1 100 ? -3.607  18.031  1.991   1.00 0.00 ? 101 GLY B CA 1 
ATOM 512 C CA . SER B 1 101 ? -2.901  14.501  -0.352  1.00 0.00 ? 102 SER B CA 1 
ATOM 513 C CA . VAL B 1 102 ? -1.945  11.712  1.522   1.00 0.00 ? 103 VAL B CA 1 
ATOM 514 C CA . GLN B 1 103 ? -4.109  9.051   -0.581  1.00 0.00 ? 104 GLN B CA 1 
ATOM 515 C CA . GLY B 1 104 ? -3.260  6.342   1.242   1.00 0.00 ? 105 GLY B CA 1 
ATOM 516 C CA . LEU B 1 105 ? -3.656  2.931   2.123   1.00 0.00 ? 106 LEU B CA 1 
ATOM 517 C CA . GLY B 1 106 ? -6.904  2.962   2.826   1.00 0.00 ? 107 GLY B CA 1 
ATOM 518 C CA . GLY B 1 107 ? -6.592  4.589   5.511   1.00 0.00 ? 108 GLY B CA 1 
ATOM 519 C CA . THR B 1 108 ? -4.027  2.471   6.940   1.00 0.00 ? 109 THR B CA 1 
ATOM 520 C CA . GLY B 1 109 ? -1.541  4.517   5.643   1.00 0.00 ? 110 GLY B CA 1 
ATOM 521 C CA . ALA B 1 110 ? -3.253  7.776   6.635   1.00 0.00 ? 111 ALA B CA 1 
ATOM 522 C CA . LEU B 1 111 ? -2.015  5.966   10.250  1.00 0.00 ? 112 LEU B CA 1 
ATOM 523 C CA . ARG B 1 112 ? 1.202   4.357   8.750   1.00 0.00 ? 113 ARG B CA 1 
ATOM 524 C CA . ILE B 1 113 ? 1.946   7.028   6.608   1.00 0.00 ? 114 ILE B CA 1 
ATOM 525 C CA . GLY B 1 114 ? 1.191   10.675  8.038   1.00 0.00 ? 115 GLY B CA 1 
ATOM 526 C CA . ALA B 1 115 ? 1.800   8.120   10.984  1.00 0.00 ? 116 ALA B CA 1 
ATOM 527 C CA . GLU B 1 116 ? 5.665   8.391   9.693   1.00 0.00 ? 117 GLU B CA 1 
ATOM 528 C CA . PHE B 1 117 ? 6.572   11.344  9.639   1.00 0.00 ? 118 PHE B CA 1 
ATOM 529 C CA . LEU B 1 118 ? 3.885   11.890  12.983  1.00 0.00 ? 119 LEU B CA 1 
ATOM 530 C CA . ARG B 1 119 ? 7.112   10.500  14.789  1.00 0.00 ? 120 ARG B CA 1 
ATOM 531 C CA . ARG B 1 120 ? 9.692   11.473  11.434  1.00 0.00 ? 121 ARG B CA 1 
ATOM 532 C CA . TRP B 1 121 ? 9.116   14.886  11.940  1.00 0.00 ? 122 TRP B CA 1 
ATOM 533 C CA . TYR B 1 122 ? 7.455   16.253  15.461  1.00 0.00 ? 123 TYR B CA 1 
ATOM 534 C CA . ASN B 1 123 ? 7.279   15.463  20.559  1.00 0.00 ? 124 ASN B CA 1 
ATOM 535 C CA . GLY B 1 124 ? 12.803  16.514  17.690  1.00 0.00 ? 125 GLY B CA 1 
ATOM 536 C CA . ASN B 1 125 ? 15.002  14.741  14.430  1.00 0.00 ? 126 ASN B CA 1 
ATOM 537 C CA . ASN B 1 126 ? 13.726  10.923  15.881  1.00 0.00 ? 127 ASN B CA 1 
ATOM 538 C CA . ASN B 1 127 ? 10.783  11.722  19.142  1.00 0.00 ? 128 ASN B CA 1 
ATOM 539 C CA . THR B 1 128 ? 10.083  7.869   20.360  1.00 0.00 ? 129 THR B CA 1 
ATOM 540 C CA . ALA B 1 129 ? 7.892   8.987   23.179  1.00 0.00 ? 130 ALA B CA 1 
ATOM 541 C CA . THR B 1 130 ? 5.945   11.531  22.346  1.00 0.00 ? 131 THR B CA 1 
ATOM 542 C CA . PRO B 1 131 ? 2.605   9.557   23.310  1.00 0.00 ? 132 PRO B CA 1 
ATOM 543 C CA . VAL B 1 132 ? -0.124  7.374   22.698  1.00 0.00 ? 133 VAL B CA 1 
ATOM 544 C CA . TYR B 1 133 ? -3.271  8.405   23.558  1.00 0.00 ? 134 TYR B CA 1 
ATOM 545 C CA . VAL B 1 134 ? -5.961  5.662   22.600  1.00 0.00 ? 135 VAL B CA 1 
ATOM 546 C CA . SER B 1 135 ? -9.077  4.307   23.270  1.00 0.00 ? 136 SER B CA 1 
ATOM 547 C CA . SER B 1 136 ? -10.177 2.404   25.738  1.00 0.00 ? 137 SER B CA 1 
ATOM 548 C CA . PRO B 1 137 ? -11.314 0.441   22.625  1.00 0.00 ? 138 PRO B CA 1 
ATOM 549 C CA . THR B 1 138 ? -8.925  1.832   20.310  1.00 0.00 ? 139 THR B CA 1 
ATOM 550 C CA . TRP B 1 139 ? -9.241  -0.691  17.635  1.00 0.00 ? 140 TRP B CA 1 
ATOM 551 C CA . GLU B 1 140 ? -6.650  -2.959  16.787  1.00 0.00 ? 141 GLU B CA 1 
ATOM 552 C CA . ASN B 1 141 ? -4.525  -1.165  14.641  1.00 0.00 ? 142 ASN B CA 1 
ATOM 553 C CA . HIS B 1 142 ? -3.751  2.018   16.812  1.00 0.00 ? 143 HIS B CA 1 
ATOM 554 C CA . ASN B 1 143 ? -0.741  0.365   18.848  1.00 0.00 ? 144 ASN B CA 1 
ATOM 555 C CA . SER B 1 144 ? 0.255   -1.571  16.002  1.00 0.00 ? 145 SER B CA 1 
ATOM 556 C CA . VAL B 1 145 ? 0.822   1.680   13.923  1.00 0.00 ? 146 VAL B CA 1 
ATOM 557 C CA . PHE B 1 146 ? 2.536   3.103   16.615  1.00 0.00 ? 147 PHE B CA 1 
ATOM 558 C CA . MET B 1 147 ? 4.740   0.351   18.192  1.00 0.00 ? 148 MET B CA 1 
ATOM 559 C CA . ASP B 1 148 ? 5.716   0.492   14.234  1.00 0.00 ? 149 ASP B CA 1 
ATOM 560 C CA . ALA B 1 149 ? 6.960   3.440   13.884  1.00 0.00 ? 150 ALA B CA 1 
ATOM 561 C CA . GLY B 1 150 ? 8.530   4.067   16.828  1.00 0.00 ? 151 GLY B CA 1 
ATOM 562 C CA . PHE B 1 151 ? 5.917   3.920   19.144  1.00 0.00 ? 152 PHE B CA 1 
ATOM 563 C CA . LYS B 1 152 ? 6.716   3.092   22.992  1.00 0.00 ? 153 LYS B CA 1 
ATOM 564 C CA . ASP B 1 153 ? 3.928   5.388   25.078  1.00 0.00 ? 154 ASP B CA 1 
ATOM 565 C CA . ILE B 1 154 ? 0.799   3.164   24.825  1.00 0.00 ? 155 ILE B CA 1 
ATOM 566 C CA . ARG B 1 155 ? -1.779  5.369   26.742  1.00 0.00 ? 156 ARG B CA 1 
ATOM 567 C CA . THR B 1 156 ? -5.067  4.434   26.426  1.00 0.00 ? 157 THR B CA 1 
ATOM 568 C CA . TYR B 1 157 ? -8.296  7.038   26.709  1.00 0.00 ? 158 TYR B CA 1 
ATOM 569 C CA . ARG B 1 158 ? -11.301 6.195   28.942  1.00 0.00 ? 159 ARG B CA 1 
ATOM 570 C CA . TYR B 1 159 ? -14.445 5.507   27.525  1.00 0.00 ? 160 TYR B CA 1 
ATOM 571 C CA . TRP B 1 160 ? -16.429 2.480   27.865  1.00 0.00 ? 161 TRP B CA 1 
ATOM 572 C CA . ASP B 1 161 ? -18.933 2.802   31.083  1.00 0.00 ? 162 ASP B CA 1 
ATOM 573 C CA . ALA B 1 162 ? -20.296 -0.464  30.782  1.00 0.00 ? 163 ALA B CA 1 
ATOM 574 C CA . ALA B 1 163 ? -22.038 0.532   33.495  1.00 0.00 ? 164 ALA B CA 1 
ATOM 575 C CA . LYS B 1 164 ? -24.324 3.418   31.299  1.00 0.00 ? 165 LYS B CA 1 
ATOM 576 C CA . ARG B 1 165 ? -22.999 2.986   27.926  1.00 0.00 ? 166 ARG B CA 1 
ATOM 577 C CA . GLY B 1 166 ? -20.988 5.685   28.016  1.00 0.00 ? 167 GLY B CA 1 
ATOM 578 C CA . LEU B 1 167 ? -18.701 7.919   29.006  1.00 0.00 ? 168 LEU B CA 1 
ATOM 579 C CA . ASP B 1 168 ? -15.762 7.730   30.876  1.00 0.00 ? 169 ASP B CA 1 
ATOM 580 C CA . LEU B 1 169 ? -16.484 11.617  29.830  1.00 0.00 ? 170 LEU B CA 1 
ATOM 581 C CA . GLN B 1 170 ? -15.291 12.337  33.090  1.00 0.00 ? 171 GLN B CA 1 
ATOM 582 C CA . GLY B 1 171 ? -12.428 10.022  32.011  1.00 0.00 ? 172 GLY B CA 1 
ATOM 583 C CA . LEU B 1 172 ? -11.483 11.157  28.860  1.00 0.00 ? 173 LEU B CA 1 
ATOM 584 C CA . LEU B 1 173 ? -11.846 14.062  30.331  1.00 0.00 ? 174 LEU B CA 1 
ATOM 585 C CA . SER B 1 174 ? -9.181  14.001  32.956  1.00 0.00 ? 175 SER B CA 1 
ATOM 586 C CA . ASP B 1 175 ? -7.400  11.558  30.706  1.00 0.00 ? 176 ASP B CA 1 
ATOM 587 C CA . MET B 1 176 ? -6.027  14.470  29.045  1.00 0.00 ? 177 MET B CA 1 
ATOM 588 C CA . GLU B 1 177 ? -5.744  16.505  31.824  1.00 0.00 ? 178 GLU B CA 1 
ATOM 589 C CA . LYS B 1 178 ? -4.102  13.521  32.994  1.00 0.00 ? 179 LYS B CA 1 
ATOM 590 C CA . ALA B 1 179 ? -2.543  14.186  30.451  1.00 0.00 ? 180 ALA B CA 1 
ATOM 591 C CA . PRO B 1 180 ? 0.811   13.951  28.614  1.00 0.00 ? 181 PRO B CA 1 
ATOM 592 C CA . GLU B 1 181 ? 1.920   17.265  27.123  1.00 0.00 ? 182 GLU B CA 1 
ATOM 593 C CA . PHE B 1 182 ? 2.370   16.738  23.596  1.00 0.00 ? 183 PHE B CA 1 
ATOM 594 C CA . SER B 1 183 ? 0.524   14.455  22.227  1.00 0.00 ? 184 SER B CA 1 
ATOM 595 C CA . ILE B 1 184 ? -1.259  12.215  20.793  1.00 0.00 ? 185 ILE B CA 1 
ATOM 596 C CA . PHE B 1 185 ? -4.960  11.303  19.765  1.00 0.00 ? 186 PHE B CA 1 
ATOM 597 C CA . ILE B 1 186 ? -6.711  8.619   18.375  1.00 0.00 ? 187 ILE B CA 1 
ATOM 598 C CA . LEU B 1 187 ? -9.319  10.986  18.016  1.00 0.00 ? 188 LEU B CA 1 
ATOM 599 C CA . HIS B 1 188 ? -12.792 9.219   16.788  1.00 0.00 ? 189 HIS B CA 1 
ATOM 600 C CA . ALA B 1 189 ? -14.980 10.694  14.193  1.00 0.00 ? 190 ALA B CA 1 
ATOM 601 C CA . CYS B 1 190 ? -18.434 9.601   12.975  1.00 0.00 ? 191 CYS B CA 1 
ATOM 602 C CA . ALA B 1 191 ? -18.560 6.302   14.674  1.00 0.00 ? 192 ALA B CA 1 
ATOM 603 C CA . HIS B 1 192 ? -17.207 3.711   17.240  1.00 0.00 ? 193 HIS B CA 1 
ATOM 604 C CA . ASN B 1 193 ? -14.831 1.180   16.624  1.00 0.00 ? 194 ASN B CA 1 
ATOM 605 C CA . PRO B 1 194 ? -15.175 -0.317  19.971  1.00 0.00 ? 195 PRO B CA 1 
ATOM 606 C CA . THR B 1 195 ? -18.374 0.991   20.967  1.00 0.00 ? 196 THR B CA 1 
ATOM 607 C CA . GLY B 1 196 ? -20.593 3.458   19.181  1.00 0.00 ? 197 GLY B CA 1 
ATOM 608 C CA . THR B 1 197 ? -19.756 4.866   22.241  1.00 0.00 ? 198 THR B CA 1 
ATOM 609 C CA . ASP B 1 198 ? -19.803 8.160   19.893  1.00 0.00 ? 199 ASP B CA 1 
ATOM 610 C CA . PRO B 1 199 ? -20.995 11.315  21.649  1.00 0.00 ? 200 PRO B CA 1 
ATOM 611 C CA . THR B 1 200 ? -21.689 14.916  21.695  1.00 0.00 ? 201 THR B CA 1 
ATOM 612 C CA . PRO B 1 201 ? -21.975 17.858  20.279  1.00 0.00 ? 202 PRO B CA 1 
ATOM 613 C CA . ASP B 1 202 ? -21.588 19.847  22.975  1.00 0.00 ? 203 ASP B CA 1 
ATOM 614 C CA . GLU B 1 203 ? -18.719 17.238  24.214  1.00 0.00 ? 204 GLU B CA 1 
ATOM 615 C CA . TRP B 1 204 ? -16.664 17.543  21.292  1.00 0.00 ? 205 TRP B CA 1 
ATOM 616 C CA . LYS B 1 205 ? -17.290 21.276  22.596  1.00 0.00 ? 206 LYS B CA 1 
ATOM 617 C CA . GLN B 1 206 ? -15.385 19.529  25.349  1.00 0.00 ? 207 GLN B CA 1 
ATOM 618 C CA . ILE B 1 207 ? -12.133 17.014  24.363  1.00 0.00 ? 208 ILE B CA 1 
ATOM 619 C CA . ALA B 1 208 ? -12.147 20.334  22.381  1.00 0.00 ? 209 ALA B CA 1 
ATOM 620 C CA . ALA B 1 209 ? -10.869 22.579  24.255  1.00 0.00 ? 210 ALA B CA 1 
ATOM 621 C CA . VAL B 1 210 ? -9.186  20.562  26.443  1.00 0.00 ? 211 VAL B CA 1 
ATOM 622 C CA . MET B 1 211 ? -7.285  18.782  23.982  1.00 0.00 ? 212 MET B CA 1 
ATOM 623 C CA . LYS B 1 212 ? -6.665  21.881  22.952  1.00 0.00 ? 213 LYS B CA 1 
ATOM 624 C CA . ARG B 1 213 ? -5.587  23.684  25.741  1.00 0.00 ? 214 ARG B CA 1 
ATOM 625 C CA . ARG B 1 214 ? -2.928  21.000  25.302  1.00 0.00 ? 215 ARG B CA 1 
ATOM 626 C CA . CYS B 1 215 ? -0.963  20.196  22.631  1.00 0.00 ? 216 CYS B CA 1 
ATOM 627 C CA . LEU B 1 216 ? -2.841  17.425  21.366  1.00 0.00 ? 217 LEU B CA 1 
ATOM 628 C CA . PHE B 1 217 ? -4.187  15.553  18.422  1.00 0.00 ? 218 PHE B CA 1 
ATOM 629 C CA . PRO B 1 218 ? -6.189  15.331  15.794  1.00 0.00 ? 219 PRO B CA 1 
ATOM 630 C CA . PHE B 1 219 ? -6.585  11.796  15.490  1.00 0.00 ? 220 PHE B CA 1 
ATOM 631 C CA . PHE B 1 220 ? -8.766  11.257  12.936  1.00 0.00 ? 221 PHE B CA 1 
ATOM 632 C CA . ASP B 1 221 ? -10.842 8.896   11.914  1.00 0.00 ? 222 ASP B CA 1 
ATOM 633 C CA . SER B 1 222 ? -12.643 9.160   9.034   1.00 0.00 ? 223 SER B CA 1 
ATOM 634 C CA . ALA B 1 223 ? -14.266 5.755   8.849   1.00 0.00 ? 224 ALA B CA 1 
ATOM 635 C CA . TYR B 1 224 ? -17.837 5.603   9.731   1.00 0.00 ? 225 TYR B CA 1 
ATOM 636 C CA . GLN B 1 225 ? -18.630 7.877   6.723   1.00 0.00 ? 226 GLN B CA 1 
ATOM 637 C CA . GLY B 1 226 ? -22.638 8.548   6.786   1.00 0.00 ? 227 GLY B CA 1 
ATOM 638 C CA . PHE B 1 227 ? -23.386 5.487   9.128   1.00 0.00 ? 228 PHE B CA 1 
ATOM 639 C CA . ALA B 1 228 ? -24.209 7.811   11.628  1.00 0.00 ? 229 ALA B CA 1 
ATOM 640 C CA . SER B 1 229 ? -26.754 9.547   9.170   1.00 0.00 ? 230 SER B CA 1 
ATOM 641 C CA . GLY B 1 230 ? -26.755 11.120  5.845   1.00 0.00 ? 231 GLY B CA 1 
ATOM 642 C CA . ASN B 1 231 ? -24.603 13.337  6.689   1.00 0.00 ? 232 ASN B CA 1 
ATOM 643 C CA . LEU B 1 232 ? -22.159 13.485  4.521   1.00 0.00 ? 233 LEU B CA 1 
ATOM 644 C CA . GLU B 1 233 ? -22.695 16.002  6.338   1.00 0.00 ? 234 GLU B CA 1 
ATOM 645 C CA . LYS B 1 234 ? -23.320 16.097  9.551   1.00 0.00 ? 235 LYS B CA 1 
ATOM 646 C CA . ASP B 1 235 ? -20.761 13.465  9.993   1.00 0.00 ? 236 ASP B CA 1 
ATOM 647 C CA . ALA B 1 236 ? -21.117 16.299  11.736  1.00 0.00 ? 237 ALA B CA 1 
ATOM 648 C CA . TRP B 1 237 ? -19.165 18.580  13.683  1.00 0.00 ? 238 TRP B CA 1 
ATOM 649 C CA . ALA B 1 238 ? -16.017 17.672  14.009  1.00 0.00 ? 239 ALA B CA 1 
ATOM 650 C CA . VAL B 1 239 ? -14.039 17.693  11.601  1.00 0.00 ? 240 VAL B CA 1 
ATOM 651 C CA . ARG B 1 240 ? -14.202 21.466  11.822  1.00 0.00 ? 241 ARG B CA 1 
ATOM 652 C CA . TYR B 1 241 ? -15.126 22.868  14.690  1.00 0.00 ? 242 TYR B CA 1 
ATOM 653 C CA . PHE B 1 242 ? -11.611 22.017  14.951  1.00 0.00 ? 243 PHE B CA 1 
ATOM 654 C CA . VAL B 1 243 ? -10.882 23.820  11.886  1.00 0.00 ? 244 VAL B CA 1 
ATOM 655 C CA . SER B 1 244 ? -12.365 26.348  13.864  1.00 0.00 ? 245 SER B CA 1 
ATOM 656 C CA . GLU B 1 245 ? -11.025 25.965  17.302  1.00 0.00 ? 246 GLU B CA 1 
ATOM 657 C CA . GLY B 1 246 ? -7.694  26.529  15.361  1.00 0.00 ? 247 GLY B CA 1 
ATOM 658 C CA . PHE B 1 247 ? -6.089  23.474  15.502  1.00 0.00 ? 248 PHE B CA 1 
ATOM 659 C CA . GLU B 1 248 ? -3.498  22.398  12.326  1.00 0.00 ? 249 GLU B CA 1 
ATOM 660 C CA . LEU B 1 249 ? -5.161  18.700  13.159  1.00 0.00 ? 250 LEU B CA 1 
ATOM 661 C CA . PHE B 1 250 ? -4.222  15.335  11.791  1.00 0.00 ? 251 PHE B CA 1 
ATOM 662 C CA . CYS B 1 251 ? -6.089  13.692  9.267   1.00 0.00 ? 252 CYS B CA 1 
ATOM 663 C CA . ALA B 1 252 ? -7.792  10.342  7.940   1.00 0.00 ? 253 ALA B CA 1 
ATOM 664 C CA . GLN B 1 253 ? -9.660  7.767   5.563   1.00 0.00 ? 254 GLN B CA 1 
ATOM 665 C CA . SER B 1 254 ? -11.912 5.862   3.418   1.00 0.00 ? 255 SER B CA 1 
ATOM 666 C CA . PHE B 1 255 ? -14.387 4.270   1.421   1.00 0.00 ? 256 PHE B CA 1 
ATOM 667 C CA . SER B 1 256 ? -14.658 1.105   3.225   1.00 0.00 ? 257 SER B CA 1 
ATOM 668 C CA . LYS B 1 257 ? -17.787 1.836   3.581   1.00 0.00 ? 258 LYS B CA 1 
ATOM 669 C CA . ASN B 1 258 ? -19.365 4.864   2.348   1.00 0.00 ? 259 ASN B CA 1 
ATOM 670 C CA . PHE B 1 259 ? -18.717 3.038   -0.612  1.00 0.00 ? 260 PHE B CA 1 
ATOM 671 C CA . GLY B 1 260 ? -17.410 -0.145  -0.858  1.00 0.00 ? 261 GLY B CA 1 
ATOM 672 C CA . LEU B 1 261 ? -13.899 -0.455  -0.543  1.00 0.00 ? 262 LEU B CA 1 
ATOM 673 C CA . TYR B 1 262 ? -11.732 -2.771  0.194   1.00 0.00 ? 263 TYR B CA 1 
ATOM 674 C CA . ASN B 1 263 ? -10.872 -4.217  -2.610  1.00 0.00 ? 264 ASN B CA 1 
ATOM 675 C CA . GLU B 1 264 ? -8.885  -0.843  -3.811  1.00 0.00 ? 265 GLU B CA 1 
ATOM 676 C CA . ARG B 1 265 ? -7.603  0.985   -0.804  1.00 0.00 ? 266 ARG B CA 1 
ATOM 677 C CA . VAL B 1 266 ? -9.476  4.601   0.273   1.00 0.00 ? 267 VAL B CA 1 
ATOM 678 C CA . GLY B 1 267 ? -7.885  7.641   1.749   1.00 0.00 ? 268 GLY B CA 1 
ATOM 679 C CA . ASN B 1 268 ? -7.337  10.206  4.213   1.00 0.00 ? 269 ASN B CA 1 
ATOM 680 C CA . LEU B 1 269 ? -4.056  11.717  4.445   1.00 0.00 ? 270 LEU B CA 1 
ATOM 681 C CA . SER B 1 270 ? -5.576  15.108  5.249   1.00 0.00 ? 271 SER B CA 1 
ATOM 682 C CA . VAL B 1 271 ? -3.392  18.319  6.176   1.00 0.00 ? 272 VAL B CA 1 
ATOM 683 C CA . VAL B 1 272 ? -5.093  20.583  8.385   1.00 0.00 ? 273 VAL B CA 1 
ATOM 684 C CA . GLY B 1 273 ? -2.469  22.812  9.081   1.00 0.00 ? 274 GLY B CA 1 
ATOM 685 C CA . LYS B 1 274 ? -2.252  26.962  9.312   1.00 0.00 ? 275 LYS B CA 1 
ATOM 686 C CA . ASP B 1 275 ? -0.140  27.887  6.243   1.00 0.00 ? 276 ASP B CA 1 
ATOM 687 C CA . GLU B 1 276 ? 0.482   26.817  2.516   1.00 0.00 ? 277 GLU B CA 1 
ATOM 688 C CA . ASP B 1 277 ? 3.702   26.004  4.237   1.00 0.00 ? 278 ASP B CA 1 
ATOM 689 C CA . ASN B 1 278 ? 2.761   22.687  5.583   1.00 0.00 ? 279 ASN B CA 1 
ATOM 690 C CA . VAL B 1 279 ? 0.870   21.843  2.955   1.00 0.00 ? 280 VAL B CA 1 
ATOM 691 C CA . GLN B 1 280 ? 3.882   23.120  1.183   1.00 0.00 ? 281 GLN B CA 1 
ATOM 692 C CA . ARG B 1 281 ? 5.797   21.143  3.160   1.00 0.00 ? 282 ARG B CA 1 
ATOM 693 C CA . VAL B 1 282 ? 4.609   18.007  4.694   1.00 0.00 ? 283 VAL B CA 1 
ATOM 694 C CA . LEU B 1 283 ? 3.655   16.752  1.308   1.00 0.00 ? 284 LEU B CA 1 
ATOM 695 C CA . SER B 1 284 ? 7.424   17.549  1.224   1.00 0.00 ? 285 SER B CA 1 
ATOM 696 C CA . GLN B 1 285 ? 7.972   14.364  3.519   1.00 0.00 ? 286 GLN B CA 1 
ATOM 697 C CA . MET B 1 286 ? 4.931   12.193  1.974   1.00 0.00 ? 287 MET B CA 1 
ATOM 698 C CA . GLU B 1 287 ? 7.073   11.742  -0.907  1.00 0.00 ? 288 GLU B CA 1 
ATOM 699 C CA . LYS B 1 288 ? 9.851   11.059  1.718   1.00 0.00 ? 289 LYS B CA 1 
ATOM 700 C CA . ILE B 1 289 ? 8.229   8.204   2.383   1.00 0.00 ? 290 ILE B CA 1 
ATOM 701 C CA . VAL B 1 290 ? 5.701   6.888   0.523   1.00 0.00 ? 291 VAL B CA 1 
ATOM 702 C CA . ARG B 1 291 ? 8.968   6.397   -1.732  1.00 0.00 ? 292 ARG B CA 1 
ATOM 703 C CA . THR B 1 292 ? 10.059  4.208   1.002   1.00 0.00 ? 293 THR B CA 1 
ATOM 704 C CA . THR B 1 293 ? 6.974   2.409   1.714   1.00 0.00 ? 294 THR B CA 1 
ATOM 705 C CA . TRP B 1 294 ? 5.092   1.919   -0.977  1.00 0.00 ? 295 TRP B CA 1 
ATOM 706 C CA . SER B 1 295 ? 5.398   4.480   -3.789  1.00 0.00 ? 296 SER B CA 1 
ATOM 707 C CA . ASN B 1 296 ? 2.095   4.699   -4.272  1.00 0.00 ? 297 ASN B CA 1 
ATOM 708 C CA . PRO B 1 297 ? -0.978  5.422   -5.438  1.00 0.00 ? 298 PRO B CA 1 
ATOM 709 C CA . PRO B 1 298 ? -3.515  2.819   -7.089  1.00 0.00 ? 299 PRO B CA 1 
ATOM 710 C CA . SER B 1 299 ? -5.869  4.259   -9.400  1.00 0.00 ? 300 SER B CA 1 
ATOM 711 C CA . GLN B 1 300 ? -9.382  2.707   -9.421  1.00 0.00 ? 301 GLN B CA 1 
ATOM 712 C CA . GLY B 1 301 ? -10.735 3.972   -6.291  1.00 0.00 ? 302 GLY B CA 1 
ATOM 713 C CA . ALA B 1 302 ? -9.474  6.698   -6.619  1.00 0.00 ? 303 ALA B CA 1 
ATOM 714 C CA . ARG B 1 303 ? -11.739 7.810   -9.224  1.00 0.00 ? 304 ARG B CA 1 
ATOM 715 C CA . ILE B 1 304 ? -15.079 5.837   -8.260  1.00 0.00 ? 305 ILE B CA 1 
ATOM 716 C CA . VAL B 1 305 ? -14.386 8.267   -5.901  1.00 0.00 ? 306 VAL B CA 1 
ATOM 717 C CA . ALA B 1 306 ? -14.076 11.343  -7.727  1.00 0.00 ? 307 ALA B CA 1 
ATOM 718 C CA . THR B 1 307 ? -16.651 11.118  -9.986  1.00 0.00 ? 308 THR B CA 1 
ATOM 719 C CA . THR B 1 308 ? -19.063 10.526  -7.775  1.00 0.00 ? 309 THR B CA 1 
ATOM 720 C CA . LEU B 1 309 ? -18.335 13.285  -6.570  1.00 0.00 ? 310 LEU B CA 1 
ATOM 721 C CA . THR B 1 310 ? -17.866 14.949  -9.519  1.00 0.00 ? 311 THR B CA 1 
ATOM 722 C CA . SER B 1 311 ? -21.134 14.564  -11.009 1.00 0.00 ? 312 SER B CA 1 
ATOM 723 C CA . PRO B 1 312 ? -23.977 16.240  -8.777  1.00 0.00 ? 313 PRO B CA 1 
ATOM 724 C CA . GLN B 1 313 ? -24.751 13.179  -9.761  1.00 0.00 ? 314 GLN B CA 1 
ATOM 725 C CA . LEU B 1 314 ? -22.386 11.126  -7.230  1.00 0.00 ? 315 LEU B CA 1 
ATOM 726 C CA . PHE B 1 315 ? -23.818 12.953  -5.054  1.00 0.00 ? 316 PHE B CA 1 
ATOM 727 C CA . ALA B 1 316 ? -26.970 12.459  -5.558  1.00 0.00 ? 317 ALA B CA 1 
ATOM 728 C CA . GLU B 1 317 ? -26.188 9.034   -5.708  1.00 0.00 ? 318 GLU B CA 1 
ATOM 729 C CA . TRP B 1 318 ? -23.585 8.849   -3.545  1.00 0.00 ? 319 TRP B CA 1 
ATOM 730 C CA . LYS B 1 319 ? -25.676 9.531   -0.611  1.00 0.00 ? 320 LYS B CA 1 
ATOM 731 C CA . ASP B 1 320 ? -28.913 7.770   -1.914  1.00 0.00 ? 321 ASP B CA 1 
ATOM 732 C CA . ASN B 1 321 ? -27.024 4.864   -3.116  1.00 0.00 ? 322 ASN B CA 1 
ATOM 733 C CA . VAL B 1 322 ? -26.336 5.590   0.586   1.00 0.00 ? 323 VAL B CA 1 
ATOM 734 C CA . LYS B 1 323 ? -28.455 7.105   3.278   1.00 0.00 ? 324 LYS B CA 1 
ATOM 735 C CA . THR B 1 324 ? -29.873 3.645   2.789   1.00 0.00 ? 325 THR B CA 1 
ATOM 736 C CA . MET B 1 325 ? -27.099 2.492   5.088   1.00 0.00 ? 326 MET B CA 1 
ATOM 737 C CA . ALA B 1 326 ? -28.945 3.028   7.696   1.00 0.00 ? 327 ALA B CA 1 
ATOM 738 C CA . ASP B 1 327 ? -31.942 4.618   6.729   1.00 0.00 ? 328 ASP B CA 1 
ATOM 739 C CA . ARG B 1 328 ? -31.948 0.847   6.654   1.00 0.00 ? 329 ARG B CA 1 
ATOM 740 C CA . VAL B 1 329 ? -30.375 -0.505  9.504   1.00 0.00 ? 330 VAL B CA 1 
ATOM 741 C CA . LEU B 1 330 ? -31.663 0.804   12.571  1.00 0.00 ? 331 LEU B CA 1 
ATOM 742 C CA . LEU B 1 331 ? -34.402 -1.272  11.551  1.00 0.00 ? 332 LEU B CA 1 
ATOM 743 C CA . MET B 1 332 ? -32.465 -3.587  13.160  1.00 0.00 ? 333 MET B CA 1 
ATOM 744 C CA . ARG B 1 333 ? -32.327 -2.348  16.192  1.00 0.00 ? 334 ARG B CA 1 
ATOM 745 C CA . SER B 1 334 ? -35.808 -1.896  16.633  1.00 0.00 ? 335 SER B CA 1 
ATOM 746 C CA . GLU B 1 335 ? -36.141 -5.006  15.268  1.00 0.00 ? 336 GLU B CA 1 
ATOM 747 C CA . LEU B 1 336 ? -34.559 -6.509  17.866  1.00 0.00 ? 337 LEU B CA 1 
ATOM 748 C CA . ARG B 1 337 ? -34.992 -4.846  20.931  1.00 0.00 ? 338 ARG B CA 1 
ATOM 749 C CA . SER B 1 338 ? -38.601 -5.999  20.931  1.00 0.00 ? 339 SER B CA 1 
ATOM 750 C CA . ARG B 1 339 ? -37.970 -8.836  19.616  1.00 0.00 ? 340 ARG B CA 1 
ATOM 751 C CA . LEU B 1 340 ? -35.773 -9.451  22.338  1.00 0.00 ? 341 LEU B CA 1 
ATOM 752 C CA . GLU B 1 341 ? -36.602 -6.550  24.754  1.00 0.00 ? 342 GLU B CA 1 
ATOM 753 C CA . SER B 1 342 ? -38.794 -9.184  23.742  1.00 0.00 ? 343 SER B CA 1 
ATOM 754 C CA . LEU B 1 343 ? -38.105 -10.481 26.688  1.00 0.00 ? 344 LEU B CA 1 
ATOM 755 C CA . GLY B 1 344 ? -37.871 -10.069 30.034  1.00 0.00 ? 345 GLY B CA 1 
ATOM 756 C CA . THR B 1 345 ? -34.380 -10.368 27.821  1.00 0.00 ? 346 THR B CA 1 
ATOM 757 C CA . PRO B 1 346 ? -32.417 -9.125  30.323  1.00 0.00 ? 347 PRO B CA 1 
ATOM 758 C CA . GLY B 1 347 ? -31.616 -5.967  31.402  1.00 0.00 ? 348 GLY B CA 1 
ATOM 759 C CA . THR B 1 348 ? -31.394 -3.068  29.681  1.00 0.00 ? 349 THR B CA 1 
ATOM 760 C CA . TRP B 1 349 ? -31.468 -3.331  26.439  1.00 0.00 ? 350 TRP B CA 1 
ATOM 761 C CA . ASN B 1 350 ? -30.840 0.122   25.347  1.00 0.00 ? 351 ASN B CA 1 
ATOM 762 C CA . HIS B 1 351 ? -27.761 1.024   24.646  1.00 0.00 ? 352 HIS B CA 1 
ATOM 763 C CA . ILE B 1 352 ? -28.608 0.656   21.029  1.00 0.00 ? 353 ILE B CA 1 
ATOM 764 C CA . THR B 1 353 ? -31.349 2.420   19.810  1.00 0.00 ? 354 THR B CA 1 
ATOM 765 C CA . ASP B 1 354 ? -29.110 4.388   20.885  1.00 0.00 ? 355 ASP B CA 1 
ATOM 766 C CA . GLN B 1 355 ? -25.523 3.386   20.171  1.00 0.00 ? 356 GLN B CA 1 
ATOM 767 C CA . ILE B 1 356 ? -25.717 4.321   16.846  1.00 0.00 ? 357 ILE B CA 1 
ATOM 768 C CA . GLY B 1 357 ? -23.438 2.450   14.069  1.00 0.00 ? 358 GLY B CA 1 
ATOM 769 C CA . MET B 1 358 ? -21.894 0.001   11.891  1.00 0.00 ? 359 MET B CA 1 
ATOM 770 C CA . PHE B 1 359 ? -22.548 -1.439  14.968  1.00 0.00 ? 360 PHE B CA 1 
ATOM 771 C CA . SER B 1 360 ? -22.988 -2.456  18.861  1.00 0.00 ? 361 SER B CA 1 
ATOM 772 C CA . PHE B 1 361 ? -20.692 -2.495  22.075  1.00 0.00 ? 362 PHE B CA 1 
ATOM 773 C CA . THR B 1 362 ? -22.878 -6.008  22.668  1.00 0.00 ? 363 THR B CA 1 
ATOM 774 C CA . GLY B 1 363 ? -23.726 -6.612  25.650  1.00 0.00 ? 364 GLY B CA 1 
ATOM 775 C CA . LEU B 1 364 ? -21.303 -9.685  26.282  1.00 0.00 ? 365 LEU B CA 1 
ATOM 776 C CA . ASN B 1 365 ? -20.094 -12.266 27.767  1.00 0.00 ? 366 ASN B CA 1 
ATOM 777 C CA . PRO B 1 366 ? -16.404 -14.245 27.115  1.00 0.00 ? 367 PRO B CA 1 
ATOM 778 C CA . LYS B 1 367 ? -17.734 -17.405 27.707  1.00 0.00 ? 368 LYS B CA 1 
ATOM 779 C CA . GLN B 1 368 ? -21.168 -15.924 26.070  1.00 0.00 ? 369 GLN B CA 1 
ATOM 780 C CA . VAL B 1 369 ? -19.197 -15.406 23.053  1.00 0.00 ? 370 VAL B CA 1 
ATOM 781 C CA . GLU B 1 370 ? -18.759 -19.182 23.261  1.00 0.00 ? 371 GLU B CA 1 
ATOM 782 C CA . TYR B 1 371 ? -22.545 -20.688 23.471  1.00 0.00 ? 372 TYR B CA 1 
ATOM 783 C CA . MET B 1 372 ? -22.432 -18.256 20.848  1.00 0.00 ? 373 MET B CA 1 
ATOM 784 C CA . ILE B 1 373 ? -20.064 -20.414 18.438  1.00 0.00 ? 374 ILE B CA 1 
ATOM 785 C CA . LYS B 1 374 ? -19.849 -23.877 18.793  1.00 0.00 ? 375 LYS B CA 1 
ATOM 786 C CA . GLU B 1 375 ? -22.762 -23.771 19.725  1.00 0.00 ? 376 GLU B CA 1 
ATOM 787 C CA . LYS B 1 376 ? -24.011 -21.101 18.260  1.00 0.00 ? 377 LYS B CA 1 
ATOM 788 C CA . HIS B 1 377 ? -22.837 -19.890 14.763  1.00 0.00 ? 378 HIS B CA 1 
ATOM 789 C CA . ILE B 1 378 ? -21.744 -17.420 16.765  1.00 0.00 ? 379 ILE B CA 1 
ATOM 790 C CA . TYR B 1 379 ? -18.988 -15.386 15.100  1.00 0.00 ? 380 TYR B CA 1 
ATOM 791 C CA . LEU B 1 380 ? -19.145 -13.301 18.259  1.00 0.00 ? 381 LEU B CA 1 
ATOM 792 C CA . MET B 1 381 ? -16.441 -11.250 18.913  1.00 0.00 ? 382 MET B CA 1 
ATOM 793 C CA . ALA B 1 382 ? -14.472 -11.515 21.644  1.00 0.00 ? 383 ALA B CA 1 
ATOM 794 C CA . SER B 1 383 ? -16.201 -8.966  22.763  1.00 0.00 ? 384 SER B CA 1 
ATOM 795 C CA . GLY B 1 384 ? -19.662 -7.538  21.693  1.00 0.00 ? 385 GLY B CA 1 
ATOM 796 C CA . ARG B 1 385 ? -19.152 -6.975  18.345  1.00 0.00 ? 386 ARG B CA 1 
ATOM 797 C CA . ILE B 1 386 ? -22.638 -6.612  17.463  1.00 0.00 ? 387 ILE B CA 1 
ATOM 798 C CA . ASN B 1 387 ? -22.869 -6.598  13.781  1.00 0.00 ? 388 ASN B CA 1 
ATOM 799 C CA . MET B 1 388 ? -25.930 -3.996  13.917  1.00 0.00 ? 389 MET B CA 1 
ATOM 800 C CA . CYS B 1 389 ? -25.305 -5.023  10.851  1.00 0.00 ? 390 CYS B CA 1 
ATOM 801 C CA . GLY B 1 390 ? -26.012 -8.501  10.275  1.00 0.00 ? 391 GLY B CA 1 
ATOM 802 C CA . LEU B 1 391 ? -29.247 -8.656  10.862  1.00 0.00 ? 392 LEU B CA 1 
ATOM 803 C CA . THR B 1 392 ? -31.562 -9.673  8.634   1.00 0.00 ? 393 THR B CA 1 
ATOM 804 C CA . THR B 1 393 ? -34.757 -9.917  9.200   1.00 0.00 ? 394 THR B CA 1 
ATOM 805 C CA . LYS B 1 394 ? -34.455 -13.204 9.449   1.00 0.00 ? 395 LYS B CA 1 
ATOM 806 C CA . ASN B 1 395 ? -31.063 -13.122 11.013  1.00 0.00 ? 396 ASN B CA 1 
ATOM 807 C CA . LEU B 1 396 ? -33.109 -12.140 13.726  1.00 0.00 ? 397 LEU B CA 1 
ATOM 808 C CA . ASP B 1 397 ? -34.172 -15.030 16.184  1.00 0.00 ? 398 ASP B CA 1 
ATOM 809 C CA . TYR B 1 398 ? -31.052 -17.047 16.038  1.00 0.00 ? 399 TYR B CA 1 
ATOM 810 C CA . VAL B 1 399 ? -30.728 -14.293 17.464  1.00 0.00 ? 400 VAL B CA 1 
ATOM 811 C CA . ALA B 1 400 ? -31.315 -12.894 20.036  1.00 0.00 ? 401 ALA B CA 1 
ATOM 812 C CA . LYS B 1 401 ? -32.071 -16.434 21.254  1.00 0.00 ? 402 LYS B CA 1 
ATOM 813 C CA . SER B 1 402 ? -29.041 -17.660 20.931  1.00 0.00 ? 403 SER B CA 1 
ATOM 814 C CA . ILE B 1 403 ? -28.485 -14.740 23.332  1.00 0.00 ? 404 ILE B CA 1 
ATOM 815 C CA . HIS B 1 404 ? -31.549 -15.236 25.429  1.00 0.00 ? 405 HIS B CA 1 
ATOM 816 C CA . GLU B 1 405 ? -29.933 -17.769 27.354  1.00 0.00 ? 406 GLU B CA 1 
ATOM 817 C CA . ALA B 1 406 ? -26.485 -17.314 26.400  1.00 0.00 ? 407 ALA B CA 1 
ATOM 818 C CA . VAL B 1 407 ? -27.705 -15.064 29.394  1.00 0.00 ? 408 VAL B CA 1 
ATOM 819 C CA . THR B 1 408 ? -30.404 -17.410 31.059  1.00 0.00 ? 409 THR B CA 1 
ATOM 820 C CA . LYS B 1 409 ? -27.616 -19.964 31.156  1.00 0.00 ? 410 LYS B CA 1 
ATOM 821 C CA . ILE B 1 410 ? -23.980 -18.837 30.065  1.00 0.00 ? 411 ILE B CA 1 
ATOM 822 C CA . GLN B 1 411 ? -23.464 -16.760 32.634  1.00 0.00 ? 412 GLN B CA 1 
# 
loop_
_pdbx_poly_seq_scheme.asym_id 
_pdbx_poly_seq_scheme.entity_id 
_pdbx_poly_seq_scheme.seq_id 
_pdbx_poly_seq_scheme.mon_id 
_pdbx_poly_seq_scheme.ndb_seq_num 
_pdbx_poly_seq_scheme.pdb_seq_num 
_pdbx_poly_seq_scheme.auth_seq_num 
_pdbx_poly_seq_scheme.pdb_mon_id 
_pdbx_poly_seq_scheme.auth_mon_id 
_pdbx_poly_seq_scheme.pdb_strand_id 
_pdbx_poly_seq_scheme.pdb_ins_code 
_pdbx_poly_seq_scheme.hetero 
A 1 1   ALA 1   2   2   ALA ALA A . n 
A 1 2   ALA 2   3   3   ALA ALA A . n 
A 1 3   SER 3   4   4   SER SER A . n 
A 1 4   ILE 4   5   5   ILE ILE A . n 
A 1 5   PHE 5   6   6   PHE PHE A . n 
A 1 6   ALA 6   7   7   ALA ALA A . n 
A 1 7   ALA 7   8   8   ALA ALA A . n 
A 1 8   VAL 8   9   9   VAL VAL A . n 
A 1 9   PRO 9   10  10  PRO PRO A . n 
A 1 10  ARG 10  11  11  ARG ARG A . n 
A 1 11  ALA 11  12  12  ALA ALA A . n 
A 1 12  PRO 12  13  13  PRO PRO A . n 
A 1 13  PRO 13  14  14  PRO PRO A . n 
A 1 14  VAL 14  15  15  VAL VAL A . n 
A 1 15  ALA 15  16  16  ALA ALA A . n 
A 1 16  VAL 16  17  17  VAL VAL A . n 
A 1 17  PHE 17  18  18  PHE PHE A . n 
A 1 18  LYS 18  19  19  LYS LYS A . n 
A 1 19  LEU 19  20  20  LEU LEU A . n 
A 1 20  THR 20  21  21  THR THR A . n 
A 1 21  ALA 21  22  22  ALA ALA A . n 
A 1 22  ASP 22  23  23  ASP ASP A . n 
A 1 23  PHE 23  24  24  PHE PHE A . n 
A 1 24  ARG 24  25  25  ARG ARG A . n 
A 1 25  GLU 25  26  26  GLU GLU A . n 
A 1 26  ASP 26  27  27  ASP ASP A . n 
A 1 27  GLY 27  28  28  GLY GLY A . n 
A 1 28  ASP 28  29  29  ASP ASP A . n 
A 1 29  SER 29  30  30  SER SER A . n 
A 1 30  ARG 30  31  31  ARG ARG A . n 
A 1 31  LYS 31  32  32  LYS LYS A . n 
A 1 32  VAL 32  33  33  VAL VAL A . n 
A 1 33  ASN 33  34  34  ASN ASN A . n 
A 1 34  LEU 34  35  35  LEU LEU A . n 
A 1 35  GLY 35  36  36  GLY GLY A . n 
A 1 36  VAL 36  37  37  VAL VAL A . n 
A 1 37  GLY 37  38  38  GLY GLY A . n 
A 1 38  ALA 38  39  39  ALA ALA A . n 
A 1 39  TYR 39  40  40  TYR TYR A . n 
A 1 40  ARG 40  41  41  ARG ARG A . n 
A 1 41  THR 41  42  42  THR THR A . n 
A 1 42  ASP 42  43  43  ASP ASP A . n 
A 1 43  GLU 43  44  44  GLU GLU A . n 
A 1 44  GLY 44  45  45  GLY GLY A . n 
A 1 45  GLN 45  46  46  GLN GLN A . n 
A 1 46  PRO 46  47  47  PRO PRO A . n 
A 1 47  TRP 47  48  48  TRP TRP A . n 
A 1 48  VAL 48  49  49  VAL VAL A . n 
A 1 49  LEU 49  50  50  LEU LEU A . n 
A 1 50  PRO 50  51  51  PRO PRO A . n 
A 1 51  VAL 51  52  52  VAL VAL A . n 
A 1 52  VAL 52  53  53  VAL VAL A . n 
A 1 53  ARG 53  54  54  ARG ARG A . n 
A 1 54  LYS 54  55  55  LYS LYS A . n 
A 1 55  VAL 55  56  56  VAL VAL A . n 
A 1 56  GLU 56  57  57  GLU GLU A . n 
A 1 57  GLN 57  58  58  GLN GLN A . n 
A 1 58  LEU 58  59  59  LEU LEU A . n 
A 1 59  ILE 59  60  60  ILE ILE A . n 
A 1 60  ALA 60  61  61  ALA ALA A . n 
A 1 61  GLY 61  62  62  GLY GLY A . n 
A 1 62  ASN 62  63  63  ASN ASN A . n 
A 1 63  GLY 63  64  64  GLY GLY A . n 
A 1 64  SER 64  65  65  SER SER A . n 
A 1 65  LEU 65  66  66  LEU LEU A . n 
A 1 66  ASN 66  67  67  ASN ASN A . n 
A 1 67  HIS 67  68  68  HIS HIS A . n 
A 1 68  GLU 68  69  69  GLU GLU A . n 
A 1 69  TYR 69  70  70  TYR TYR A . n 
A 1 70  LEU 70  71  71  LEU LEU A . n 
A 1 71  PRO 71  72  72  PRO PRO A . n 
A 1 72  ILE 72  73  73  ILE ILE A . n 
A 1 73  LEU 73  74  74  LEU LEU A . n 
A 1 74  GLY 74  75  75  GLY GLY A . n 
A 1 75  LEU 75  76  76  LEU LEU A . n 
A 1 76  PRO 76  77  77  PRO PRO A . n 
A 1 77  GLU 77  78  78  GLU GLU A . n 
A 1 78  PHE 78  79  79  PHE PHE A . n 
A 1 79  ARG 79  80  80  ARG ARG A . n 
A 1 80  ALA 80  81  81  ALA ALA A . n 
A 1 81  ASN 81  82  82  ASN ASN A . n 
A 1 82  ALA 82  83  83  ALA ALA A . n 
A 1 83  SER 83  84  84  SER SER A . n 
A 1 84  ARG 84  85  85  ARG ARG A . n 
A 1 85  ILE 85  86  86  ILE ILE A . n 
A 1 86  ALA 86  87  87  ALA ALA A . n 
A 1 87  LEU 87  88  88  LEU LEU A . n 
A 1 88  GLY 88  89  89  GLY GLY A . n 
A 1 89  ASP 89  90  90  ASP ASP A . n 
A 1 90  ASP 90  91  91  ASP ASP A . n 
A 1 91  SER 91  92  92  SER SER A . n 
A 1 92  PRO 92  93  93  PRO PRO A . n 
A 1 93  ALA 93  94  94  ALA ALA A . n 
A 1 94  ILE 94  95  95  ILE ILE A . n 
A 1 95  ALA 95  96  96  ALA ALA A . n 
A 1 96  GLN 96  97  97  GLN GLN A . n 
A 1 97  LYS 97  98  98  LYS LYS A . n 
A 1 98  ARG 98  99  99  ARG ARG A . n 
A 1 99  VAL 99  100 100 VAL VAL A . n 
A 1 100 GLY 100 101 101 GLY GLY A . n 
A 1 101 SER 101 102 102 SER SER A . n 
A 1 102 VAL 102 103 103 VAL VAL A . n 
A 1 103 GLN 103 104 104 GLN GLN A . n 
A 1 104 GLY 104 105 105 GLY GLY A . n 
A 1 105 LEU 105 106 106 LEU LEU A . n 
A 1 106 GLY 106 107 107 GLY GLY A . n 
A 1 107 GLY 107 108 108 GLY GLY A . n 
A 1 108 THR 108 109 109 THR THR A . n 
A 1 109 GLY 109 110 110 GLY GLY A . n 
A 1 110 ALA 110 111 111 ALA ALA A . n 
A 1 111 LEU 111 112 112 LEU LEU A . n 
A 1 112 ARG 112 113 113 ARG ARG A . n 
A 1 113 ILE 113 114 114 ILE ILE A . n 
A 1 114 GLY 114 115 115 GLY GLY A . n 
A 1 115 ALA 115 116 116 ALA ALA A . n 
A 1 116 GLU 116 117 117 GLU GLU A . n 
A 1 117 PHE 117 118 118 PHE PHE A . n 
A 1 118 LEU 118 119 119 LEU LEU A . n 
A 1 119 ARG 119 120 120 ARG ARG A . n 
A 1 120 ARG 120 121 121 ARG ARG A . n 
A 1 121 TRP 121 122 122 TRP TRP A . n 
A 1 122 TYR 122 123 123 TYR TYR A . n 
A 1 123 ASN 123 124 124 ASN ASN A . n 
A 1 124 GLY 124 125 125 GLY GLY A . n 
A 1 125 ASN 125 126 126 ASN ASN A . n 
A 1 126 ASN 126 127 127 ASN ASN A . n 
A 1 127 ASN 127 128 128 ASN ASN A . n 
A 1 128 THR 128 129 129 THR THR A . n 
A 1 129 ALA 129 130 130 ALA ALA A . n 
A 1 130 THR 130 131 131 THR THR A . n 
A 1 131 PRO 131 132 132 PRO PRO A . n 
A 1 132 VAL 132 133 133 VAL VAL A . n 
A 1 133 TYR 133 134 134 TYR TYR A . n 
A 1 134 VAL 134 135 135 VAL VAL A . n 
A 1 135 SER 135 136 136 SER SER A . n 
A 1 136 SER 136 137 137 SER SER A . n 
A 1 137 PRO 137 138 138 PRO PRO A . n 
A 1 138 THR 138 139 139 THR THR A . n 
A 1 139 TRP 139 140 140 TRP TRP A . n 
A 1 140 GLU 140 141 141 GLU GLU A . n 
A 1 141 ASN 141 142 142 ASN ASN A . n 
A 1 142 HIS 142 143 143 HIS HIS A . n 
A 1 143 ASN 143 144 144 ASN ASN A . n 
A 1 144 SER 144 145 145 SER SER A . n 
A 1 145 VAL 145 146 146 VAL VAL A . n 
A 1 146 PHE 146 147 147 PHE PHE A . n 
A 1 147 MET 147 148 148 MET MET A . n 
A 1 148 ASP 148 149 149 ASP ASP A . n 
A 1 149 ALA 149 150 150 ALA ALA A . n 
A 1 150 GLY 150 151 151 GLY GLY A . n 
A 1 151 PHE 151 152 152 PHE PHE A . n 
A 1 152 LYS 152 153 153 LYS LYS A . n 
A 1 153 ASP 153 154 154 ASP ASP A . n 
A 1 154 ILE 154 155 155 ILE ILE A . n 
A 1 155 ARG 155 156 156 ARG ARG A . n 
A 1 156 THR 156 157 157 THR THR A . n 
A 1 157 TYR 157 158 158 TYR TYR A . n 
A 1 158 ARG 158 159 159 ARG ARG A . n 
A 1 159 TYR 159 160 160 TYR TYR A . n 
A 1 160 TRP 160 161 161 TRP TRP A . n 
A 1 161 ASP 161 162 162 ASP ASP A . n 
A 1 162 ALA 162 163 163 ALA ALA A . n 
A 1 163 ALA 163 164 164 ALA ALA A . n 
A 1 164 LYS 164 165 165 LYS LYS A . n 
A 1 165 ARG 165 166 166 ARG ARG A . n 
A 1 166 GLY 166 167 167 GLY GLY A . n 
A 1 167 LEU 167 168 168 LEU LEU A . n 
A 1 168 ASP 168 169 169 ASP ASP A . n 
A 1 169 LEU 169 170 170 LEU LEU A . n 
A 1 170 GLN 170 171 171 GLN GLN A . n 
A 1 171 GLY 171 172 172 GLY GLY A . n 
A 1 172 LEU 172 173 173 LEU LEU A . n 
A 1 173 LEU 173 174 174 LEU LEU A . n 
A 1 174 SER 174 175 175 SER SER A . n 
A 1 175 ASP 175 176 176 ASP ASP A . n 
A 1 176 MET 176 177 177 MET MET A . n 
A 1 177 GLU 177 178 178 GLU GLU A . n 
A 1 178 LYS 178 179 179 LYS LYS A . n 
A 1 179 ALA 179 180 180 ALA ALA A . n 
A 1 180 PRO 180 181 181 PRO PRO A . n 
A 1 181 GLU 181 182 182 GLU GLU A . n 
A 1 182 PHE 182 183 183 PHE PHE A . n 
A 1 183 SER 183 184 184 SER SER A . n 
A 1 184 ILE 184 185 185 ILE ILE A . n 
A 1 185 PHE 185 186 186 PHE PHE A . n 
A 1 186 ILE 186 187 187 ILE ILE A . n 
A 1 187 LEU 187 188 188 LEU LEU A . n 
A 1 188 HIS 188 189 189 HIS HIS A . n 
A 1 189 ALA 189 190 190 ALA ALA A . n 
A 1 190 CYS 190 191 191 CYS CYS A . n 
A 1 191 ALA 191 192 192 ALA ALA A . n 
A 1 192 HIS 192 193 193 HIS HIS A . n 
A 1 193 ASN 193 194 194 ASN ASN A . n 
A 1 194 PRO 194 195 195 PRO PRO A . n 
A 1 195 THR 195 196 196 THR THR A . n 
A 1 196 GLY 196 197 197 GLY GLY A . n 
A 1 197 THR 197 198 198 THR THR A . n 
A 1 198 ASP 198 199 199 ASP ASP A . n 
A 1 199 PRO 199 200 200 PRO PRO A . n 
A 1 200 THR 200 201 201 THR THR A . n 
A 1 201 PRO 201 202 202 PRO PRO A . n 
A 1 202 ASP 202 203 203 ASP ASP A . n 
A 1 203 GLU 203 204 204 GLU GLU A . n 
A 1 204 TRP 204 205 205 TRP TRP A . n 
A 1 205 LYS 205 206 206 LYS LYS A . n 
A 1 206 GLN 206 207 207 GLN GLN A . n 
A 1 207 ILE 207 208 208 ILE ILE A . n 
A 1 208 ALA 208 209 209 ALA ALA A . n 
A 1 209 ALA 209 210 210 ALA ALA A . n 
A 1 210 VAL 210 211 211 VAL VAL A . n 
A 1 211 MET 211 212 212 MET MET A . n 
A 1 212 LYS 212 213 213 LYS LYS A . n 
A 1 213 ARG 213 214 214 ARG ARG A . n 
A 1 214 ARG 214 215 215 ARG ARG A . n 
A 1 215 CYS 215 216 216 CYS CYS A . n 
A 1 216 LEU 216 217 217 LEU LEU A . n 
A 1 217 PHE 217 218 218 PHE PHE A . n 
A 1 218 PRO 218 219 219 PRO PRO A . n 
A 1 219 PHE 219 220 220 PHE PHE A . n 
A 1 220 PHE 220 221 221 PHE PHE A . n 
A 1 221 ASP 221 222 222 ASP ASP A . n 
A 1 222 SER 222 223 223 SER SER A . n 
A 1 223 ALA 223 224 224 ALA ALA A . n 
A 1 224 TYR 224 225 225 TYR TYR A . n 
A 1 225 GLN 225 226 226 GLN GLN A . n 
A 1 226 GLY 226 227 227 GLY GLY A . n 
A 1 227 PHE 227 228 228 PHE PHE A . n 
A 1 228 ALA 228 229 229 ALA ALA A . n 
A 1 229 SER 229 230 230 SER SER A . n 
A 1 230 GLY 230 231 231 GLY GLY A . n 
A 1 231 ASN 231 232 232 ASN ASN A . n 
A 1 232 LEU 232 233 233 LEU LEU A . n 
A 1 233 GLU 233 234 234 GLU GLU A . n 
A 1 234 LYS 234 235 235 LYS LYS A . n 
A 1 235 ASP 235 236 236 ASP ASP A . n 
A 1 236 ALA 236 237 237 ALA ALA A . n 
A 1 237 TRP 237 238 238 TRP TRP A . n 
A 1 238 ALA 238 239 239 ALA ALA A . n 
A 1 239 VAL 239 240 240 VAL VAL A . n 
A 1 240 ARG 240 241 241 ARG ARG A . n 
A 1 241 TYR 241 242 242 TYR TYR A . n 
A 1 242 PHE 242 243 243 PHE PHE A . n 
A 1 243 VAL 243 244 244 VAL VAL A . n 
A 1 244 SER 244 245 245 SER SER A . n 
A 1 245 GLU 245 246 246 GLU GLU A . n 
A 1 246 GLY 246 247 247 GLY GLY A . n 
A 1 247 PHE 247 248 248 PHE PHE A . n 
A 1 248 GLU 248 249 249 GLU GLU A . n 
A 1 249 LEU 249 250 250 LEU LEU A . n 
A 1 250 PHE 250 251 251 PHE PHE A . n 
A 1 251 CYS 251 252 252 CYS CYS A . n 
A 1 252 ALA 252 253 253 ALA ALA A . n 
A 1 253 GLN 253 254 254 GLN GLN A . n 
A 1 254 SER 254 255 255 SER SER A . n 
A 1 255 PHE 255 256 256 PHE PHE A . n 
A 1 256 SER 256 257 257 SER SER A . n 
A 1 257 LYS 257 258 258 LYS LYS A . n 
A 1 258 ASN 258 259 259 ASN ASN A . n 
A 1 259 PHE 259 260 260 PHE PHE A . n 
A 1 260 GLY 260 261 261 GLY GLY A . n 
A 1 261 LEU 261 262 262 LEU LEU A . n 
A 1 262 TYR 262 263 263 TYR TYR A . n 
A 1 263 ASN 263 264 264 ASN ASN A . n 
A 1 264 GLU 264 265 265 GLU GLU A . n 
A 1 265 ARG 265 266 266 ARG ARG A . n 
A 1 266 VAL 266 267 267 VAL VAL A . n 
A 1 267 GLY 267 268 268 GLY GLY A . n 
A 1 268 ASN 268 269 269 ASN ASN A . n 
A 1 269 LEU 269 270 270 LEU LEU A . n 
A 1 270 SER 270 271 271 SER SER A . n 
A 1 271 VAL 271 272 272 VAL VAL A . n 
A 1 272 VAL 272 273 273 VAL VAL A . n 
A 1 273 GLY 273 274 274 GLY GLY A . n 
A 1 274 LYS 274 275 275 LYS LYS A . n 
A 1 275 ASP 275 276 276 ASP ASP A . n 
A 1 276 GLU 276 277 277 GLU GLU A . n 
A 1 277 ASP 277 278 278 ASP ASP A . n 
A 1 278 ASN 278 279 279 ASN ASN A . n 
A 1 279 VAL 279 280 280 VAL VAL A . n 
A 1 280 GLN 280 281 281 GLN GLN A . n 
A 1 281 ARG 281 282 282 ARG ARG A . n 
A 1 282 VAL 282 283 283 VAL VAL A . n 
A 1 283 LEU 283 284 284 LEU LEU A . n 
A 1 284 SER 284 285 285 SER SER A . n 
A 1 285 GLN 285 286 286 GLN GLN A . n 
A 1 286 MET 286 287 287 MET MET A . n 
A 1 287 GLU 287 288 288 GLU GLU A . n 
A 1 288 LYS 288 289 289 LYS LYS A . n 
A 1 289 ILE 289 290 290 ILE ILE A . n 
A 1 290 VAL 290 291 291 VAL VAL A . n 
A 1 291 ARG 291 292 292 ARG ARG A . n 
A 1 292 THR 292 293 293 THR THR A . n 
A 1 293 THR 293 294 294 THR THR A . n 
A 1 294 TRP 294 295 295 TRP TRP A . n 
A 1 295 SER 295 296 296 SER SER A . n 
A 1 296 ASN 296 297 297 ASN ASN A . n 
A 1 297 PRO 297 298 298 PRO PRO A . n 
A 1 298 PRO 298 299 299 PRO PRO A . n 
A 1 299 SER 299 300 300 SER SER A . n 
A 1 300 GLN 300 301 301 GLN GLN A . n 
A 1 301 GLY 301 302 302 GLY GLY A . n 
A 1 302 ALA 302 303 303 ALA ALA A . n 
A 1 303 ARG 303 304 304 ARG ARG A . n 
A 1 304 ILE 304 305 305 ILE ILE A . n 
A 1 305 VAL 305 306 306 VAL VAL A . n 
A 1 306 ALA 306 307 307 ALA ALA A . n 
A 1 307 THR 307 308 308 THR THR A . n 
A 1 308 THR 308 309 309 THR THR A . n 
A 1 309 LEU 309 310 310 LEU LEU A . n 
A 1 310 THR 310 311 311 THR THR A . n 
A 1 311 SER 311 312 312 SER SER A . n 
A 1 312 PRO 312 313 313 PRO PRO A . n 
A 1 313 GLN 313 314 314 GLN GLN A . n 
A 1 314 LEU 314 315 315 LEU LEU A . n 
A 1 315 PHE 315 316 316 PHE PHE A . n 
A 1 316 ALA 316 317 317 ALA ALA A . n 
A 1 317 GLU 317 318 318 GLU GLU A . n 
A 1 318 TRP 318 319 319 TRP TRP A . n 
A 1 319 LYS 319 320 320 LYS LYS A . n 
A 1 320 ASP 320 321 321 ASP ASP A . n 
A 1 321 ASN 321 322 322 ASN ASN A . n 
A 1 322 VAL 322 323 323 VAL VAL A . n 
A 1 323 LYS 323 324 324 LYS LYS A . n 
A 1 324 THR 324 325 325 THR THR A . n 
A 1 325 MET 325 326 326 MET MET A . n 
A 1 326 ALA 326 327 327 ALA ALA A . n 
A 1 327 ASP 327 328 328 ASP ASP A . n 
A 1 328 ARG 328 329 329 ARG ARG A . n 
A 1 329 VAL 329 330 330 VAL VAL A . n 
A 1 330 LEU 330 331 331 LEU LEU A . n 
A 1 331 LEU 331 332 332 LEU LEU A . n 
A 1 332 MET 332 333 333 MET MET A . n 
A 1 333 ARG 333 334 334 ARG ARG A . n 
A 1 334 SER 334 335 335 SER SER A . n 
A 1 335 GLU 335 336 336 GLU GLU A . n 
A 1 336 LEU 336 337 337 LEU LEU A . n 
A 1 337 ARG 337 338 338 ARG ARG A . n 
A 1 338 SER 338 339 339 SER SER A . n 
A 1 339 ARG 339 340 340 ARG ARG A . n 
A 1 340 LEU 340 341 341 LEU LEU A . n 
A 1 341 GLU 341 342 342 GLU GLU A . n 
A 1 342 SER 342 343 343 SER SER A . n 
A 1 343 LEU 343 344 344 LEU LEU A . n 
A 1 344 GLY 344 345 345 GLY GLY A . n 
A 1 345 THR 345 346 346 THR THR A . n 
A 1 346 PRO 346 347 347 PRO PRO A . n 
A 1 347 GLY 347 348 348 GLY GLY A . n 
A 1 348 THR 348 349 349 THR THR A . n 
A 1 349 TRP 349 350 350 TRP TRP A . n 
A 1 350 ASN 350 351 351 ASN ASN A . n 
A 1 351 HIS 351 352 352 HIS HIS A . n 
A 1 352 ILE 352 353 353 ILE ILE A . n 
A 1 353 THR 353 354 354 THR THR A . n 
A 1 354 ASP 354 355 355 ASP ASP A . n 
A 1 355 GLN 355 356 356 GLN GLN A . n 
A 1 356 ILE 356 357 357 ILE ILE A . n 
A 1 357 GLY 357 358 358 GLY GLY A . n 
A 1 358 MET 358 359 359 MET MET A . n 
A 1 359 PHE 359 360 360 PHE PHE A . n 
A 1 360 SER 360 361 361 SER SER A . n 
A 1 361 PHE 361 362 362 PHE PHE A . n 
A 1 362 THR 362 363 363 THR THR A . n 
A 1 363 GLY 363 364 364 GLY GLY A . n 
A 1 364 LEU 364 365 365 LEU LEU A . n 
A 1 365 ASN 365 366 366 ASN ASN A . n 
A 1 366 PRO 366 367 367 PRO PRO A . n 
A 1 367 LYS 367 368 368 LYS LYS A . n 
A 1 368 GLN 368 369 369 GLN GLN A . n 
A 1 369 VAL 369 370 370 VAL VAL A . n 
A 1 370 GLU 370 371 371 GLU GLU A . n 
A 1 371 TYR 371 372 372 TYR TYR A . n 
A 1 372 MET 372 373 373 MET MET A . n 
A 1 373 ILE 373 374 374 ILE ILE A . n 
A 1 374 LYS 374 375 375 LYS LYS A . n 
A 1 375 GLU 375 376 376 GLU GLU A . n 
A 1 376 LYS 376 377 377 LYS LYS A . n 
A 1 377 HIS 377 378 378 HIS HIS A . n 
A 1 378 ILE 378 379 379 ILE ILE A . n 
A 1 379 TYR 379 380 380 TYR TYR A . n 
A 1 380 LEU 380 381 381 LEU LEU A . n 
A 1 381 MET 381 382 382 MET MET A . n 
A 1 382 ALA 382 383 383 ALA ALA A . n 
A 1 383 SER 383 384 384 SER SER A . n 
A 1 384 GLY 384 385 385 GLY GLY A . n 
A 1 385 ARG 385 386 386 ARG ARG A . n 
A 1 386 ILE 386 387 387 ILE ILE A . n 
A 1 387 ASN 387 388 388 ASN ASN A . n 
A 1 388 MET 388 389 389 MET MET A . n 
A 1 389 CYS 389 390 390 CYS CYS A . n 
A 1 390 GLY 390 391 391 GLY GLY A . n 
A 1 391 LEU 391 392 392 LEU LEU A . n 
A 1 392 THR 392 393 393 THR THR A . n 
A 1 393 THR 393 394 394 THR THR A . n 
A 1 394 LYS 394 395 395 LYS LYS A . n 
A 1 395 ASN 395 396 396 ASN ASN A . n 
A 1 396 LEU 396 397 397 LEU LEU A . n 
A 1 397 ASP 397 398 398 ASP ASP A . n 
A 1 398 TYR 398 399 399 TYR TYR A . n 
A 1 399 VAL 399 400 400 VAL VAL A . n 
A 1 400 ALA 400 401 401 ALA ALA A . n 
A 1 401 LYS 401 402 402 LYS LYS A . n 
A 1 402 SER 402 403 403 SER SER A . n 
A 1 403 ILE 403 404 404 ILE ILE A . n 
A 1 404 HIS 404 405 405 HIS HIS A . n 
A 1 405 GLU 405 406 406 GLU GLU A . n 
A 1 406 ALA 406 407 407 ALA ALA A . n 
A 1 407 VAL 407 408 408 VAL VAL A . n 
A 1 408 THR 408 409 409 THR THR A . n 
A 1 409 LYS 409 410 410 LYS LYS A . n 
A 1 410 ILE 410 411 411 ILE ILE A . n 
A 1 411 GLN 411 412 412 GLN GLN A . n 
B 1 1   ALA 1   2   2   ALA ALA B . n 
B 1 2   ALA 2   3   3   ALA ALA B . n 
B 1 3   SER 3   4   4   SER SER B . n 
B 1 4   ILE 4   5   5   ILE ILE B . n 
B 1 5   PHE 5   6   6   PHE PHE B . n 
B 1 6   ALA 6   7   7   ALA ALA B . n 
B 1 7   ALA 7   8   8   ALA ALA B . n 
B 1 8   VAL 8   9   9   VAL VAL B . n 
B 1 9   PRO 9   10  10  PRO PRO B . n 
B 1 10  ARG 10  11  11  ARG ARG B . n 
B 1 11  ALA 11  12  12  ALA ALA B . n 
B 1 12  PRO 12  13  13  PRO PRO B . n 
B 1 13  PRO 13  14  14  PRO PRO B . n 
B 1 14  VAL 14  15  15  VAL VAL B . n 
B 1 15  ALA 15  16  16  ALA ALA B . n 
B 1 16  VAL 16  17  17  VAL VAL B . n 
B 1 17  PHE 17  18  18  PHE PHE B . n 
B 1 18  LYS 18  19  19  LYS LYS B . n 
B 1 19  LEU 19  20  20  LEU LEU B . n 
B 1 20  THR 20  21  21  THR THR B . n 
B 1 21  ALA 21  22  22  ALA ALA B . n 
B 1 22  ASP 22  23  23  ASP ASP B . n 
B 1 23  PHE 23  24  24  PHE PHE B . n 
B 1 24  ARG 24  25  25  ARG ARG B . n 
B 1 25  GLU 25  26  26  GLU GLU B . n 
B 1 26  ASP 26  27  27  ASP ASP B . n 
B 1 27  GLY 27  28  28  GLY GLY B . n 
B 1 28  ASP 28  29  29  ASP ASP B . n 
B 1 29  SER 29  30  30  SER SER B . n 
B 1 30  ARG 30  31  31  ARG ARG B . n 
B 1 31  LYS 31  32  32  LYS LYS B . n 
B 1 32  VAL 32  33  33  VAL VAL B . n 
B 1 33  ASN 33  34  34  ASN ASN B . n 
B 1 34  LEU 34  35  35  LEU LEU B . n 
B 1 35  GLY 35  36  36  GLY GLY B . n 
B 1 36  VAL 36  37  37  VAL VAL B . n 
B 1 37  GLY 37  38  38  GLY GLY B . n 
B 1 38  ALA 38  39  39  ALA ALA B . n 
B 1 39  TYR 39  40  40  TYR TYR B . n 
B 1 40  ARG 40  41  41  ARG ARG B . n 
B 1 41  THR 41  42  42  THR THR B . n 
B 1 42  ASP 42  43  43  ASP ASP B . n 
B 1 43  GLU 43  44  44  GLU GLU B . n 
B 1 44  GLY 44  45  45  GLY GLY B . n 
B 1 45  GLN 45  46  46  GLN GLN B . n 
B 1 46  PRO 46  47  47  PRO PRO B . n 
B 1 47  TRP 47  48  48  TRP TRP B . n 
B 1 48  VAL 48  49  49  VAL VAL B . n 
B 1 49  LEU 49  50  50  LEU LEU B . n 
B 1 50  PRO 50  51  51  PRO PRO B . n 
B 1 51  VAL 51  52  52  VAL VAL B . n 
B 1 52  VAL 52  53  53  VAL VAL B . n 
B 1 53  ARG 53  54  54  ARG ARG B . n 
B 1 54  LYS 54  55  55  LYS LYS B . n 
B 1 55  VAL 55  56  56  VAL VAL B . n 
B 1 56  GLU 56  57  57  GLU GLU B . n 
B 1 57  GLN 57  58  58  GLN GLN B . n 
B 1 58  LEU 58  59  59  LEU LEU B . n 
B 1 59  ILE 59  60  60  ILE ILE B . n 
B 1 60  ALA 60  61  61  ALA ALA B . n 
B 1 61  GLY 61  62  62  GLY GLY B . n 
B 1 62  ASN 62  63  63  ASN ASN B . n 
B 1 63  GLY 63  64  64  GLY GLY B . n 
B 1 64  SER 64  65  65  SER SER B . n 
B 1 65  LEU 65  66  66  LEU LEU B . n 
B 1 66  ASN 66  67  67  ASN ASN B . n 
B 1 67  HIS 67  68  68  HIS HIS B . n 
B 1 68  GLU 68  69  69  GLU GLU B . n 
B 1 69  TYR 69  70  70  TYR TYR B . n 
B 1 70  LEU 70  71  71  LEU LEU B . n 
B 1 71  PRO 71  72  72  PRO PRO B . n 
B 1 72  ILE 72  73  73  ILE ILE B . n 
B 1 73  LEU 73  74  74  LEU LEU B . n 
B 1 74  GLY 74  75  75  GLY GLY B . n 
B 1 75  LEU 75  76  76  LEU LEU B . n 
B 1 76  PRO 76  77  77  PRO PRO B . n 
B 1 77  GLU 77  78  78  GLU GLU B . n 
B 1 78  PHE 78  79  79  PHE PHE B . n 
B 1 79  ARG 79  80  80  ARG ARG B . n 
B 1 80  ALA 80  81  81  ALA ALA B . n 
B 1 81  ASN 81  82  82  ASN ASN B . n 
B 1 82  ALA 82  83  83  ALA ALA B . n 
B 1 83  SER 83  84  84  SER SER B . n 
B 1 84  ARG 84  85  85  ARG ARG B . n 
B 1 85  ILE 85  86  86  ILE ILE B . n 
B 1 86  ALA 86  87  87  ALA ALA B . n 
B 1 87  LEU 87  88  88  LEU LEU B . n 
B 1 88  GLY 88  89  89  GLY GLY B . n 
B 1 89  ASP 89  90  90  ASP ASP B . n 
B 1 90  ASP 90  91  91  ASP ASP B . n 
B 1 91  SER 91  92  92  SER SER B . n 
B 1 92  PRO 92  93  93  PRO PRO B . n 
B 1 93  ALA 93  94  94  ALA ALA B . n 
B 1 94  ILE 94  95  95  ILE ILE B . n 
B 1 95  ALA 95  96  96  ALA ALA B . n 
B 1 96  GLN 96  97  97  GLN GLN B . n 
B 1 97  LYS 97  98  98  LYS LYS B . n 
B 1 98  ARG 98  99  99  ARG ARG B . n 
B 1 99  VAL 99  100 100 VAL VAL B . n 
B 1 100 GLY 100 101 101 GLY GLY B . n 
B 1 101 SER 101 102 102 SER SER B . n 
B 1 102 VAL 102 103 103 VAL VAL B . n 
B 1 103 GLN 103 104 104 GLN GLN B . n 
B 1 104 GLY 104 105 105 GLY GLY B . n 
B 1 105 LEU 105 106 106 LEU LEU B . n 
B 1 106 GLY 106 107 107 GLY GLY B . n 
B 1 107 GLY 107 108 108 GLY GLY B . n 
B 1 108 THR 108 109 109 THR THR B . n 
B 1 109 GLY 109 110 110 GLY GLY B . n 
B 1 110 ALA 110 111 111 ALA ALA B . n 
B 1 111 LEU 111 112 112 LEU LEU B . n 
B 1 112 ARG 112 113 113 ARG ARG B . n 
B 1 113 ILE 113 114 114 ILE ILE B . n 
B 1 114 GLY 114 115 115 GLY GLY B . n 
B 1 115 ALA 115 116 116 ALA ALA B . n 
B 1 116 GLU 116 117 117 GLU GLU B . n 
B 1 117 PHE 117 118 118 PHE PHE B . n 
B 1 118 LEU 118 119 119 LEU LEU B . n 
B 1 119 ARG 119 120 120 ARG ARG B . n 
B 1 120 ARG 120 121 121 ARG ARG B . n 
B 1 121 TRP 121 122 122 TRP TRP B . n 
B 1 122 TYR 122 123 123 TYR TYR B . n 
B 1 123 ASN 123 124 124 ASN ASN B . n 
B 1 124 GLY 124 125 125 GLY GLY B . n 
B 1 125 ASN 125 126 126 ASN ASN B . n 
B 1 126 ASN 126 127 127 ASN ASN B . n 
B 1 127 ASN 127 128 128 ASN ASN B . n 
B 1 128 THR 128 129 129 THR THR B . n 
B 1 129 ALA 129 130 130 ALA ALA B . n 
B 1 130 THR 130 131 131 THR THR B . n 
B 1 131 PRO 131 132 132 PRO PRO B . n 
B 1 132 VAL 132 133 133 VAL VAL B . n 
B 1 133 TYR 133 134 134 TYR TYR B . n 
B 1 134 VAL 134 135 135 VAL VAL B . n 
B 1 135 SER 135 136 136 SER SER B . n 
B 1 136 SER 136 137 137 SER SER B . n 
B 1 137 PRO 137 138 138 PRO PRO B . n 
B 1 138 THR 138 139 139 THR THR B . n 
B 1 139 TRP 139 140 140 TRP TRP B . n 
B 1 140 GLU 140 141 141 GLU GLU B . n 
B 1 141 ASN 141 142 142 ASN ASN B . n 
B 1 142 HIS 142 143 143 HIS HIS B . n 
B 1 143 ASN 143 144 144 ASN ASN B . n 
B 1 144 SER 144 145 145 SER SER B . n 
B 1 145 VAL 145 146 146 VAL VAL B . n 
B 1 146 PHE 146 147 147 PHE PHE B . n 
B 1 147 MET 147 148 148 MET MET B . n 
B 1 148 ASP 148 149 149 ASP ASP B . n 
B 1 149 ALA 149 150 150 ALA ALA B . n 
B 1 150 GLY 150 151 151 GLY GLY B . n 
B 1 151 PHE 151 152 152 PHE PHE B . n 
B 1 152 LYS 152 153 153 LYS LYS B . n 
B 1 153 ASP 153 154 154 ASP ASP B . n 
B 1 154 ILE 154 155 155 ILE ILE B . n 
B 1 155 ARG 155 156 156 ARG ARG B . n 
B 1 156 THR 156 157 157 THR THR B . n 
B 1 157 TYR 157 158 158 TYR TYR B . n 
B 1 158 ARG 158 159 159 ARG ARG B . n 
B 1 159 TYR 159 160 160 TYR TYR B . n 
B 1 160 TRP 160 161 161 TRP TRP B . n 
B 1 161 ASP 161 162 162 ASP ASP B . n 
B 1 162 ALA 162 163 163 ALA ALA B . n 
B 1 163 ALA 163 164 164 ALA ALA B . n 
B 1 164 LYS 164 165 165 LYS LYS B . n 
B 1 165 ARG 165 166 166 ARG ARG B . n 
B 1 166 GLY 166 167 167 GLY GLY B . n 
B 1 167 LEU 167 168 168 LEU LEU B . n 
B 1 168 ASP 168 169 169 ASP ASP B . n 
B 1 169 LEU 169 170 170 LEU LEU B . n 
B 1 170 GLN 170 171 171 GLN GLN B . n 
B 1 171 GLY 171 172 172 GLY GLY B . n 
B 1 172 LEU 172 173 173 LEU LEU B . n 
B 1 173 LEU 173 174 174 LEU LEU B . n 
B 1 174 SER 174 175 175 SER SER B . n 
B 1 175 ASP 175 176 176 ASP ASP B . n 
B 1 176 MET 176 177 177 MET MET B . n 
B 1 177 GLU 177 178 178 GLU GLU B . n 
B 1 178 LYS 178 179 179 LYS LYS B . n 
B 1 179 ALA 179 180 180 ALA ALA B . n 
B 1 180 PRO 180 181 181 PRO PRO B . n 
B 1 181 GLU 181 182 182 GLU GLU B . n 
B 1 182 PHE 182 183 183 PHE PHE B . n 
B 1 183 SER 183 184 184 SER SER B . n 
B 1 184 ILE 184 185 185 ILE ILE B . n 
B 1 185 PHE 185 186 186 PHE PHE B . n 
B 1 186 ILE 186 187 187 ILE ILE B . n 
B 1 187 LEU 187 188 188 LEU LEU B . n 
B 1 188 HIS 188 189 189 HIS HIS B . n 
B 1 189 ALA 189 190 190 ALA ALA B . n 
B 1 190 CYS 190 191 191 CYS CYS B . n 
B 1 191 ALA 191 192 192 ALA ALA B . n 
B 1 192 HIS 192 193 193 HIS HIS B . n 
B 1 193 ASN 193 194 194 ASN ASN B . n 
B 1 194 PRO 194 195 195 PRO PRO B . n 
B 1 195 THR 195 196 196 THR THR B . n 
B 1 196 GLY 196 197 197 GLY GLY B . n 
B 1 197 THR 197 198 198 THR THR B . n 
B 1 198 ASP 198 199 199 ASP ASP B . n 
B 1 199 PRO 199 200 200 PRO PRO B . n 
B 1 200 THR 200 201 201 THR THR B . n 
B 1 201 PRO 201 202 202 PRO PRO B . n 
B 1 202 ASP 202 203 203 ASP ASP B . n 
B 1 203 GLU 203 204 204 GLU GLU B . n 
B 1 204 TRP 204 205 205 TRP TRP B . n 
B 1 205 LYS 205 206 206 LYS LYS B . n 
B 1 206 GLN 206 207 207 GLN GLN B . n 
B 1 207 ILE 207 208 208 ILE ILE B . n 
B 1 208 ALA 208 209 209 ALA ALA B . n 
B 1 209 ALA 209 210 210 ALA ALA B . n 
B 1 210 VAL 210 211 211 VAL VAL B . n 
B 1 211 MET 211 212 212 MET MET B . n 
B 1 212 LYS 212 213 213 LYS LYS B . n 
B 1 213 ARG 213 214 214 ARG ARG B . n 
B 1 214 ARG 214 215 215 ARG ARG B . n 
B 1 215 CYS 215 216 216 CYS CYS B . n 
B 1 216 LEU 216 217 217 LEU LEU B . n 
B 1 217 PHE 217 218 218 PHE PHE B . n 
B 1 218 PRO 218 219 219 PRO PRO B . n 
B 1 219 PHE 219 220 220 PHE PHE B . n 
B 1 220 PHE 220 221 221 PHE PHE B . n 
B 1 221 ASP 221 222 222 ASP ASP B . n 
B 1 222 SER 222 223 223 SER SER B . n 
B 1 223 ALA 223 224 224 ALA ALA B . n 
B 1 224 TYR 224 225 225 TYR TYR B . n 
B 1 225 GLN 225 226 226 GLN GLN B . n 
B 1 226 GLY 226 227 227 GLY GLY B . n 
B 1 227 PHE 227 228 228 PHE PHE B . n 
B 1 228 ALA 228 229 229 ALA ALA B . n 
B 1 229 SER 229 230 230 SER SER B . n 
B 1 230 GLY 230 231 231 GLY GLY B . n 
B 1 231 ASN 231 232 232 ASN ASN B . n 
B 1 232 LEU 232 233 233 LEU LEU B . n 
B 1 233 GLU 233 234 234 GLU GLU B . n 
B 1 234 LYS 234 235 235 LYS LYS B . n 
B 1 235 ASP 235 236 236 ASP ASP B . n 
B 1 236 ALA 236 237 237 ALA ALA B . n 
B 1 237 TRP 237 238 238 TRP TRP B . n 
B 1 238 ALA 238 239 239 ALA ALA B . n 
B 1 239 VAL 239 240 240 VAL VAL B . n 
B 1 240 ARG 240 241 241 ARG ARG B . n 
B 1 241 TYR 241 242 242 TYR TYR B . n 
B 1 242 PHE 242 243 243 PHE PHE B . n 
B 1 243 VAL 243 244 244 VAL VAL B . n 
B 1 244 SER 244 245 245 SER SER B . n 
B 1 245 GLU 245 246 246 GLU GLU B . n 
B 1 246 GLY 246 247 247 GLY GLY B . n 
B 1 247 PHE 247 248 248 PHE PHE B . n 
B 1 248 GLU 248 249 249 GLU GLU B . n 
B 1 249 LEU 249 250 250 LEU LEU B . n 
B 1 250 PHE 250 251 251 PHE PHE B . n 
B 1 251 CYS 251 252 252 CYS CYS B . n 
B 1 252 ALA 252 253 253 ALA ALA B . n 
B 1 253 GLN 253 254 254 GLN GLN B . n 
B 1 254 SER 254 255 255 SER SER B . n 
B 1 255 PHE 255 256 256 PHE PHE B . n 
B 1 256 SER 256 257 257 SER SER B . n 
B 1 257 LYS 257 258 258 LYS LYS B . n 
B 1 258 ASN 258 259 259 ASN ASN B . n 
B 1 259 PHE 259 260 260 PHE PHE B . n 
B 1 260 GLY 260 261 261 GLY GLY B . n 
B 1 261 LEU 261 262 262 LEU LEU B . n 
B 1 262 TYR 262 263 263 TYR TYR B . n 
B 1 263 ASN 263 264 264 ASN ASN B . n 
B 1 264 GLU 264 265 265 GLU GLU B . n 
B 1 265 ARG 265 266 266 ARG ARG B . n 
B 1 266 VAL 266 267 267 VAL VAL B . n 
B 1 267 GLY 267 268 268 GLY GLY B . n 
B 1 268 ASN 268 269 269 ASN ASN B . n 
B 1 269 LEU 269 270 270 LEU LEU B . n 
B 1 270 SER 270 271 271 SER SER B . n 
B 1 271 VAL 271 272 272 VAL VAL B . n 
B 1 272 VAL 272 273 273 VAL VAL B . n 
B 1 273 GLY 273 274 274 GLY GLY B . n 
B 1 274 LYS 274 275 275 LYS LYS B . n 
B 1 275 ASP 275 276 276 ASP ASP B . n 
B 1 276 GLU 276 277 277 GLU GLU B . n 
B 1 277 ASP 277 278 278 ASP ASP B . n 
B 1 278 ASN 278 279 279 ASN ASN B . n 
B 1 279 VAL 279 280 280 VAL VAL B . n 
B 1 280 GLN 280 281 281 GLN GLN B . n 
B 1 281 ARG 281 282 282 ARG ARG B . n 
B 1 282 VAL 282 283 283 VAL VAL B . n 
B 1 283 LEU 283 284 284 LEU LEU B . n 
B 1 284 SER 284 285 285 SER SER B . n 
B 1 285 GLN 285 286 286 GLN GLN B . n 
B 1 286 MET 286 287 287 MET MET B . n 
B 1 287 GLU 287 288 288 GLU GLU B . n 
B 1 288 LYS 288 289 289 LYS LYS B . n 
B 1 289 ILE 289 290 290 ILE ILE B . n 
B 1 290 VAL 290 291 291 VAL VAL B . n 
B 1 291 ARG 291 292 292 ARG ARG B . n 
B 1 292 THR 292 293 293 THR THR B . n 
B 1 293 THR 293 294 294 THR THR B . n 
B 1 294 TRP 294 295 295 TRP TRP B . n 
B 1 295 SER 295 296 296 SER SER B . n 
B 1 296 ASN 296 297 297 ASN ASN B . n 
B 1 297 PRO 297 298 298 PRO PRO B . n 
B 1 298 PRO 298 299 299 PRO PRO B . n 
B 1 299 SER 299 300 300 SER SER B . n 
B 1 300 GLN 300 301 301 GLN GLN B . n 
B 1 301 GLY 301 302 302 GLY GLY B . n 
B 1 302 ALA 302 303 303 ALA ALA B . n 
B 1 303 ARG 303 304 304 ARG ARG B . n 
B 1 304 ILE 304 305 305 ILE ILE B . n 
B 1 305 VAL 305 306 306 VAL VAL B . n 
B 1 306 ALA 306 307 307 ALA ALA B . n 
B 1 307 THR 307 308 308 THR THR B . n 
B 1 308 THR 308 309 309 THR THR B . n 
B 1 309 LEU 309 310 310 LEU LEU B . n 
B 1 310 THR 310 311 311 THR THR B . n 
B 1 311 SER 311 312 312 SER SER B . n 
B 1 312 PRO 312 313 313 PRO PRO B . n 
B 1 313 GLN 313 314 314 GLN GLN B . n 
B 1 314 LEU 314 315 315 LEU LEU B . n 
B 1 315 PHE 315 316 316 PHE PHE B . n 
B 1 316 ALA 316 317 317 ALA ALA B . n 
B 1 317 GLU 317 318 318 GLU GLU B . n 
B 1 318 TRP 318 319 319 TRP TRP B . n 
B 1 319 LYS 319 320 320 LYS LYS B . n 
B 1 320 ASP 320 321 321 ASP ASP B . n 
B 1 321 ASN 321 322 322 ASN ASN B . n 
B 1 322 VAL 322 323 323 VAL VAL B . n 
B 1 323 LYS 323 324 324 LYS LYS B . n 
B 1 324 THR 324 325 325 THR THR B . n 
B 1 325 MET 325 326 326 MET MET B . n 
B 1 326 ALA 326 327 327 ALA ALA B . n 
B 1 327 ASP 327 328 328 ASP ASP B . n 
B 1 328 ARG 328 329 329 ARG ARG B . n 
B 1 329 VAL 329 330 330 VAL VAL B . n 
B 1 330 LEU 330 331 331 LEU LEU B . n 
B 1 331 LEU 331 332 332 LEU LEU B . n 
B 1 332 MET 332 333 333 MET MET B . n 
B 1 333 ARG 333 334 334 ARG ARG B . n 
B 1 334 SER 334 335 335 SER SER B . n 
B 1 335 GLU 335 336 336 GLU GLU B . n 
B 1 336 LEU 336 337 337 LEU LEU B . n 
B 1 337 ARG 337 338 338 ARG ARG B . n 
B 1 338 SER 338 339 339 SER SER B . n 
B 1 339 ARG 339 340 340 ARG ARG B . n 
B 1 340 LEU 340 341 341 LEU LEU B . n 
B 1 341 GLU 341 342 342 GLU GLU B . n 
B 1 342 SER 342 343 343 SER SER B . n 
B 1 343 LEU 343 344 344 LEU LEU B . n 
B 1 344 GLY 344 345 345 GLY GLY B . n 
B 1 345 THR 345 346 346 THR THR B . n 
B 1 346 PRO 346 347 347 PRO PRO B . n 
B 1 347 GLY 347 348 348 GLY GLY B . n 
B 1 348 THR 348 349 349 THR THR B . n 
B 1 349 TRP 349 350 350 TRP TRP B . n 
B 1 350 ASN 350 351 351 ASN ASN B . n 
B 1 351 HIS 351 352 352 HIS HIS B . n 
B 1 352 ILE 352 353 353 ILE ILE B . n 
B 1 353 THR 353 354 354 THR THR B . n 
B 1 354 ASP 354 355 355 ASP ASP B . n 
B 1 355 GLN 355 356 356 GLN GLN B . n 
B 1 356 ILE 356 357 357 ILE ILE B . n 
B 1 357 GLY 357 358 358 GLY GLY B . n 
B 1 358 MET 358 359 359 MET MET B . n 
B 1 359 PHE 359 360 360 PHE PHE B . n 
B 1 360 SER 360 361 361 SER SER B . n 
B 1 361 PHE 361 362 362 PHE PHE B . n 
B 1 362 THR 362 363 363 THR THR B . n 
B 1 363 GLY 363 364 364 GLY GLY B . n 
B 1 364 LEU 364 365 365 LEU LEU B . n 
B 1 365 ASN 365 366 366 ASN ASN B . n 
B 1 366 PRO 366 367 367 PRO PRO B . n 
B 1 367 LYS 367 368 368 LYS LYS B . n 
B 1 368 GLN 368 369 369 GLN GLN B . n 
B 1 369 VAL 369 370 370 VAL VAL B . n 
B 1 370 GLU 370 371 371 GLU GLU B . n 
B 1 371 TYR 371 372 372 TYR TYR B . n 
B 1 372 MET 372 373 373 MET MET B . n 
B 1 373 ILE 373 374 374 ILE ILE B . n 
B 1 374 LYS 374 375 375 LYS LYS B . n 
B 1 375 GLU 375 376 376 GLU GLU B . n 
B 1 376 LYS 376 377 377 LYS LYS B . n 
B 1 377 HIS 377 378 378 HIS HIS B . n 
B 1 378 ILE 378 379 379 ILE ILE B . n 
B 1 379 TYR 379 380 380 TYR TYR B . n 
B 1 380 LEU 380 381 381 LEU LEU B . n 
B 1 381 MET 381 382 382 MET MET B . n 
B 1 382 ALA 382 383 383 ALA ALA B . n 
B 1 383 SER 383 384 384 SER SER B . n 
B 1 384 GLY 384 385 385 GLY GLY B . n 
B 1 385 ARG 385 386 386 ARG ARG B . n 
B 1 386 ILE 386 387 387 ILE ILE B . n 
B 1 387 ASN 387 388 388 ASN ASN B . n 
B 1 388 MET 388 389 389 MET MET B . n 
B 1 389 CYS 389 390 390 CYS CYS B . n 
B 1 390 GLY 390 391 391 GLY GLY B . n 
B 1 391 LEU 391 392 392 LEU LEU B . n 
B 1 392 THR 392 393 393 THR THR B . n 
B 1 393 THR 393 394 394 THR THR B . n 
B 1 394 LYS 394 395 395 LYS LYS B . n 
B 1 395 ASN 395 396 396 ASN ASN B . n 
B 1 396 LEU 396 397 397 LEU LEU B . n 
B 1 397 ASP 397 398 398 ASP ASP B . n 
B 1 398 TYR 398 399 399 TYR TYR B . n 
B 1 399 VAL 399 400 400 VAL VAL B . n 
B 1 400 ALA 400 401 401 ALA ALA B . n 
B 1 401 LYS 401 402 402 LYS LYS B . n 
B 1 402 SER 402 403 403 SER SER B . n 
B 1 403 ILE 403 404 404 ILE ILE B . n 
B 1 404 HIS 404 405 405 HIS HIS B . n 
B 1 405 GLU 405 406 406 GLU GLU B . n 
B 1 406 ALA 406 407 407 ALA ALA B . n 
B 1 407 VAL 407 408 408 VAL VAL B . n 
B 1 408 THR 408 409 409 THR THR B . n 
B 1 409 LYS 409 410 410 LYS LYS B . n 
B 1 410 ILE 410 411 411 ILE ILE B . n 
B 1 411 GLN 411 412 412 GLN GLN B . n 
# 
_pdbx_struct_assembly.id                   1 
_pdbx_struct_assembly.details              author_defined_assembly 
_pdbx_struct_assembly.method_details       ? 
_pdbx_struct_assembly.oligomeric_details   dimeric 
_pdbx_struct_assembly.oligomeric_count     2 
# 
_pdbx_struct_assembly_gen.assembly_id       1 
_pdbx_struct_assembly_gen.oper_expression   1 
_pdbx_struct_assembly_gen.asym_id_list      A,B 
# 
_pdbx_struct_oper_list.id                   1 
_pdbx_struct_oper_list.type                 'identity operation' 
_pdbx_struct_oper_list.name                 1_555 
_pdbx_struct_oper_list.symmetry_operation   x,y,z 
_pdbx_struct_oper_list.matrix[1][1]         1.0000000000 
_pdbx_struct_oper_list.matrix[1][2]         0.0000000000 
_pdbx_struct_oper_list.matrix[1][3]         0.0000000000 
_pdbx_struct_oper_list.vector[1]            0.0000000000 
_pdbx_struct_oper_list.matrix[2][1]         0.0000000000 
_pdbx_struct_oper_list.matrix[2][2]         1.0000000000 
_pdbx_struct_oper_list.matrix[2][3]         0.0000000000 
_pdbx_struct_oper_list.vector[2]            0.0000000000 
_pdbx_struct_oper_list.matrix[3][1]         0.0000000000 
_pdbx_struct_oper_list.matrix[3][2]         0.0000000000 
_pdbx_struct_oper_list.matrix[3][3]         1.0000000000 
_pdbx_struct_oper_list.vector[3]            0.0000000000 
# 
loop_
_pdbx_audit_revision_history.ordinal 
_pdbx_audit_revision_history.data_content_type 
_pdbx_audit_revision_history.major_revision 
_pdbx_audit_revision_history.minor_revision 
_pdbx_audit_revision_history.revision_date 
1 'Structure model' 1 0 1982-10-21 
2 'Structure model' 1 1 2008-03-24 
3 'Structure model' 1 2 2011-07-13 
4 'Structure model' 1 3 2023-05-31 
5 'Structure model' 2 0 2023-09-27 
# 
loop_
_pdbx_audit_revision_details.ordinal 
_pdbx_audit_revision_details.revision_ordinal 
_pdbx_audit_revision_details.data_content_type 
_pdbx_audit_revision_details.provider 
_pdbx_audit_revision_details.type 
_pdbx_audit_revision_details.description 
_pdbx_audit_revision_details.details 
1 1 'Structure model' repository 'Initial release' ? ? 
2 5 'Structure model' repository Remediation       ? 
'Coordinates and associated ncs operations (if present) transformed into standard crystal frame' 
# 
loop_
_pdbx_audit_revision_group.ordinal 
_pdbx_audit_revision_group.revision_ordinal 
_pdbx_audit_revision_group.data_content_type 
_pdbx_audit_revision_group.group 
1 2 'Structure model' 'Version format compliance' 
2 3 'Structure model' 'Version format compliance' 
3 4 'Structure model' 'Database references'       
4 4 'Structure model' Other                       
5 5 'Structure model' 'Atomic model'              
6 5 'Structure model' 'Data collection'           
7 5 'Structure model' Other                       
8 5 'Structure model' 'Refinement description'    
# 
loop_
_pdbx_audit_revision_category.ordinal 
_pdbx_audit_revision_category.revision_ordinal 
_pdbx_audit_revision_category.data_content_type 
_pdbx_audit_revision_category.category 
1 4 'Structure model' database_2           
2 4 'Structure model' pdbx_database_status 
3 4 'Structure model' struct_ref_seq_dif   
4 5 'Structure model' atom_site            
5 5 'Structure model' atom_sites           
6 5 'Structure model' chem_comp_atom       
7 5 'Structure model' chem_comp_bond       
8 5 'Structure model' database_PDB_matrix  
9 5 'Structure model' struct_ncs_oper      
# 
loop_
_pdbx_audit_revision_item.ordinal 
_pdbx_audit_revision_item.revision_ordinal 
_pdbx_audit_revision_item.data_content_type 
_pdbx_audit_revision_item.item 
1  4 'Structure model' '_database_2.pdbx_DOI'                  
2  4 'Structure model' '_database_2.pdbx_database_accession'   
3  4 'Structure model' '_pdbx_database_status.process_site'    
4  4 'Structure model' '_struct_ref_seq_dif.details'           
5  5 'Structure model' '_atom_site.Cartn_x'                    
6  5 'Structure model' '_atom_site.Cartn_y'                    
7  5 'Structure model' '_atom_site.Cartn_z'                    
8  5 'Structure model' '_atom_sites.fract_transf_matrix[1][1]' 
9  5 'Structure model' '_atom_sites.fract_transf_matrix[1][2]' 
10 5 'Structure model' '_atom_sites.fract_transf_matrix[1][3]' 
11 5 'Structure model' '_atom_sites.fract_transf_matrix[2][1]' 
12 5 'Structure model' '_atom_sites.fract_transf_matrix[2][2]' 
13 5 'Structure model' '_atom_sites.fract_transf_matrix[2][3]' 
14 5 'Structure model' '_atom_sites.fract_transf_matrix[3][1]' 
15 5 'Structure model' '_atom_sites.fract_transf_matrix[3][2]' 
16 5 'Structure model' '_atom_sites.fract_transf_matrix[3][3]' 
17 5 'Structure model' '_atom_sites.fract_transf_vector[1]'    
18 5 'Structure model' '_atom_sites.fract_transf_vector[2]'    
19 5 'Structure model' '_atom_sites.fract_transf_vector[3]'    
20 5 'Structure model' '_database_PDB_matrix.origx[1][1]'      
21 5 'Structure model' '_database_PDB_matrix.origx[1][2]'      
22 5 'Structure model' '_database_PDB_matrix.origx[1][3]'      
23 5 'Structure model' '_database_PDB_matrix.origx[2][1]'      
24 5 'Structure model' '_database_PDB_matrix.origx[2][2]'      
25 5 'Structure model' '_database_PDB_matrix.origx[2][3]'      
26 5 'Structure model' '_database_PDB_matrix.origx[3][1]'      
27 5 'Structure model' '_database_PDB_matrix.origx[3][2]'      
28 5 'Structure model' '_database_PDB_matrix.origx[3][3]'      
29 5 'Structure model' '_database_PDB_matrix.origx_vector[1]'  
30 5 'Structure model' '_database_PDB_matrix.origx_vector[2]'  
31 5 'Structure model' '_database_PDB_matrix.origx_vector[3]'  
32 5 'Structure model' '_struct_ncs_oper.matrix[1][1]'         
33 5 'Structure model' '_struct_ncs_oper.matrix[1][2]'         
34 5 'Structure model' '_struct_ncs_oper.matrix[1][3]'         
35 5 'Structure model' '_struct_ncs_oper.matrix[2][1]'         
36 5 'Structure model' '_struct_ncs_oper.matrix[2][2]'         
37 5 'Structure model' '_struct_ncs_oper.matrix[2][3]'         
38 5 'Structure model' '_struct_ncs_oper.matrix[3][1]'         
39 5 'Structure model' '_struct_ncs_oper.matrix[3][2]'         
40 5 'Structure model' '_struct_ncs_oper.matrix[3][3]'         
41 5 'Structure model' '_struct_ncs_oper.vector[1]'            
42 5 'Structure model' '_struct_ncs_oper.vector[2]'            
43 5 'Structure model' '_struct_ncs_oper.vector[3]'            
# 
_pdbx_entry_details.entry_id                 1AAT 
_pdbx_entry_details.compound_details         ? 
_pdbx_entry_details.source_details           ? 
_pdbx_entry_details.nonpolymer_details       ? 
_pdbx_entry_details.sequence_details         
;THE RESIDUE NUMBERING IS BASED ON THE SEQUENCE HOMOLOGY
WITH PIG CYTOSOLIC ASPARTATE AMINOTRANSFERASE.  THIS
STRUCTURE IS SIMILAR TO CHICKEN HEART MITOCHONDRIAL AND PIG
HEART CYTOSOLIC ASPARTATE AMINOTRANSFERASE.
;
_pdbx_entry_details.has_ligand_of_interest   ? 
# 
loop_
_chem_comp_atom.comp_id 
_chem_comp_atom.atom_id 
_chem_comp_atom.type_symbol 
_chem_comp_atom.pdbx_aromatic_flag 
_chem_comp_atom.pdbx_stereo_config 
_chem_comp_atom.pdbx_ordinal 
ALA N    N N N 1   
ALA CA   C N S 2   
ALA C    C N N 3   
ALA O    O N N 4   
ALA CB   C N N 5   
ALA OXT  O N N 6   
ALA H    H N N 7   
ALA H2   H N N 8   
ALA HA   H N N 9   
ALA HB1  H N N 10  
ALA HB2  H N N 11  
ALA HB3  H N N 12  
ALA HXT  H N N 13  
ARG N    N N N 14  
ARG CA   C N S 15  
ARG C    C N N 16  
ARG O    O N N 17  
ARG CB   C N N 18  
ARG CG   C N N 19  
ARG CD   C N N 20  
ARG NE   N N N 21  
ARG CZ   C N N 22  
ARG NH1  N N N 23  
ARG NH2  N N N 24  
ARG OXT  O N N 25  
ARG H    H N N 26  
ARG H2   H N N 27  
ARG HA   H N N 28  
ARG HB2  H N N 29  
ARG HB3  H N N 30  
ARG HG2  H N N 31  
ARG HG3  H N N 32  
ARG HD2  H N N 33  
ARG HD3  H N N 34  
ARG HE   H N N 35  
ARG HH11 H N N 36  
ARG HH12 H N N 37  
ARG HH21 H N N 38  
ARG HH22 H N N 39  
ARG HXT  H N N 40  
ASN N    N N N 41  
ASN CA   C N S 42  
ASN C    C N N 43  
ASN O    O N N 44  
ASN CB   C N N 45  
ASN CG   C N N 46  
ASN OD1  O N N 47  
ASN ND2  N N N 48  
ASN OXT  O N N 49  
ASN H    H N N 50  
ASN H2   H N N 51  
ASN HA   H N N 52  
ASN HB2  H N N 53  
ASN HB3  H N N 54  
ASN HD21 H N N 55  
ASN HD22 H N N 56  
ASN HXT  H N N 57  
ASP N    N N N 58  
ASP CA   C N S 59  
ASP C    C N N 60  
ASP O    O N N 61  
ASP CB   C N N 62  
ASP CG   C N N 63  
ASP OD1  O N N 64  
ASP OD2  O N N 65  
ASP OXT  O N N 66  
ASP H    H N N 67  
ASP H2   H N N 68  
ASP HA   H N N 69  
ASP HB2  H N N 70  
ASP HB3  H N N 71  
ASP HD2  H N N 72  
ASP HXT  H N N 73  
CYS N    N N N 74  
CYS CA   C N R 75  
CYS C    C N N 76  
CYS O    O N N 77  
CYS CB   C N N 78  
CYS SG   S N N 79  
CYS OXT  O N N 80  
CYS H    H N N 81  
CYS H2   H N N 82  
CYS HA   H N N 83  
CYS HB2  H N N 84  
CYS HB3  H N N 85  
CYS HG   H N N 86  
CYS HXT  H N N 87  
GLN N    N N N 88  
GLN CA   C N S 89  
GLN C    C N N 90  
GLN O    O N N 91  
GLN CB   C N N 92  
GLN CG   C N N 93  
GLN CD   C N N 94  
GLN OE1  O N N 95  
GLN NE2  N N N 96  
GLN OXT  O N N 97  
GLN H    H N N 98  
GLN H2   H N N 99  
GLN HA   H N N 100 
GLN HB2  H N N 101 
GLN HB3  H N N 102 
GLN HG2  H N N 103 
GLN HG3  H N N 104 
GLN HE21 H N N 105 
GLN HE22 H N N 106 
GLN HXT  H N N 107 
GLU N    N N N 108 
GLU CA   C N S 109 
GLU C    C N N 110 
GLU O    O N N 111 
GLU CB   C N N 112 
GLU CG   C N N 113 
GLU CD   C N N 114 
GLU OE1  O N N 115 
GLU OE2  O N N 116 
GLU OXT  O N N 117 
GLU H    H N N 118 
GLU H2   H N N 119 
GLU HA   H N N 120 
GLU HB2  H N N 121 
GLU HB3  H N N 122 
GLU HG2  H N N 123 
GLU HG3  H N N 124 
GLU HE2  H N N 125 
GLU HXT  H N N 126 
GLY N    N N N 127 
GLY CA   C N N 128 
GLY C    C N N 129 
GLY O    O N N 130 
GLY OXT  O N N 131 
GLY H    H N N 132 
GLY H2   H N N 133 
GLY HA2  H N N 134 
GLY HA3  H N N 135 
GLY HXT  H N N 136 
HIS N    N N N 137 
HIS CA   C N S 138 
HIS C    C N N 139 
HIS O    O N N 140 
HIS CB   C N N 141 
HIS CG   C Y N 142 
HIS ND1  N Y N 143 
HIS CD2  C Y N 144 
HIS CE1  C Y N 145 
HIS NE2  N Y N 146 
HIS OXT  O N N 147 
HIS H    H N N 148 
HIS H2   H N N 149 
HIS HA   H N N 150 
HIS HB2  H N N 151 
HIS HB3  H N N 152 
HIS HD1  H N N 153 
HIS HD2  H N N 154 
HIS HE1  H N N 155 
HIS HE2  H N N 156 
HIS HXT  H N N 157 
ILE N    N N N 158 
ILE CA   C N S 159 
ILE C    C N N 160 
ILE O    O N N 161 
ILE CB   C N S 162 
ILE CG1  C N N 163 
ILE CG2  C N N 164 
ILE CD1  C N N 165 
ILE OXT  O N N 166 
ILE H    H N N 167 
ILE H2   H N N 168 
ILE HA   H N N 169 
ILE HB   H N N 170 
ILE HG12 H N N 171 
ILE HG13 H N N 172 
ILE HG21 H N N 173 
ILE HG22 H N N 174 
ILE HG23 H N N 175 
ILE HD11 H N N 176 
ILE HD12 H N N 177 
ILE HD13 H N N 178 
ILE HXT  H N N 179 
LEU N    N N N 180 
LEU CA   C N S 181 
LEU C    C N N 182 
LEU O    O N N 183 
LEU CB   C N N 184 
LEU CG   C N N 185 
LEU CD1  C N N 186 
LEU CD2  C N N 187 
LEU OXT  O N N 188 
LEU H    H N N 189 
LEU H2   H N N 190 
LEU HA   H N N 191 
LEU HB2  H N N 192 
LEU HB3  H N N 193 
LEU HG   H N N 194 
LEU HD11 H N N 195 
LEU HD12 H N N 196 
LEU HD13 H N N 197 
LEU HD21 H N N 198 
LEU HD22 H N N 199 
LEU HD23 H N N 200 
LEU HXT  H N N 201 
LYS N    N N N 202 
LYS CA   C N S 203 
LYS C    C N N 204 
LYS O    O N N 205 
LYS CB   C N N 206 
LYS CG   C N N 207 
LYS CD   C N N 208 
LYS CE   C N N 209 
LYS NZ   N N N 210 
LYS OXT  O N N 211 
LYS H    H N N 212 
LYS H2   H N N 213 
LYS HA   H N N 214 
LYS HB2  H N N 215 
LYS HB3  H N N 216 
LYS HG2  H N N 217 
LYS HG3  H N N 218 
LYS HD2  H N N 219 
LYS HD3  H N N 220 
LYS HE2  H N N 221 
LYS HE3  H N N 222 
LYS HZ1  H N N 223 
LYS HZ2  H N N 224 
LYS HZ3  H N N 225 
LYS HXT  H N N 226 
MET N    N N N 227 
MET CA   C N S 228 
MET C    C N N 229 
MET O    O N N 230 
MET CB   C N N 231 
MET CG   C N N 232 
MET SD   S N N 233 
MET CE   C N N 234 
MET OXT  O N N 235 
MET H    H N N 236 
MET H2   H N N 237 
MET HA   H N N 238 
MET HB2  H N N 239 
MET HB3  H N N 240 
MET HG2  H N N 241 
MET HG3  H N N 242 
MET HE1  H N N 243 
MET HE2  H N N 244 
MET HE3  H N N 245 
MET HXT  H N N 246 
PHE N    N N N 247 
PHE CA   C N S 248 
PHE C    C N N 249 
PHE O    O N N 250 
PHE CB   C N N 251 
PHE CG   C Y N 252 
PHE CD1  C Y N 253 
PHE CD2  C Y N 254 
PHE CE1  C Y N 255 
PHE CE2  C Y N 256 
PHE CZ   C Y N 257 
PHE OXT  O N N 258 
PHE H    H N N 259 
PHE H2   H N N 260 
PHE HA   H N N 261 
PHE HB2  H N N 262 
PHE HB3  H N N 263 
PHE HD1  H N N 264 
PHE HD2  H N N 265 
PHE HE1  H N N 266 
PHE HE2  H N N 267 
PHE HZ   H N N 268 
PHE HXT  H N N 269 
PRO N    N N N 270 
PRO CA   C N S 271 
PRO C    C N N 272 
PRO O    O N N 273 
PRO CB   C N N 274 
PRO CG   C N N 275 
PRO CD   C N N 276 
PRO OXT  O N N 277 
PRO H    H N N 278 
PRO HA   H N N 279 
PRO HB2  H N N 280 
PRO HB3  H N N 281 
PRO HG2  H N N 282 
PRO HG3  H N N 283 
PRO HD2  H N N 284 
PRO HD3  H N N 285 
PRO HXT  H N N 286 
SER N    N N N 287 
SER CA   C N S 288 
SER C    C N N 289 
SER O    O N N 290 
SER CB   C N N 291 
SER OG   O N N 292 
SER OXT  O N N 293 
SER H    H N N 294 
SER H2   H N N 295 
SER HA   H N N 296 
SER HB2  H N N 297 
SER HB3  H N N 298 
SER HG   H N N 299 
SER HXT  H N N 300 
THR N    N N N 301 
THR CA   C N S 302 
THR C    C N N 303 
THR O    O N N 304 
THR CB   C N R 305 
THR OG1  O N N 306 
THR CG2  C N N 307 
THR OXT  O N N 308 
THR H    H N N 309 
THR H2   H N N 310 
THR HA   H N N 311 
THR HB   H N N 312 
THR HG1  H N N 313 
THR HG21 H N N 314 
THR HG22 H N N 315 
THR HG23 H N N 316 
THR HXT  H N N 317 
TRP N    N N N 318 
TRP CA   C N S 319 
TRP C    C N N 320 
TRP O    O N N 321 
TRP CB   C N N 322 
TRP CG   C Y N 323 
TRP CD1  C Y N 324 
TRP CD2  C Y N 325 
TRP NE1  N Y N 326 
TRP CE2  C Y N 327 
TRP CE3  C Y N 328 
TRP CZ2  C Y N 329 
TRP CZ3  C Y N 330 
TRP CH2  C Y N 331 
TRP OXT  O N N 332 
TRP H    H N N 333 
TRP H2   H N N 334 
TRP HA   H N N 335 
TRP HB2  H N N 336 
TRP HB3  H N N 337 
TRP HD1  H N N 338 
TRP HE1  H N N 339 
TRP HE3  H N N 340 
TRP HZ2  H N N 341 
TRP HZ3  H N N 342 
TRP HH2  H N N 343 
TRP HXT  H N N 344 
TYR N    N N N 345 
TYR CA   C N S 346 
TYR C    C N N 347 
TYR O    O N N 348 
TYR CB   C N N 349 
TYR CG   C Y N 350 
TYR CD1  C Y N 351 
TYR CD2  C Y N 352 
TYR CE1  C Y N 353 
TYR CE2  C Y N 354 
TYR CZ   C Y N 355 
TYR OH   O N N 356 
TYR OXT  O N N 357 
TYR H    H N N 358 
TYR H2   H N N 359 
TYR HA   H N N 360 
TYR HB2  H N N 361 
TYR HB3  H N N 362 
TYR HD1  H N N 363 
TYR HD2  H N N 364 
TYR HE1  H N N 365 
TYR HE2  H N N 366 
TYR HH   H N N 367 
TYR HXT  H N N 368 
VAL N    N N N 369 
VAL CA   C N S 370 
VAL C    C N N 371 
VAL O    O N N 372 
VAL CB   C N N 373 
VAL CG1  C N N 374 
VAL CG2  C N N 375 
VAL OXT  O N N 376 
VAL H    H N N 377 
VAL H2   H N N 378 
VAL HA   H N N 379 
VAL HB   H N N 380 
VAL HG11 H N N 381 
VAL HG12 H N N 382 
VAL HG13 H N N 383 
VAL HG21 H N N 384 
VAL HG22 H N N 385 
VAL HG23 H N N 386 
VAL HXT  H N N 387 
# 
loop_
_chem_comp_bond.comp_id 
_chem_comp_bond.atom_id_1 
_chem_comp_bond.atom_id_2 
_chem_comp_bond.value_order 
_chem_comp_bond.pdbx_aromatic_flag 
_chem_comp_bond.pdbx_stereo_config 
_chem_comp_bond.pdbx_ordinal 
ALA N   CA   sing N N 1   
ALA N   H    sing N N 2   
ALA N   H2   sing N N 3   
ALA CA  C    sing N N 4   
ALA CA  CB   sing N N 5   
ALA CA  HA   sing N N 6   
ALA C   O    doub N N 7   
ALA C   OXT  sing N N 8   
ALA CB  HB1  sing N N 9   
ALA CB  HB2  sing N N 10  
ALA CB  HB3  sing N N 11  
ALA OXT HXT  sing N N 12  
ARG N   CA   sing N N 13  
ARG N   H    sing N N 14  
ARG N   H2   sing N N 15  
ARG CA  C    sing N N 16  
ARG CA  CB   sing N N 17  
ARG CA  HA   sing N N 18  
ARG C   O    doub N N 19  
ARG C   OXT  sing N N 20  
ARG CB  CG   sing N N 21  
ARG CB  HB2  sing N N 22  
ARG CB  HB3  sing N N 23  
ARG CG  CD   sing N N 24  
ARG CG  HG2  sing N N 25  
ARG CG  HG3  sing N N 26  
ARG CD  NE   sing N N 27  
ARG CD  HD2  sing N N 28  
ARG CD  HD3  sing N N 29  
ARG NE  CZ   sing N N 30  
ARG NE  HE   sing N N 31  
ARG CZ  NH1  sing N N 32  
ARG CZ  NH2  doub N N 33  
ARG NH1 HH11 sing N N 34  
ARG NH1 HH12 sing N N 35  
ARG NH2 HH21 sing N N 36  
ARG NH2 HH22 sing N N 37  
ARG OXT HXT  sing N N 38  
ASN N   CA   sing N N 39  
ASN N   H    sing N N 40  
ASN N   H2   sing N N 41  
ASN CA  C    sing N N 42  
ASN CA  CB   sing N N 43  
ASN CA  HA   sing N N 44  
ASN C   O    doub N N 45  
ASN C   OXT  sing N N 46  
ASN CB  CG   sing N N 47  
ASN CB  HB2  sing N N 48  
ASN CB  HB3  sing N N 49  
ASN CG  OD1  doub N N 50  
ASN CG  ND2  sing N N 51  
ASN ND2 HD21 sing N N 52  
ASN ND2 HD22 sing N N 53  
ASN OXT HXT  sing N N 54  
ASP N   CA   sing N N 55  
ASP N   H    sing N N 56  
ASP N   H2   sing N N 57  
ASP CA  C    sing N N 58  
ASP CA  CB   sing N N 59  
ASP CA  HA   sing N N 60  
ASP C   O    doub N N 61  
ASP C   OXT  sing N N 62  
ASP CB  CG   sing N N 63  
ASP CB  HB2  sing N N 64  
ASP CB  HB3  sing N N 65  
ASP CG  OD1  doub N N 66  
ASP CG  OD2  sing N N 67  
ASP OD2 HD2  sing N N 68  
ASP OXT HXT  sing N N 69  
CYS N   CA   sing N N 70  
CYS N   H    sing N N 71  
CYS N   H2   sing N N 72  
CYS CA  C    sing N N 73  
CYS CA  CB   sing N N 74  
CYS CA  HA   sing N N 75  
CYS C   O    doub N N 76  
CYS C   OXT  sing N N 77  
CYS CB  SG   sing N N 78  
CYS CB  HB2  sing N N 79  
CYS CB  HB3  sing N N 80  
CYS SG  HG   sing N N 81  
CYS OXT HXT  sing N N 82  
GLN N   CA   sing N N 83  
GLN N   H    sing N N 84  
GLN N   H2   sing N N 85  
GLN CA  C    sing N N 86  
GLN CA  CB   sing N N 87  
GLN CA  HA   sing N N 88  
GLN C   O    doub N N 89  
GLN C   OXT  sing N N 90  
GLN CB  CG   sing N N 91  
GLN CB  HB2  sing N N 92  
GLN CB  HB3  sing N N 93  
GLN CG  CD   sing N N 94  
GLN CG  HG2  sing N N 95  
GLN CG  HG3  sing N N 96  
GLN CD  OE1  doub N N 97  
GLN CD  NE2  sing N N 98  
GLN NE2 HE21 sing N N 99  
GLN NE2 HE22 sing N N 100 
GLN OXT HXT  sing N N 101 
GLU N   CA   sing N N 102 
GLU N   H    sing N N 103 
GLU N   H2   sing N N 104 
GLU CA  C    sing N N 105 
GLU CA  CB   sing N N 106 
GLU CA  HA   sing N N 107 
GLU C   O    doub N N 108 
GLU C   OXT  sing N N 109 
GLU CB  CG   sing N N 110 
GLU CB  HB2  sing N N 111 
GLU CB  HB3  sing N N 112 
GLU CG  CD   sing N N 113 
GLU CG  HG2  sing N N 114 
GLU CG  HG3  sing N N 115 
GLU CD  OE1  doub N N 116 
GLU CD  OE2  sing N N 117 
GLU OE2 HE2  sing N N 118 
GLU OXT HXT  sing N N 119 
GLY N   CA   sing N N 120 
GLY N   H    sing N N 121 
GLY N   H2   sing N N 122 
GLY CA  C    sing N N 123 
GLY CA  HA2  sing N N 124 
GLY CA  HA3  sing N N 125 
GLY C   O    doub N N 126 
GLY C   OXT  sing N N 127 
GLY OXT HXT  sing N N 128 
HIS N   CA   sing N N 129 
HIS N   H    sing N N 130 
HIS N   H2   sing N N 131 
HIS CA  C    sing N N 132 
HIS CA  CB   sing N N 133 
HIS CA  HA   sing N N 134 
HIS C   O    doub N N 135 
HIS C   OXT  sing N N 136 
HIS CB  CG   sing N N 137 
HIS CB  HB2  sing N N 138 
HIS CB  HB3  sing N N 139 
HIS CG  ND1  sing Y N 140 
HIS CG  CD2  doub Y N 141 
HIS ND1 CE1  doub Y N 142 
HIS ND1 HD1  sing N N 143 
HIS CD2 NE2  sing Y N 144 
HIS CD2 HD2  sing N N 145 
HIS CE1 NE2  sing Y N 146 
HIS CE1 HE1  sing N N 147 
HIS NE2 HE2  sing N N 148 
HIS OXT HXT  sing N N 149 
ILE N   CA   sing N N 150 
ILE N   H    sing N N 151 
ILE N   H2   sing N N 152 
ILE CA  C    sing N N 153 
ILE CA  CB   sing N N 154 
ILE CA  HA   sing N N 155 
ILE C   O    doub N N 156 
ILE C   OXT  sing N N 157 
ILE CB  CG1  sing N N 158 
ILE CB  CG2  sing N N 159 
ILE CB  HB   sing N N 160 
ILE CG1 CD1  sing N N 161 
ILE CG1 HG12 sing N N 162 
ILE CG1 HG13 sing N N 163 
ILE CG2 HG21 sing N N 164 
ILE CG2 HG22 sing N N 165 
ILE CG2 HG23 sing N N 166 
ILE CD1 HD11 sing N N 167 
ILE CD1 HD12 sing N N 168 
ILE CD1 HD13 sing N N 169 
ILE OXT HXT  sing N N 170 
LEU N   CA   sing N N 171 
LEU N   H    sing N N 172 
LEU N   H2   sing N N 173 
LEU CA  C    sing N N 174 
LEU CA  CB   sing N N 175 
LEU CA  HA   sing N N 176 
LEU C   O    doub N N 177 
LEU C   OXT  sing N N 178 
LEU CB  CG   sing N N 179 
LEU CB  HB2  sing N N 180 
LEU CB  HB3  sing N N 181 
LEU CG  CD1  sing N N 182 
LEU CG  CD2  sing N N 183 
LEU CG  HG   sing N N 184 
LEU CD1 HD11 sing N N 185 
LEU CD1 HD12 sing N N 186 
LEU CD1 HD13 sing N N 187 
LEU CD2 HD21 sing N N 188 
LEU CD2 HD22 sing N N 189 
LEU CD2 HD23 sing N N 190 
LEU OXT HXT  sing N N 191 
LYS N   CA   sing N N 192 
LYS N   H    sing N N 193 
LYS N   H2   sing N N 194 
LYS CA  C    sing N N 195 
LYS CA  CB   sing N N 196 
LYS CA  HA   sing N N 197 
LYS C   O    doub N N 198 
LYS C   OXT  sing N N 199 
LYS CB  CG   sing N N 200 
LYS CB  HB2  sing N N 201 
LYS CB  HB3  sing N N 202 
LYS CG  CD   sing N N 203 
LYS CG  HG2  sing N N 204 
LYS CG  HG3  sing N N 205 
LYS CD  CE   sing N N 206 
LYS CD  HD2  sing N N 207 
LYS CD  HD3  sing N N 208 
LYS CE  NZ   sing N N 209 
LYS CE  HE2  sing N N 210 
LYS CE  HE3  sing N N 211 
LYS NZ  HZ1  sing N N 212 
LYS NZ  HZ2  sing N N 213 
LYS NZ  HZ3  sing N N 214 
LYS OXT HXT  sing N N 215 
MET N   CA   sing N N 216 
MET N   H    sing N N 217 
MET N   H2   sing N N 218 
MET CA  C    sing N N 219 
MET CA  CB   sing N N 220 
MET CA  HA   sing N N 221 
MET C   O    doub N N 222 
MET C   OXT  sing N N 223 
MET CB  CG   sing N N 224 
MET CB  HB2  sing N N 225 
MET CB  HB3  sing N N 226 
MET CG  SD   sing N N 227 
MET CG  HG2  sing N N 228 
MET CG  HG3  sing N N 229 
MET SD  CE   sing N N 230 
MET CE  HE1  sing N N 231 
MET CE  HE2  sing N N 232 
MET CE  HE3  sing N N 233 
MET OXT HXT  sing N N 234 
PHE N   CA   sing N N 235 
PHE N   H    sing N N 236 
PHE N   H2   sing N N 237 
PHE CA  C    sing N N 238 
PHE CA  CB   sing N N 239 
PHE CA  HA   sing N N 240 
PHE C   O    doub N N 241 
PHE C   OXT  sing N N 242 
PHE CB  CG   sing N N 243 
PHE CB  HB2  sing N N 244 
PHE CB  HB3  sing N N 245 
PHE CG  CD1  doub Y N 246 
PHE CG  CD2  sing Y N 247 
PHE CD1 CE1  sing Y N 248 
PHE CD1 HD1  sing N N 249 
PHE CD2 CE2  doub Y N 250 
PHE CD2 HD2  sing N N 251 
PHE CE1 CZ   doub Y N 252 
PHE CE1 HE1  sing N N 253 
PHE CE2 CZ   sing Y N 254 
PHE CE2 HE2  sing N N 255 
PHE CZ  HZ   sing N N 256 
PHE OXT HXT  sing N N 257 
PRO N   CA   sing N N 258 
PRO N   CD   sing N N 259 
PRO N   H    sing N N 260 
PRO CA  C    sing N N 261 
PRO CA  CB   sing N N 262 
PRO CA  HA   sing N N 263 
PRO C   O    doub N N 264 
PRO C   OXT  sing N N 265 
PRO CB  CG   sing N N 266 
PRO CB  HB2  sing N N 267 
PRO CB  HB3  sing N N 268 
PRO CG  CD   sing N N 269 
PRO CG  HG2  sing N N 270 
PRO CG  HG3  sing N N 271 
PRO CD  HD2  sing N N 272 
PRO CD  HD3  sing N N 273 
PRO OXT HXT  sing N N 274 
SER N   CA   sing N N 275 
SER N   H    sing N N 276 
SER N   H2   sing N N 277 
SER CA  C    sing N N 278 
SER CA  CB   sing N N 279 
SER CA  HA   sing N N 280 
SER C   O    doub N N 281 
SER C   OXT  sing N N 282 
SER CB  OG   sing N N 283 
SER CB  HB2  sing N N 284 
SER CB  HB3  sing N N 285 
SER OG  HG   sing N N 286 
SER OXT HXT  sing N N 287 
THR N   CA   sing N N 288 
THR N   H    sing N N 289 
THR N   H2   sing N N 290 
THR CA  C    sing N N 291 
THR CA  CB   sing N N 292 
THR CA  HA   sing N N 293 
THR C   O    doub N N 294 
THR C   OXT  sing N N 295 
THR CB  OG1  sing N N 296 
THR CB  CG2  sing N N 297 
THR CB  HB   sing N N 298 
THR OG1 HG1  sing N N 299 
THR CG2 HG21 sing N N 300 
THR CG2 HG22 sing N N 301 
THR CG2 HG23 sing N N 302 
THR OXT HXT  sing N N 303 
TRP N   CA   sing N N 304 
TRP N   H    sing N N 305 
TRP N   H2   sing N N 306 
TRP CA  C    sing N N 307 
TRP CA  CB   sing N N 308 
TRP CA  HA   sing N N 309 
TRP C   O    doub N N 310 
TRP C   OXT  sing N N 311 
TRP CB  CG   sing N N 312 
TRP CB  HB2  sing N N 313 
TRP CB  HB3  sing N N 314 
TRP CG  CD1  doub Y N 315 
TRP CG  CD2  sing Y N 316 
TRP CD1 NE1  sing Y N 317 
TRP CD1 HD1  sing N N 318 
TRP CD2 CE2  doub Y N 319 
TRP CD2 CE3  sing Y N 320 
TRP NE1 CE2  sing Y N 321 
TRP NE1 HE1  sing N N 322 
TRP CE2 CZ2  sing Y N 323 
TRP CE3 CZ3  doub Y N 324 
TRP CE3 HE3  sing N N 325 
TRP CZ2 CH2  doub Y N 326 
TRP CZ2 HZ2  sing N N 327 
TRP CZ3 CH2  sing Y N 328 
TRP CZ3 HZ3  sing N N 329 
TRP CH2 HH2  sing N N 330 
TRP OXT HXT  sing N N 331 
TYR N   CA   sing N N 332 
TYR N   H    sing N N 333 
TYR N   H2   sing N N 334 
TYR CA  C    sing N N 335 
TYR CA  CB   sing N N 336 
TYR CA  HA   sing N N 337 
TYR C   O    doub N N 338 
TYR C   OXT  sing N N 339 
TYR CB  CG   sing N N 340 
TYR CB  HB2  sing N N 341 
TYR CB  HB3  sing N N 342 
TYR CG  CD1  doub Y N 343 
TYR CG  CD2  sing Y N 344 
TYR CD1 CE1  sing Y N 345 
TYR CD1 HD1  sing N N 346 
TYR CD2 CE2  doub Y N 347 
TYR CD2 HD2  sing N N 348 
TYR CE1 CZ   doub Y N 349 
TYR CE1 HE1  sing N N 350 
TYR CE2 CZ   sing Y N 351 
TYR CE2 HE2  sing N N 352 
TYR CZ  OH   sing N N 353 
TYR OH  HH   sing N N 354 
TYR OXT HXT  sing N N 355 
VAL N   CA   sing N N 356 
VAL N   H    sing N N 357 
VAL N   H2   sing N N 358 
VAL CA  C    sing N N 359 
VAL CA  CB   sing N N 360 
VAL CA  HA   sing N N 361 
VAL C   O    doub N N 362 
VAL C   OXT  sing N N 363 
VAL CB  CG1  sing N N 364 
VAL CB  CG2  sing N N 365 
VAL CB  HB   sing N N 366 
VAL CG1 HG11 sing N N 367 
VAL CG1 HG12 sing N N 368 
VAL CG1 HG13 sing N N 369 
VAL CG2 HG21 sing N N 370 
VAL CG2 HG22 sing N N 371 
VAL CG2 HG23 sing N N 372 
VAL OXT HXT  sing N N 373 
# 
loop_
_pdbx_coordinate_model.asym_id 
_pdbx_coordinate_model.type 
A 'CA ATOMS ONLY' 
B 'CA ATOMS ONLY' 
# 
